data_9EPS
# 
_entry.id   9EPS 
# 
_audit_conform.dict_name       mmcif_pdbx.dic 
_audit_conform.dict_version    5.402 
_audit_conform.dict_location   http://mmcif.pdb.org/dictionaries/ascii/mmcif_pdbx.dic 
# 
loop_
_database_2.database_id 
_database_2.database_code 
_database_2.pdbx_database_accession 
_database_2.pdbx_DOI 
PDB   9EPS         pdb_00009eps 10.2210/pdb9eps/pdb 
WWPDB D_1292137386 ?            ?                   
BMRB  34911        ?            10.13018/BMR34911   
# 
_pdbx_audit_revision_history.ordinal             1 
_pdbx_audit_revision_history.data_content_type   'Structure model' 
_pdbx_audit_revision_history.major_revision      1 
_pdbx_audit_revision_history.minor_revision      0 
_pdbx_audit_revision_history.revision_date       2025-02-26 
_pdbx_audit_revision_history.part_number         ? 
# 
_pdbx_audit_revision_details.ordinal             1 
_pdbx_audit_revision_details.revision_ordinal    1 
_pdbx_audit_revision_details.data_content_type   'Structure model' 
_pdbx_audit_revision_details.provider            repository 
_pdbx_audit_revision_details.type                'Initial release' 
_pdbx_audit_revision_details.description         ? 
_pdbx_audit_revision_details.details             ? 
# 
_pdbx_database_status.status_code                     REL 
_pdbx_database_status.status_code_sf                  ? 
_pdbx_database_status.status_code_mr                  . 
_pdbx_database_status.entry_id                        9EPS 
_pdbx_database_status.recvd_initial_deposition_date   2024-03-19 
_pdbx_database_status.SG_entry                        N 
_pdbx_database_status.deposit_site                    PDBE 
_pdbx_database_status.process_site                    PDBE 
_pdbx_database_status.status_code_cs                  . 
_pdbx_database_status.status_code_nmr_data            REL 
_pdbx_database_status.methods_development_category    ? 
_pdbx_database_status.pdb_format_compatible           Y 
# 
_pdbx_database_related.db_name        BMRB 
_pdbx_database_related.details        'NMR structure of MDN-0066 in micellar DPC solution' 
_pdbx_database_related.db_id          34911 
_pdbx_database_related.content_type   unspecified 
# 
_pdbx_contact_author.id                 2 
_pdbx_contact_author.email              jose.martins@ugent.be 
_pdbx_contact_author.name_first         Jose 
_pdbx_contact_author.name_last          Martins 
_pdbx_contact_author.name_mi            C. 
_pdbx_contact_author.role               'principal investigator/group leader' 
_pdbx_contact_author.identifier_ORCID   0000-0001-7350-2253 
# 
loop_
_audit_author.name 
_audit_author.pdbx_ordinal 
_audit_author.identifier_ORCID 
'Kovacs, B.'    1 0000-0003-2715-5793 
'Geudens, N.'   2 0000-0003-0459-7142 
'Martins, J.C.' 3 0000-0001-7350-2253 
# 
_citation.abstract                  ? 
_citation.abstract_id_CAS           ? 
_citation.book_id_ISBN              ? 
_citation.book_publisher            ? 
_citation.book_publisher_city       ? 
_citation.book_title                ? 
_citation.coordinate_linkage        ? 
_citation.country                   ? 
_citation.database_id_Medline       ? 
_citation.details                   ? 
_citation.id                        primary 
_citation.journal_abbrev            'To be published' 
_citation.journal_id_ASTM           ? 
_citation.journal_id_CSD            0353 
_citation.journal_id_ISSN           ? 
_citation.journal_full              ? 
_citation.journal_issue             ? 
_citation.journal_volume            ? 
_citation.language                  ? 
_citation.page_first                ? 
_citation.page_last                 ? 
_citation.title                     'NMR structure of MDN-0066 in micellar DPC solution' 
_citation.year                      ? 
_citation.database_id_CSD           ? 
_citation.pdbx_database_id_DOI      ? 
_citation.pdbx_database_id_PubMed   ? 
_citation.pdbx_database_id_patent   ? 
_citation.unpublished_flag          ? 
# 
loop_
_citation_author.citation_id 
_citation_author.name 
_citation_author.ordinal 
_citation_author.identifier_ORCID 
primary 'Kovacs, B.'    1 0000-0003-2715-5793 
primary 'Geudens, N.'   2 0000-0003-0459-7142 
primary 'Martins, J.C.' 3 0000-0001-7350-2253 
# 
loop_
_entity.id 
_entity.type 
_entity.src_method 
_entity.pdbx_description 
_entity.formula_weight 
_entity.pdbx_number_of_molecules 
_entity.pdbx_ec 
_entity.pdbx_mutation 
_entity.pdbx_fragment 
_entity.details 
1 polymer     nat MDN-0066                          901.100 1 ? ? ? 
;1) The polypeptide chain of MDN-0066 consists of 8amino acids. 2) The N-terminal amino acid (DLE) is acylated with an (R)-3-hydroxy-decanoic acid (IG8) moeity which is indicated as the first residue. 3) The depsi (ester) bond is established between the ILE9 carboxyl and 2TL4 side-chain OH group.
;
2 non-polymer syn '(3~{R})-3-oxidanyldecanoic acid' 188.264 1 ? ? ? ? 
# 
_entity_poly.entity_id                      1 
_entity_poly.type                           'polypeptide(D)' 
_entity_poly.nstd_linkage                   no 
_entity_poly.nstd_monomer                   yes 
_entity_poly.pdbx_seq_one_letter_code       '(DLE)(DGL)(2TL)L(DLE)(DSN)LI' 
_entity_poly.pdbx_seq_one_letter_code_can   LETLLSLI 
_entity_poly.pdbx_strand_id                 A 
_entity_poly.pdbx_target_identifier         ? 
# 
_pdbx_entity_nonpoly.entity_id   2 
_pdbx_entity_nonpoly.name        '(3~{R})-3-oxidanyldecanoic acid' 
_pdbx_entity_nonpoly.comp_id     IG8 
# 
loop_
_entity_poly_seq.entity_id 
_entity_poly_seq.num 
_entity_poly_seq.mon_id 
_entity_poly_seq.hetero 
1 1 DLE n 
1 2 DGL n 
1 3 2TL n 
1 4 LEU n 
1 5 DLE n 
1 6 DSN n 
1 7 LEU n 
1 8 ILE n 
# 
_entity_src_nat.entity_id                  1 
_entity_src_nat.pdbx_src_id                1 
_entity_src_nat.pdbx_alt_source_flag       sample 
_entity_src_nat.pdbx_beg_seq_num           1 
_entity_src_nat.pdbx_end_seq_num           8 
_entity_src_nat.common_name                ? 
_entity_src_nat.pdbx_organism_scientific   'Pseudomonas azadiae' 
_entity_src_nat.pdbx_ncbi_taxonomy_id      2843612 
_entity_src_nat.genus                      ? 
_entity_src_nat.species                    ? 
_entity_src_nat.strain                     SWRI103 
_entity_src_nat.tissue                     ? 
_entity_src_nat.tissue_fraction            ? 
_entity_src_nat.pdbx_secretion             ? 
_entity_src_nat.pdbx_fragment              ? 
_entity_src_nat.pdbx_variant               ? 
_entity_src_nat.pdbx_cell_line             ? 
_entity_src_nat.pdbx_atcc                  ? 
_entity_src_nat.pdbx_cellular_location     ? 
_entity_src_nat.pdbx_organ                 ? 
_entity_src_nat.pdbx_organelle             ? 
_entity_src_nat.pdbx_cell                  ? 
_entity_src_nat.pdbx_plasmid_name          ? 
_entity_src_nat.pdbx_plasmid_details       ? 
_entity_src_nat.details                    ? 
# 
loop_
_chem_comp.id 
_chem_comp.type 
_chem_comp.mon_nstd_flag 
_chem_comp.name 
_chem_comp.pdbx_synonyms 
_chem_comp.formula 
_chem_comp.formula_weight 
2TL 'D-peptide linking' . D-allothreonine                   ? 'C4 H9 N O3'  119.119 
DGL 'D-peptide linking' . 'D-GLUTAMIC ACID'                 ? 'C5 H9 N O4'  147.129 
DLE 'D-peptide linking' . D-LEUCINE                         ? 'C6 H13 N O2' 131.173 
DSN 'D-peptide linking' . D-SERINE                          ? 'C3 H7 N O3'  105.093 
IG8 non-polymer         . '(3~{R})-3-oxidanyldecanoic acid' ? 'C10 H20 O3'  188.264 
ILE 'L-peptide linking' y ISOLEUCINE                        ? 'C6 H13 N O2' 131.173 
LEU 'L-peptide linking' y LEUCINE                           ? 'C6 H13 N O2' 131.173 
# 
loop_
_pdbx_poly_seq_scheme.asym_id 
_pdbx_poly_seq_scheme.entity_id 
_pdbx_poly_seq_scheme.seq_id 
_pdbx_poly_seq_scheme.mon_id 
_pdbx_poly_seq_scheme.ndb_seq_num 
_pdbx_poly_seq_scheme.pdb_seq_num 
_pdbx_poly_seq_scheme.auth_seq_num 
_pdbx_poly_seq_scheme.pdb_mon_id 
_pdbx_poly_seq_scheme.auth_mon_id 
_pdbx_poly_seq_scheme.pdb_strand_id 
_pdbx_poly_seq_scheme.pdb_ins_code 
_pdbx_poly_seq_scheme.hetero 
A 1 1 DLE 1 2 2 DLE DLE A . n 
A 1 2 DGL 2 3 3 DGL DGL A . n 
A 1 3 2TL 3 4 4 2TL 2TL A . n 
A 1 4 LEU 4 5 5 LEU LEU A . n 
A 1 5 DLE 5 6 6 DLE DLE A . n 
A 1 6 DSN 6 7 7 DSN DSN A . n 
A 1 7 LEU 7 8 8 LEU LEU A . n 
A 1 8 ILE 8 9 9 ILE ILE A . n 
# 
_pdbx_nonpoly_scheme.asym_id         B 
_pdbx_nonpoly_scheme.entity_id       2 
_pdbx_nonpoly_scheme.mon_id          IG8 
_pdbx_nonpoly_scheme.ndb_seq_num     1 
_pdbx_nonpoly_scheme.pdb_seq_num     101 
_pdbx_nonpoly_scheme.auth_seq_num    1 
_pdbx_nonpoly_scheme.pdb_mon_id      IG8 
_pdbx_nonpoly_scheme.auth_mon_id     IG8 
_pdbx_nonpoly_scheme.pdb_strand_id   A 
_pdbx_nonpoly_scheme.pdb_ins_code    . 
# 
_exptl.absorpt_coefficient_mu     ? 
_exptl.absorpt_correction_T_max   ? 
_exptl.absorpt_correction_T_min   ? 
_exptl.absorpt_correction_type    ? 
_exptl.absorpt_process_details    ? 
_exptl.entry_id                   9EPS 
_exptl.crystals_number            ? 
_exptl.details                    ? 
_exptl.method                     'SOLUTION NMR' 
_exptl.method_details             ? 
# 
_struct.entry_id                     9EPS 
_struct.title                        'NMR structure of MDN-0066 in micellar DPC solution' 
_struct.pdbx_model_details           ? 
_struct.pdbx_formula_weight          ? 
_struct.pdbx_formula_weight_method   ? 
_struct.pdbx_model_type_details      ? 
_struct.pdbx_CASP_flag               N 
# 
_struct_keywords.entry_id        9EPS 
_struct_keywords.text            
'Non-ribosomal polypeptide, Cyclic lipodepsipeptide, Antimicrobial peptide, Biosurfactant, SURFACTANT PROTEIN' 
_struct_keywords.pdbx_keywords   'SURFACTANT PROTEIN' 
# 
loop_
_struct_asym.id 
_struct_asym.pdbx_blank_PDB_chainid_flag 
_struct_asym.pdbx_modified 
_struct_asym.entity_id 
_struct_asym.details 
A N N 1 ? 
B N N 2 ? 
# 
_struct_ref.id                         1 
_struct_ref.db_name                    PDB 
_struct_ref.db_code                    9EPS 
_struct_ref.pdbx_db_accession          9EPS 
_struct_ref.pdbx_db_isoform            ? 
_struct_ref.entity_id                  1 
_struct_ref.pdbx_seq_one_letter_code   ? 
_struct_ref.pdbx_align_begin           1 
# 
_struct_ref_seq.align_id                      1 
_struct_ref_seq.ref_id                        1 
_struct_ref_seq.pdbx_PDB_id_code              9EPS 
_struct_ref_seq.pdbx_strand_id                A 
_struct_ref_seq.seq_align_beg                 1 
_struct_ref_seq.pdbx_seq_align_beg_ins_code   ? 
_struct_ref_seq.seq_align_end                 8 
_struct_ref_seq.pdbx_seq_align_end_ins_code   ? 
_struct_ref_seq.pdbx_db_accession             9EPS 
_struct_ref_seq.db_align_beg                  2 
_struct_ref_seq.pdbx_db_align_beg_ins_code    ? 
_struct_ref_seq.db_align_end                  9 
_struct_ref_seq.pdbx_db_align_end_ins_code    ? 
_struct_ref_seq.pdbx_auth_seq_align_beg       2 
_struct_ref_seq.pdbx_auth_seq_align_end       9 
# 
_pdbx_struct_assembly.id                   1 
_pdbx_struct_assembly.details              author_and_software_defined_assembly 
_pdbx_struct_assembly.method_details       ? 
_pdbx_struct_assembly.oligomeric_details   monomeric 
_pdbx_struct_assembly.oligomeric_count     1 
# 
_pdbx_struct_assembly_gen.assembly_id       1 
_pdbx_struct_assembly_gen.oper_expression   1 
_pdbx_struct_assembly_gen.asym_id_list      A,B 
# 
_pdbx_struct_assembly_auth_evidence.id                     1 
_pdbx_struct_assembly_auth_evidence.assembly_id            1 
_pdbx_struct_assembly_auth_evidence.experimental_support   'NMR Distance Restraints' 
_pdbx_struct_assembly_auth_evidence.details                'not applicable' 
# 
_pdbx_struct_oper_list.id                   1 
_pdbx_struct_oper_list.type                 'identity operation' 
_pdbx_struct_oper_list.name                 1_555 
_pdbx_struct_oper_list.symmetry_operation   x,y,z 
_pdbx_struct_oper_list.matrix[1][1]         1.0 
_pdbx_struct_oper_list.matrix[1][2]         0.0 
_pdbx_struct_oper_list.matrix[1][3]         0.0 
_pdbx_struct_oper_list.vector[1]            0.0 
_pdbx_struct_oper_list.matrix[2][1]         0.0 
_pdbx_struct_oper_list.matrix[2][2]         1.0 
_pdbx_struct_oper_list.matrix[2][3]         0.0 
_pdbx_struct_oper_list.vector[2]            0.0 
_pdbx_struct_oper_list.matrix[3][1]         0.0 
_pdbx_struct_oper_list.matrix[3][2]         0.0 
_pdbx_struct_oper_list.matrix[3][3]         1.0 
_pdbx_struct_oper_list.vector[3]            0.0 
# 
_struct_conf.conf_type_id            HELX_P 
_struct_conf.id                      HELX_P1 
_struct_conf.pdbx_PDB_helix_id       AA1 
_struct_conf.beg_label_comp_id       2TL 
_struct_conf.beg_label_asym_id       A 
_struct_conf.beg_label_seq_id        3 
_struct_conf.pdbx_beg_PDB_ins_code   ? 
_struct_conf.end_label_comp_id       LEU 
_struct_conf.end_label_asym_id       A 
_struct_conf.end_label_seq_id        7 
_struct_conf.pdbx_end_PDB_ins_code   ? 
_struct_conf.beg_auth_comp_id        2TL 
_struct_conf.beg_auth_asym_id        A 
_struct_conf.beg_auth_seq_id         4 
_struct_conf.end_auth_comp_id        LEU 
_struct_conf.end_auth_asym_id        A 
_struct_conf.end_auth_seq_id         8 
_struct_conf.pdbx_PDB_helix_class    5 
_struct_conf.details                 ? 
_struct_conf.pdbx_PDB_helix_length   5 
# 
_struct_conf_type.id          HELX_P 
_struct_conf_type.criteria    ? 
_struct_conf_type.reference   ? 
# 
loop_
_struct_conn.id 
_struct_conn.conn_type_id 
_struct_conn.pdbx_leaving_atom_flag 
_struct_conn.pdbx_PDB_id 
_struct_conn.ptnr1_label_asym_id 
_struct_conn.ptnr1_label_comp_id 
_struct_conn.ptnr1_label_seq_id 
_struct_conn.ptnr1_label_atom_id 
_struct_conn.pdbx_ptnr1_label_alt_id 
_struct_conn.pdbx_ptnr1_PDB_ins_code 
_struct_conn.pdbx_ptnr1_standard_comp_id 
_struct_conn.ptnr1_symmetry 
_struct_conn.ptnr2_label_asym_id 
_struct_conn.ptnr2_label_comp_id 
_struct_conn.ptnr2_label_seq_id 
_struct_conn.ptnr2_label_atom_id 
_struct_conn.pdbx_ptnr2_label_alt_id 
_struct_conn.pdbx_ptnr2_PDB_ins_code 
_struct_conn.ptnr1_auth_asym_id 
_struct_conn.ptnr1_auth_comp_id 
_struct_conn.ptnr1_auth_seq_id 
_struct_conn.ptnr2_auth_asym_id 
_struct_conn.ptnr2_auth_comp_id 
_struct_conn.ptnr2_auth_seq_id 
_struct_conn.ptnr2_symmetry 
_struct_conn.pdbx_ptnr3_label_atom_id 
_struct_conn.pdbx_ptnr3_label_seq_id 
_struct_conn.pdbx_ptnr3_label_comp_id 
_struct_conn.pdbx_ptnr3_label_asym_id 
_struct_conn.pdbx_ptnr3_label_alt_id 
_struct_conn.pdbx_ptnr3_PDB_ins_code 
_struct_conn.details 
_struct_conn.pdbx_dist_value 
_struct_conn.pdbx_value_order 
_struct_conn.pdbx_role 
covale1 covale both ? A DLE 1 C   ? ? ? 1_555 A DGL 2 N ? ? A DLE 2 A DGL 3   1_555 ? ? ? ? ? ? ? 1.314 ? ? 
covale2 covale both ? A DLE 1 N   ? ? ? 1_555 B IG8 . C ? ? A DLE 2 A IG8 101 1_555 ? ? ? ? ? ? ? 1.307 ? ? 
covale3 covale both ? A DGL 2 C   ? ? ? 1_555 A 2TL 3 N ? ? A DGL 3 A 2TL 4   1_555 ? ? ? ? ? ? ? 1.320 ? ? 
covale4 covale both ? A 2TL 3 C   ? ? ? 1_555 A LEU 4 N ? ? A 2TL 4 A LEU 5   1_555 ? ? ? ? ? ? ? 1.351 ? ? 
covale5 covale one  ? A 2TL 3 OG1 ? ? ? 1_555 A ILE 8 C ? ? A 2TL 4 A ILE 9   1_555 ? ? ? ? ? ? ? 1.331 ? ? 
covale6 covale both ? A LEU 4 C   ? ? ? 1_555 A DLE 5 N ? ? A LEU 5 A DLE 6   1_555 ? ? ? ? ? ? ? 1.325 ? ? 
covale7 covale both ? A DLE 5 C   ? ? ? 1_555 A DSN 6 N ? ? A DLE 6 A DSN 7   1_555 ? ? ? ? ? ? ? 1.350 ? ? 
covale8 covale both ? A DSN 6 C   ? ? ? 1_555 A LEU 7 N ? ? A DSN 7 A LEU 8   1_555 ? ? ? ? ? ? ? 1.411 ? ? 
# 
_struct_conn_type.id          covale 
_struct_conn_type.criteria    ? 
_struct_conn_type.reference   ? 
# 
loop_
_pdbx_modification_feature.ordinal 
_pdbx_modification_feature.label_comp_id 
_pdbx_modification_feature.label_asym_id 
_pdbx_modification_feature.label_seq_id 
_pdbx_modification_feature.label_alt_id 
_pdbx_modification_feature.modified_residue_label_comp_id 
_pdbx_modification_feature.modified_residue_label_asym_id 
_pdbx_modification_feature.modified_residue_label_seq_id 
_pdbx_modification_feature.modified_residue_label_alt_id 
_pdbx_modification_feature.auth_comp_id 
_pdbx_modification_feature.auth_asym_id 
_pdbx_modification_feature.auth_seq_id 
_pdbx_modification_feature.PDB_ins_code 
_pdbx_modification_feature.symmetry 
_pdbx_modification_feature.modified_residue_auth_comp_id 
_pdbx_modification_feature.modified_residue_auth_asym_id 
_pdbx_modification_feature.modified_residue_auth_seq_id 
_pdbx_modification_feature.modified_residue_PDB_ins_code 
_pdbx_modification_feature.modified_residue_symmetry 
_pdbx_modification_feature.comp_id_linking_atom 
_pdbx_modification_feature.modified_residue_id_linking_atom 
_pdbx_modification_feature.modified_residue_id 
_pdbx_modification_feature.ref_pcm_id 
_pdbx_modification_feature.ref_comp_id 
_pdbx_modification_feature.type 
_pdbx_modification_feature.category 
1 2TL A 3 ? .   . . . 2TL A 4   ? 1_555 .   . . . .     .   . DTH 1 2TL Stereoisomerisation 'Named protein modification' 
2 IG8 B . ? DLE A 1 ? IG8 A 101 ? 1_555 DLE A 2 ? 1_555 C   N DLE 2 IG8 None                Lipid/lipid-like             
3 2TL A 3 ? ILE A 8 ? 2TL A 4   ? 1_555 ILE A 9 ? 1_555 OG1 C .   . .   None                'Non-standard linkage'       
# 
_pdbx_entry_details.entry_id                   9EPS 
_pdbx_entry_details.has_ligand_of_interest     N 
_pdbx_entry_details.compound_details           ? 
_pdbx_entry_details.source_details             ? 
_pdbx_entry_details.nonpolymer_details         ? 
_pdbx_entry_details.sequence_details           ? 
_pdbx_entry_details.has_protein_modification   Y 
# 
loop_
_pdbx_validate_torsion.id 
_pdbx_validate_torsion.PDB_model_num 
_pdbx_validate_torsion.auth_comp_id 
_pdbx_validate_torsion.auth_asym_id 
_pdbx_validate_torsion.auth_seq_id 
_pdbx_validate_torsion.PDB_ins_code 
_pdbx_validate_torsion.label_alt_id 
_pdbx_validate_torsion.phi 
_pdbx_validate_torsion.psi 
1  1  DSN A 7 ? ? 144.40 -22.22 
2  2  LEU A 5 ? ? 43.53  75.63  
3  3  LEU A 5 ? ? 43.63  75.43  
4  4  LEU A 5 ? ? 47.09  76.53  
5  5  LEU A 5 ? ? 46.25  79.29  
6  6  LEU A 5 ? ? 46.53  79.65  
7  7  LEU A 5 ? ? 43.66  75.36  
8  8  LEU A 5 ? ? 43.38  74.66  
9  9  LEU A 5 ? ? 43.59  76.31  
10 10 LEU A 5 ? ? 43.69  75.75  
11 11 LEU A 5 ? ? 46.40  79.74  
# 
_pdbx_validate_main_chain_plane.id                       1 
_pdbx_validate_main_chain_plane.PDB_model_num            1 
_pdbx_validate_main_chain_plane.auth_comp_id             LEU 
_pdbx_validate_main_chain_plane.auth_asym_id             A 
_pdbx_validate_main_chain_plane.auth_seq_id              5 
_pdbx_validate_main_chain_plane.PDB_ins_code             ? 
_pdbx_validate_main_chain_plane.label_alt_id             ? 
_pdbx_validate_main_chain_plane.improper_torsion_angle   12.02 
# 
_pdbx_nmr_ensemble.entry_id                                      9EPS 
_pdbx_nmr_ensemble.conformers_calculated_total_number            100 
_pdbx_nmr_ensemble.conformers_submitted_total_number             11 
_pdbx_nmr_ensemble.conformer_selection_criteria                  'structures with the lowest energy' 
_pdbx_nmr_ensemble.representative_conformer                      ? 
_pdbx_nmr_ensemble.average_constraints_per_residue               ? 
_pdbx_nmr_ensemble.average_constraint_violations_per_residue     ? 
_pdbx_nmr_ensemble.maximum_distance_constraint_violation         ? 
_pdbx_nmr_ensemble.average_distance_constraint_violation         ? 
_pdbx_nmr_ensemble.maximum_upper_distance_constraint_violation   ? 
_pdbx_nmr_ensemble.maximum_lower_distance_constraint_violation   ? 
_pdbx_nmr_ensemble.distance_constraint_violation_method          ? 
_pdbx_nmr_ensemble.maximum_torsion_angle_constraint_violation    ? 
_pdbx_nmr_ensemble.average_torsion_angle_constraint_violation    ? 
_pdbx_nmr_ensemble.torsion_angle_constraint_violation_method     ? 
# 
_pdbx_nmr_representative.entry_id             9EPS 
_pdbx_nmr_representative.conformer_id         1 
_pdbx_nmr_representative.selection_criteria   'closest to the average' 
# 
_pdbx_nmr_sample_details.solution_id      1 
_pdbx_nmr_sample_details.contents         '1.5 mM MDN-0066, 104.3 mM [U-2H] DPC, 90% H2O/10% D2O' 
_pdbx_nmr_sample_details.solvent_system   '90% H2O/10% D2O' 
_pdbx_nmr_sample_details.label            1H 
_pdbx_nmr_sample_details.type             solution 
_pdbx_nmr_sample_details.details          
;MDN-0066 was dissolved in the micellar solution of uniformly deuterated dodecylphosphocholine (DPC-d38). Solvent: 10 mM Na2HPO4/NaH2PO4 buffer at pH 7.4.
;
# 
loop_
_pdbx_nmr_exptl_sample.solution_id 
_pdbx_nmr_exptl_sample.component 
_pdbx_nmr_exptl_sample.concentration 
_pdbx_nmr_exptl_sample.concentration_range 
_pdbx_nmr_exptl_sample.concentration_units 
_pdbx_nmr_exptl_sample.isotopic_labeling 
1 MDN-0066 1.5   ? mM 'natural abundance' 
1 DPC      104.3 ? mM '[U-2H]'            
# 
_pdbx_nmr_exptl_sample_conditions.conditions_id          1 
_pdbx_nmr_exptl_sample_conditions.temperature            298 
_pdbx_nmr_exptl_sample_conditions.pressure_units         atm 
_pdbx_nmr_exptl_sample_conditions.pressure               1 
_pdbx_nmr_exptl_sample_conditions.pH                     7.4 
_pdbx_nmr_exptl_sample_conditions.ionic_strength         '26 (buffer only)' 
_pdbx_nmr_exptl_sample_conditions.details                ? 
_pdbx_nmr_exptl_sample_conditions.ionic_strength_err     ? 
_pdbx_nmr_exptl_sample_conditions.ionic_strength_units   mM 
_pdbx_nmr_exptl_sample_conditions.label                  conditions_1 
_pdbx_nmr_exptl_sample_conditions.pH_err                 ? 
_pdbx_nmr_exptl_sample_conditions.pH_units               pH 
_pdbx_nmr_exptl_sample_conditions.pressure_err           ? 
_pdbx_nmr_exptl_sample_conditions.temperature_err        ? 
_pdbx_nmr_exptl_sample_conditions.temperature_units      K 
# 
loop_
_pdbx_nmr_exptl.experiment_id 
_pdbx_nmr_exptl.conditions_id 
_pdbx_nmr_exptl.solution_id 
_pdbx_nmr_exptl.type 
_pdbx_nmr_exptl.spectrometer_id 
_pdbx_nmr_exptl.sample_state 
1 1 1 '2D 1H-1H NOESY' 1 isotropic 
2 1 1 '2D 1H-1H TOCSY' 1 isotropic 
3 1 1 '2D 1H-1H COSY'  1 isotropic 
4 1 1 '2D 1H-13C HSQC' 1 isotropic 
# 
_pdbx_nmr_refine.entry_id           9EPS 
_pdbx_nmr_refine.method             'molecular dynamics' 
_pdbx_nmr_refine.details            
;The lowest energy NMR structure issued from CNS was refined using unrestrained AMBER molecular dynamics simulations (against the ff14SB force field). Here, we modelled the interaction of a single peptide molecule with an explicit dodecylphosphocholine (DPC) micelle. The representative peptide conformation of the trajectory (=refined structure) was selected using cluster analysis. Solvent model: TIP3P. Occasional too-close contacts present in the NMR structure ensemble (structures #2-#11) are fully removed during the AMBER moleculary dynamics refinement (structure #1)
;
_pdbx_nmr_refine.software_ordinal   1 
# 
loop_
_pdbx_nmr_software.ordinal 
_pdbx_nmr_software.classification 
_pdbx_nmr_software.name 
_pdbx_nmr_software.version 
_pdbx_nmr_software.authors 
1 refinement                  Amber             ?   'Case, Darden, Cheatham III, Simmerling, Wang, Duke, Luo, ... and Kollman' 
2 'data analysis'             AmberTools        ?   'Case, Darden, Cheatham III, Simmerling, Wang, Duke, Luo, ... and Kollman' 
3 processing                  TopSpin           3.x 'Bruker Biospin'                                                           
4 collection                  TopSpin           3.x 'Bruker Biospin'                                                           
5 'peak picking'              'CcpNmr Analysis' ?   'Vuister et al.'                                                           
6 'structure calculation'     CNS               ?   'Brunger, Adams, Clore, Gros, Nilges and Read'                             
7 'chemical shift assignment' 'CcpNmr Analysis' ?   'Vuister et al.'                                                           
# 
loop_
_chem_comp_atom.comp_id 
_chem_comp_atom.atom_id 
_chem_comp_atom.type_symbol 
_chem_comp_atom.pdbx_aromatic_flag 
_chem_comp_atom.pdbx_stereo_config 
_chem_comp_atom.pdbx_ordinal 
2TL N    N N N 1   
2TL CA   C N R 2   
2TL CB   C N R 3   
2TL OG1  O N N 4   
2TL CG2  C N N 5   
2TL C    C N N 6   
2TL O    O N N 7   
2TL OXT  O N N 8   
2TL H    H N N 9   
2TL H2   H N N 10  
2TL HA   H N N 11  
2TL HB   H N N 12  
2TL HG1  H N N 13  
2TL HG21 H N N 14  
2TL HG22 H N N 15  
2TL HG23 H N N 16  
2TL HXT  H N N 17  
DGL N    N N N 18  
DGL CA   C N R 19  
DGL C    C N N 20  
DGL O    O N N 21  
DGL CB   C N N 22  
DGL CG   C N N 23  
DGL CD   C N N 24  
DGL OE1  O N N 25  
DGL OE2  O N N 26  
DGL OXT  O N N 27  
DGL H    H N N 28  
DGL H2   H N N 29  
DGL HA   H N N 30  
DGL HB2  H N N 31  
DGL HB3  H N N 32  
DGL HG2  H N N 33  
DGL HG3  H N N 34  
DGL HE2  H N N 35  
DGL HXT  H N N 36  
DLE N    N N N 37  
DLE CA   C N R 38  
DLE CB   C N N 39  
DLE CG   C N N 40  
DLE CD1  C N N 41  
DLE CD2  C N N 42  
DLE C    C N N 43  
DLE O    O N N 44  
DLE OXT  O N N 45  
DLE H    H N N 46  
DLE H2   H N N 47  
DLE HA   H N N 48  
DLE HB2  H N N 49  
DLE HB3  H N N 50  
DLE HG   H N N 51  
DLE HD11 H N N 52  
DLE HD12 H N N 53  
DLE HD13 H N N 54  
DLE HD21 H N N 55  
DLE HD22 H N N 56  
DLE HD23 H N N 57  
DLE HXT  H N N 58  
DSN N    N N N 59  
DSN CA   C N R 60  
DSN C    C N N 61  
DSN O    O N N 62  
DSN OXT  O N N 63  
DSN CB   C N N 64  
DSN OG   O N N 65  
DSN H    H N N 66  
DSN H2   H N N 67  
DSN HA   H N N 68  
DSN HXT  H N N 69  
DSN HB2  H N N 70  
DSN HB3  H N N 71  
DSN HG   H N N 72  
IG8 CA   C N N 73  
IG8 C    C N N 74  
IG8 O    O N N 75  
IG8 CB   C N R 76  
IG8 CG2  C N N 77  
IG8 OG1  O N N 78  
IG8 CD   C N N 79  
IG8 CE   C N N 80  
IG8 CZ   C N N 81  
IG8 CH   C N N 82  
IG8 CI   C N N 83  
IG8 CT   C N N 84  
IG8 O1   O N N 85  
IG8 HA1  H N N 86  
IG8 HA2  H N N 87  
IG8 HB   H N N 88  
IG8 HG21 H N N 89  
IG8 HG22 H N N 90  
IG8 HG1  H N N 91  
IG8 HD1  H N N 92  
IG8 HD2  H N N 93  
IG8 HE1  H N N 94  
IG8 HE2  H N N 95  
IG8 HZ1  H N N 96  
IG8 HZ2  H N N 97  
IG8 HH1  H N N 98  
IG8 HH2  H N N 99  
IG8 HI2  H N N 100 
IG8 HI3  H N N 101 
IG8 HI1  H N N 102 
IG8 HT1  H N N 103 
IG8 HT2  H N N 104 
IG8 H1   H N N 105 
ILE N    N N N 106 
ILE CA   C N S 107 
ILE C    C N N 108 
ILE O    O N N 109 
ILE CB   C N S 110 
ILE CG1  C N N 111 
ILE CG2  C N N 112 
ILE CD1  C N N 113 
ILE OXT  O N N 114 
ILE H    H N N 115 
ILE H2   H N N 116 
ILE HA   H N N 117 
ILE HB   H N N 118 
ILE HG12 H N N 119 
ILE HG13 H N N 120 
ILE HG21 H N N 121 
ILE HG22 H N N 122 
ILE HG23 H N N 123 
ILE HD11 H N N 124 
ILE HD12 H N N 125 
ILE HD13 H N N 126 
ILE HXT  H N N 127 
LEU N    N N N 128 
LEU CA   C N S 129 
LEU C    C N N 130 
LEU O    O N N 131 
LEU CB   C N N 132 
LEU CG   C N N 133 
LEU CD1  C N N 134 
LEU CD2  C N N 135 
LEU OXT  O N N 136 
LEU H    H N N 137 
LEU H2   H N N 138 
LEU HA   H N N 139 
LEU HB2  H N N 140 
LEU HB3  H N N 141 
LEU HG   H N N 142 
LEU HD11 H N N 143 
LEU HD12 H N N 144 
LEU HD13 H N N 145 
LEU HD21 H N N 146 
LEU HD22 H N N 147 
LEU HD23 H N N 148 
LEU HXT  H N N 149 
# 
loop_
_chem_comp_bond.comp_id 
_chem_comp_bond.atom_id_1 
_chem_comp_bond.atom_id_2 
_chem_comp_bond.value_order 
_chem_comp_bond.pdbx_aromatic_flag 
_chem_comp_bond.pdbx_stereo_config 
_chem_comp_bond.pdbx_ordinal 
2TL N   CA   sing N N 1   
2TL CA  CB   sing N N 2   
2TL CA  C    sing N N 3   
2TL CB  OG1  sing N N 4   
2TL CB  CG2  sing N N 5   
2TL C   O    doub N N 6   
2TL C   OXT  sing N N 7   
2TL N   H    sing N N 8   
2TL N   H2   sing N N 9   
2TL CA  HA   sing N N 10  
2TL CB  HB   sing N N 11  
2TL OG1 HG1  sing N N 12  
2TL CG2 HG21 sing N N 13  
2TL CG2 HG22 sing N N 14  
2TL CG2 HG23 sing N N 15  
2TL OXT HXT  sing N N 16  
DGL N   CA   sing N N 17  
DGL N   H    sing N N 18  
DGL N   H2   sing N N 19  
DGL CA  C    sing N N 20  
DGL CA  CB   sing N N 21  
DGL CA  HA   sing N N 22  
DGL C   O    doub N N 23  
DGL C   OXT  sing N N 24  
DGL CB  CG   sing N N 25  
DGL CB  HB2  sing N N 26  
DGL CB  HB3  sing N N 27  
DGL CG  CD   sing N N 28  
DGL CG  HG2  sing N N 29  
DGL CG  HG3  sing N N 30  
DGL CD  OE1  doub N N 31  
DGL CD  OE2  sing N N 32  
DGL OE2 HE2  sing N N 33  
DGL OXT HXT  sing N N 34  
DLE N   CA   sing N N 35  
DLE N   H    sing N N 36  
DLE N   H2   sing N N 37  
DLE CA  CB   sing N N 38  
DLE CA  C    sing N N 39  
DLE CA  HA   sing N N 40  
DLE CB  CG   sing N N 41  
DLE CB  HB2  sing N N 42  
DLE CB  HB3  sing N N 43  
DLE CG  CD1  sing N N 44  
DLE CG  CD2  sing N N 45  
DLE CG  HG   sing N N 46  
DLE CD1 HD11 sing N N 47  
DLE CD1 HD12 sing N N 48  
DLE CD1 HD13 sing N N 49  
DLE CD2 HD21 sing N N 50  
DLE CD2 HD22 sing N N 51  
DLE CD2 HD23 sing N N 52  
DLE C   O    doub N N 53  
DLE C   OXT  sing N N 54  
DLE OXT HXT  sing N N 55  
DSN N   CA   sing N N 56  
DSN N   H    sing N N 57  
DSN N   H2   sing N N 58  
DSN CA  C    sing N N 59  
DSN CA  CB   sing N N 60  
DSN CA  HA   sing N N 61  
DSN C   O    doub N N 62  
DSN C   OXT  sing N N 63  
DSN OXT HXT  sing N N 64  
DSN CB  OG   sing N N 65  
DSN CB  HB2  sing N N 66  
DSN CB  HB3  sing N N 67  
DSN OG  HG   sing N N 68  
IG8 OG1 CB   sing N N 69  
IG8 C   CA   sing N N 70  
IG8 C   O    doub N N 71  
IG8 CA  CB   sing N N 72  
IG8 CB  CG2  sing N N 73  
IG8 CG2 CD   sing N N 74  
IG8 CD  CE   sing N N 75  
IG8 CE  CZ   sing N N 76  
IG8 CZ  CH   sing N N 77  
IG8 CH  CT   sing N N 78  
IG8 CT  CI   sing N N 79  
IG8 C   O1   sing N N 80  
IG8 CA  HA1  sing N N 81  
IG8 CA  HA2  sing N N 82  
IG8 CB  HB   sing N N 83  
IG8 CG2 HG21 sing N N 84  
IG8 CG2 HG22 sing N N 85  
IG8 OG1 HG1  sing N N 86  
IG8 CD  HD1  sing N N 87  
IG8 CD  HD2  sing N N 88  
IG8 CE  HE1  sing N N 89  
IG8 CE  HE2  sing N N 90  
IG8 CZ  HZ1  sing N N 91  
IG8 CZ  HZ2  sing N N 92  
IG8 CH  HH1  sing N N 93  
IG8 CH  HH2  sing N N 94  
IG8 CI  HI2  sing N N 95  
IG8 CI  HI3  sing N N 96  
IG8 CI  HI1  sing N N 97  
IG8 CT  HT1  sing N N 98  
IG8 CT  HT2  sing N N 99  
IG8 O1  H1   sing N N 100 
ILE N   CA   sing N N 101 
ILE N   H    sing N N 102 
ILE N   H2   sing N N 103 
ILE CA  C    sing N N 104 
ILE CA  CB   sing N N 105 
ILE CA  HA   sing N N 106 
ILE C   O    doub N N 107 
ILE C   OXT  sing N N 108 
ILE CB  CG1  sing N N 109 
ILE CB  CG2  sing N N 110 
ILE CB  HB   sing N N 111 
ILE CG1 CD1  sing N N 112 
ILE CG1 HG12 sing N N 113 
ILE CG1 HG13 sing N N 114 
ILE CG2 HG21 sing N N 115 
ILE CG2 HG22 sing N N 116 
ILE CG2 HG23 sing N N 117 
ILE CD1 HD11 sing N N 118 
ILE CD1 HD12 sing N N 119 
ILE CD1 HD13 sing N N 120 
ILE OXT HXT  sing N N 121 
LEU N   CA   sing N N 122 
LEU N   H    sing N N 123 
LEU N   H2   sing N N 124 
LEU CA  C    sing N N 125 
LEU CA  CB   sing N N 126 
LEU CA  HA   sing N N 127 
LEU C   O    doub N N 128 
LEU C   OXT  sing N N 129 
LEU CB  CG   sing N N 130 
LEU CB  HB2  sing N N 131 
LEU CB  HB3  sing N N 132 
LEU CG  CD1  sing N N 133 
LEU CG  CD2  sing N N 134 
LEU CG  HG   sing N N 135 
LEU CD1 HD11 sing N N 136 
LEU CD1 HD12 sing N N 137 
LEU CD1 HD13 sing N N 138 
LEU CD2 HD21 sing N N 139 
LEU CD2 HD22 sing N N 140 
LEU CD2 HD23 sing N N 141 
LEU OXT HXT  sing N N 142 
# 
_pdbx_audit_support.funding_organization   'Research Foundation - Flanders (FWO)' 
_pdbx_audit_support.country                Belgium 
_pdbx_audit_support.grant_number           'EOS project G0G3118N (EOS ID 30650620)' 
_pdbx_audit_support.ordinal                1 
# 
_pdbx_nmr_spectrometer.spectrometer_id   1 
_pdbx_nmr_spectrometer.model             'AVACE II' 
_pdbx_nmr_spectrometer.type              ? 
_pdbx_nmr_spectrometer.manufacturer      Bruker 
_pdbx_nmr_spectrometer.field_strength    700 
_pdbx_nmr_spectrometer.details           'Prodigy Cryoprobe' 
# 
_atom_sites.entry_id                    9EPS 
_atom_sites.Cartn_transf_matrix[1][1]   ? 
_atom_sites.Cartn_transf_matrix[1][2]   ? 
_atom_sites.Cartn_transf_matrix[1][3]   ? 
_atom_sites.Cartn_transf_matrix[2][1]   ? 
_atom_sites.Cartn_transf_matrix[2][2]   ? 
_atom_sites.Cartn_transf_matrix[2][3]   ? 
_atom_sites.Cartn_transf_matrix[3][1]   ? 
_atom_sites.Cartn_transf_matrix[3][2]   ? 
_atom_sites.Cartn_transf_matrix[3][3]   ? 
_atom_sites.Cartn_transf_vector[1]      ? 
_atom_sites.Cartn_transf_vector[2]      ? 
_atom_sites.Cartn_transf_vector[3]      ? 
_atom_sites.Cartn_transform_axes        ? 
_atom_sites.fract_transf_matrix[1][1]   1.000000 
_atom_sites.fract_transf_matrix[1][2]   0.000000 
_atom_sites.fract_transf_matrix[1][3]   0.000000 
_atom_sites.fract_transf_matrix[2][1]   0.000000 
_atom_sites.fract_transf_matrix[2][2]   1.000000 
_atom_sites.fract_transf_matrix[2][3]   0.000000 
_atom_sites.fract_transf_matrix[3][1]   0.000000 
_atom_sites.fract_transf_matrix[3][2]   0.000000 
_atom_sites.fract_transf_matrix[3][3]   1.000000 
_atom_sites.fract_transf_vector[1]      0.00000 
_atom_sites.fract_transf_vector[2]      0.00000 
_atom_sites.fract_transf_vector[3]      0.00000 
_atom_sites.solution_primary            ? 
_atom_sites.solution_secondary          ? 
_atom_sites.solution_hydrogens          ? 
_atom_sites.special_details             ? 
# 
loop_
_atom_type.symbol 
C 
H 
N 
O 
# 
loop_
_atom_site.group_PDB 
_atom_site.id 
_atom_site.type_symbol 
_atom_site.label_atom_id 
_atom_site.label_alt_id 
_atom_site.label_comp_id 
_atom_site.label_asym_id 
_atom_site.label_entity_id 
_atom_site.label_seq_id 
_atom_site.pdbx_PDB_ins_code 
_atom_site.Cartn_x 
_atom_site.Cartn_y 
_atom_site.Cartn_z 
_atom_site.occupancy 
_atom_site.B_iso_or_equiv 
_atom_site.pdbx_formal_charge 
_atom_site.auth_seq_id 
_atom_site.auth_comp_id 
_atom_site.auth_asym_id 
_atom_site.auth_atom_id 
_atom_site.pdbx_PDB_model_num 
HETATM 1    N N    . DLE A 1 1 ? -3.716 -1.252 -2.908  1.00 0.00 ?  2   DLE A N    1  
HETATM 2    C CA   . DLE A 1 1 ? -3.530 -2.146 -1.813  1.00 0.00 ?  2   DLE A CA   1  
HETATM 3    C CB   . DLE A 1 1 ? -4.741 -3.092 -1.815  1.00 0.00 ?  2   DLE A CB   1  
HETATM 4    C CG   . DLE A 1 1 ? -4.880 -3.948 -0.517  1.00 0.00 ?  2   DLE A CG   1  
HETATM 5    C CD1  . DLE A 1 1 ? -3.897 -5.122 -0.543  1.00 0.00 ?  2   DLE A CD1  1  
HETATM 6    C CD2  . DLE A 1 1 ? -6.334 -4.486 -0.423  1.00 0.00 ?  2   DLE A CD2  1  
HETATM 7    C C    . DLE A 1 1 ? -3.364 -1.289 -0.568  1.00 0.00 ?  2   DLE A C    1  
HETATM 8    O O    . DLE A 1 1 ? -2.675 -1.718 0.312   1.00 0.00 ?  2   DLE A O    1  
HETATM 9    H H1   . DLE A 1 1 ? -4.492 -1.468 -3.522  1.00 0.00 ?  2   DLE A H1   1  
HETATM 10   H HA   . DLE A 1 1 ? -2.608 -2.702 -1.979  1.00 0.00 ?  2   DLE A HA   1  
HETATM 11   H HB2  . DLE A 1 1 ? -5.566 -2.379 -1.798  1.00 0.00 ?  2   DLE A HB2  1  
HETATM 12   H HB3  . DLE A 1 1 ? -4.722 -3.710 -2.713  1.00 0.00 ?  2   DLE A HB3  1  
HETATM 13   H HG   . DLE A 1 1 ? -4.604 -3.357 0.357   1.00 0.00 ?  2   DLE A HG   1  
HETATM 14   H HD11 . DLE A 1 1 ? -2.850 -4.801 -0.499  1.00 0.00 ?  2   DLE A HD11 1  
HETATM 15   H HD12 . DLE A 1 1 ? -4.060 -5.659 -1.486  1.00 0.00 ?  2   DLE A HD12 1  
HETATM 16   H HD13 . DLE A 1 1 ? -4.064 -5.784 0.317   1.00 0.00 ?  2   DLE A HD13 1  
HETATM 17   H HD21 . DLE A 1 1 ? -6.353 -5.372 0.224   1.00 0.00 ?  2   DLE A HD21 1  
HETATM 18   H HD22 . DLE A 1 1 ? -6.781 -4.719 -1.396  1.00 0.00 ?  2   DLE A HD22 1  
HETATM 19   H HD23 . DLE A 1 1 ? -7.009 -3.694 -0.074  1.00 0.00 ?  2   DLE A HD23 1  
HETATM 20   N N    . DGL A 1 2 ? -3.843 -0.072 -0.437  1.00 0.00 ?  3   DGL A N    1  
HETATM 21   C CA   . DGL A 1 2 ? -3.737 0.836  0.747   1.00 0.00 ?  3   DGL A CA   1  
HETATM 22   C C    . DGL A 1 2 ? -2.330 1.385  0.781   1.00 0.00 ?  3   DGL A C    1  
HETATM 23   O O    . DGL A 1 2 ? -1.792 1.541  1.853   1.00 0.00 ?  3   DGL A O    1  
HETATM 24   C CB   . DGL A 1 2 ? -4.721 1.983  0.740   1.00 0.00 ?  3   DGL A CB   1  
HETATM 25   C CG   . DGL A 1 2 ? -6.259 1.633  0.376   1.00 0.00 ?  3   DGL A CG   1  
HETATM 26   C CD   . DGL A 1 2 ? -7.172 1.573  1.642   1.00 0.00 ?  3   DGL A CD   1  
HETATM 27   O OE1  . DGL A 1 2 ? -7.741 2.648  2.008   1.00 0.00 ?  3   DGL A OE1  1  
HETATM 28   O OE2  . DGL A 1 2 ? -7.158 0.493  2.203   1.00 0.00 -1 3   DGL A OE2  1  
HETATM 29   H H    . DGL A 1 2 ? -4.377 0.244  -1.238  1.00 0.00 ?  3   DGL A H    1  
HETATM 30   H HA   . DGL A 1 2 ? -4.031 0.283  1.640   1.00 0.00 ?  3   DGL A HA   1  
HETATM 31   H HB2  . DGL A 1 2 ? -4.347 2.734  0.044   1.00 0.00 ?  3   DGL A HB2  1  
HETATM 32   H HB3  . DGL A 1 2 ? -4.633 2.496  1.698   1.00 0.00 ?  3   DGL A HB3  1  
HETATM 33   H HG2  . DGL A 1 2 ? -6.300 0.753  -0.266  1.00 0.00 ?  3   DGL A HG2  1  
HETATM 34   H HG3  . DGL A 1 2 ? -6.562 2.466  -0.258  1.00 0.00 ?  3   DGL A HG3  1  
HETATM 35   N N    . 2TL A 1 3 ? -1.639 1.635  -0.315  1.00 0.00 ?  4   2TL A N    1  
HETATM 36   C CA   . 2TL A 1 3 ? -0.158 1.800  -0.334  1.00 0.00 ?  4   2TL A CA   1  
HETATM 37   C CB   . 2TL A 1 3 ? 0.361  2.341  -1.662  1.00 0.00 ?  4   2TL A CB   1  
HETATM 38   O OG1  . 2TL A 1 3 ? 1.817  2.295  -1.695  1.00 0.00 ?  4   2TL A OG1  1  
HETATM 39   C CG2  . 2TL A 1 3 ? -0.207 3.790  -1.920  1.00 0.00 ?  4   2TL A CG2  1  
HETATM 40   C C    . 2TL A 1 3 ? 0.552  0.492  0.024   1.00 0.00 ?  4   2TL A C    1  
HETATM 41   O O    . 2TL A 1 3 ? 1.471  0.597  0.873   1.00 0.00 ?  4   2TL A O    1  
HETATM 42   H H    . 2TL A 1 3 ? -2.094 1.632  -1.221  1.00 0.00 ?  4   2TL A H    1  
HETATM 43   H HA   . 2TL A 1 3 ? 0.070  2.595  0.387   1.00 0.00 ?  4   2TL A HA   1  
HETATM 44   H HB   . 2TL A 1 3 ? -0.015 1.650  -2.428  1.00 0.00 ?  4   2TL A HB   1  
HETATM 45   H HG21 . 2TL A 1 3 ? -0.173 4.245  -0.922  1.00 0.00 ?  4   2TL A HG21 1  
HETATM 46   H HG22 . 2TL A 1 3 ? -1.231 3.655  -2.288  1.00 0.00 ?  4   2TL A HG22 1  
HETATM 47   H HG23 . 2TL A 1 3 ? 0.354  4.412  -2.629  1.00 0.00 ?  4   2TL A HG23 1  
ATOM   48   N N    . LEU A 1 4 ? 0.134  -0.672 -0.521  1.00 0.00 ?  5   LEU A N    1  
ATOM   49   C CA   . LEU A 1 4 ? 0.741  -1.989 -0.251  1.00 0.00 ?  5   LEU A CA   1  
ATOM   50   C C    . LEU A 1 4 ? 0.805  -2.297 1.245   1.00 0.00 ?  5   LEU A C    1  
ATOM   51   O O    . LEU A 1 4 ? 1.882  -2.374 1.794   1.00 0.00 ?  5   LEU A O    1  
ATOM   52   C CB   . LEU A 1 4 ? 2.038  -2.119 -1.056  1.00 0.00 ?  5   LEU A CB   1  
ATOM   53   C CG   . LEU A 1 4 ? 2.106  -1.680 -2.524  1.00 0.00 ?  5   LEU A CG   1  
ATOM   54   C CD1  . LEU A 1 4 ? 3.555  -1.684 -2.863  1.00 0.00 ?  5   LEU A CD1  1  
ATOM   55   C CD2  . LEU A 1 4 ? 1.328  -2.676 -3.370  1.00 0.00 ?  5   LEU A CD2  1  
ATOM   56   H H    . LEU A 1 4 ? -0.629 -0.677 -1.185  1.00 0.00 ?  5   LEU A H    1  
ATOM   57   H HA   . LEU A 1 4 ? 0.045  -2.732 -0.644  1.00 0.00 ?  5   LEU A HA   1  
ATOM   58   H HB2  . LEU A 1 4 ? 2.693  -1.411 -0.548  1.00 0.00 ?  5   LEU A HB2  1  
ATOM   59   H HB3  . LEU A 1 4 ? 2.401  -3.139 -0.919  1.00 0.00 ?  5   LEU A HB3  1  
ATOM   60   H HG   . LEU A 1 4 ? 1.705  -0.680 -2.692  1.00 0.00 ?  5   LEU A HG   1  
ATOM   61   H HD11 . LEU A 1 4 ? 4.148  -2.587 -2.670  1.00 0.00 ?  5   LEU A HD11 1  
ATOM   62   H HD12 . LEU A 1 4 ? 4.059  -0.891 -2.297  1.00 0.00 ?  5   LEU A HD12 1  
ATOM   63   H HD13 . LEU A 1 4 ? 3.749  -1.404 -3.904  1.00 0.00 ?  5   LEU A HD13 1  
ATOM   64   H HD21 . LEU A 1 4 ? 1.798  -3.668 -3.396  1.00 0.00 ?  5   LEU A HD21 1  
ATOM   65   H HD22 . LEU A 1 4 ? 1.284  -2.229 -4.369  1.00 0.00 ?  5   LEU A HD22 1  
ATOM   66   H HD23 . LEU A 1 4 ? 0.295  -2.664 -3.002  1.00 0.00 ?  5   LEU A HD23 1  
HETATM 67   N N    . DLE A 1 5 ? -0.268 -2.029 1.974   1.00 0.00 ?  6   DLE A N    1  
HETATM 68   C CA   . DLE A 1 5 ? -0.328 -2.321 3.403   1.00 0.00 ?  6   DLE A CA   1  
HETATM 69   C CB   . DLE A 1 5 ? -1.771 -2.335 3.871   1.00 0.00 ?  6   DLE A CB   1  
HETATM 70   C CG   . DLE A 1 5 ? -2.561 -3.572 3.308   1.00 0.00 ?  6   DLE A CG   1  
HETATM 71   C CD1  . DLE A 1 5 ? -2.307 -4.839 4.160   1.00 0.00 ?  6   DLE A CD1  1  
HETATM 72   C CD2  . DLE A 1 5 ? -4.072 -3.440 3.265   1.00 0.00 ?  6   DLE A CD2  1  
HETATM 73   C C    . DLE A 1 5 ? 0.419  -1.264 4.228   1.00 0.00 ?  6   DLE A C    1  
HETATM 74   O O    . DLE A 1 5 ? 0.343  -1.388 5.419   1.00 0.00 ?  6   DLE A O    1  
HETATM 75   H H    . DLE A 1 5 ? -1.157 -1.928 1.499   1.00 0.00 ?  6   DLE A H    1  
HETATM 76   H HA   . DLE A 1 5 ? 0.196  -3.256 3.603   1.00 0.00 ?  6   DLE A HA   1  
HETATM 77   H HB2  . DLE A 1 5 ? -2.275 -1.397 3.641   1.00 0.00 ?  6   DLE A HB2  1  
HETATM 78   H HB3  . DLE A 1 5 ? -1.810 -2.402 4.958   1.00 0.00 ?  6   DLE A HB3  1  
HETATM 79   H HG   . DLE A 1 5 ? -2.310 -3.802 2.273   1.00 0.00 ?  6   DLE A HG   1  
HETATM 80   H HD11 . DLE A 1 5 ? -2.739 -4.767 5.164   1.00 0.00 ?  6   DLE A HD11 1  
HETATM 81   H HD12 . DLE A 1 5 ? -1.236 -5.077 4.153   1.00 0.00 ?  6   DLE A HD12 1  
HETATM 82   H HD13 . DLE A 1 5 ? -2.751 -5.677 3.609   1.00 0.00 ?  6   DLE A HD13 1  
HETATM 83   H HD21 . DLE A 1 5 ? -4.595 -3.430 4.231   1.00 0.00 ?  6   DLE A HD21 1  
HETATM 84   H HD22 . DLE A 1 5 ? -4.413 -4.423 2.917   1.00 0.00 ?  6   DLE A HD22 1  
HETATM 85   H HD23 . DLE A 1 5 ? -4.360 -2.615 2.602   1.00 0.00 ?  6   DLE A HD23 1  
HETATM 86   N N    . DSN A 1 6 ? 1.094  -0.310 3.552   1.00 0.00 ?  7   DSN A N    1  
HETATM 87   C CA   . DSN A 1 6 ? 1.810  0.715  4.283   1.00 0.00 ?  7   DSN A CA   1  
HETATM 88   C C    . DSN A 1 6 ? 3.126  1.174  3.640   1.00 0.00 ?  7   DSN A C    1  
HETATM 89   O O    . DSN A 1 6 ? 3.694  2.165  3.907   1.00 0.00 ?  7   DSN A O    1  
HETATM 90   C CB   . DSN A 1 6 ? 0.867  1.869  4.573   1.00 0.00 ?  7   DSN A CB   1  
HETATM 91   O OG   . DSN A 1 6 ? 0.597  2.550  3.373   1.00 0.00 ?  7   DSN A OG   1  
HETATM 92   H H    . DSN A 1 6 ? 1.037  -0.264 2.542   1.00 0.00 ?  7   DSN A H    1  
HETATM 93   H HA   . DSN A 1 6 ? 2.159  0.294  5.225   1.00 0.00 ?  7   DSN A HA   1  
HETATM 94   H HB2  . DSN A 1 6 ? -0.056 1.471  4.994   1.00 0.00 ?  7   DSN A HB2  1  
HETATM 95   H HB3  . DSN A 1 6 ? 1.304  2.542  5.312   1.00 0.00 ?  7   DSN A HB3  1  
HETATM 96   H HG   . DSN A 1 6 ? 0.172  1.884  2.805   1.00 0.00 ?  7   DSN A HG   1  
ATOM   97   N N    . LEU A 1 7 ? 3.663  0.216  2.753   1.00 0.00 ?  8   LEU A N    1  
ATOM   98   C CA   . LEU A 1 7 ? 4.915  0.286  2.113   1.00 0.00 ?  8   LEU A CA   1  
ATOM   99   C C    . LEU A 1 7 ? 5.056  1.432  1.097   1.00 0.00 ?  8   LEU A C    1  
ATOM   100  O O    . LEU A 1 7 ? 6.080  2.139  1.230   1.00 0.00 ?  8   LEU A O    1  
ATOM   101  C CB   . LEU A 1 7 ? 5.181  -1.053 1.369   1.00 0.00 ?  8   LEU A CB   1  
ATOM   102  C CG   . LEU A 1 7 ? 6.622  -1.183 0.815   1.00 0.00 ?  8   LEU A CG   1  
ATOM   103  C CD1  . LEU A 1 7 ? 7.626  -1.503 1.954   1.00 0.00 ?  8   LEU A CD1  1  
ATOM   104  C CD2  . LEU A 1 7 ? 6.870  -2.302 -0.200  1.00 0.00 ?  8   LEU A CD2  1  
ATOM   105  H H    . LEU A 1 7 ? 3.042  -0.550 2.517   1.00 0.00 ?  8   LEU A H    1  
ATOM   106  H HA   . LEU A 1 7 ? 5.696  0.290  2.873   1.00 0.00 ?  8   LEU A HA   1  
ATOM   107  H HB2  . LEU A 1 7 ? 4.907  -1.871 2.036   1.00 0.00 ?  8   LEU A HB2  1  
ATOM   108  H HB3  . LEU A 1 7 ? 4.513  -1.128 0.510   1.00 0.00 ?  8   LEU A HB3  1  
ATOM   109  H HG   . LEU A 1 7 ? 6.859  -0.262 0.283   1.00 0.00 ?  8   LEU A HG   1  
ATOM   110  H HD11 . LEU A 1 7 ? 7.624  -0.603 2.581   1.00 0.00 ?  8   LEU A HD11 1  
ATOM   111  H HD12 . LEU A 1 7 ? 8.610  -1.817 1.583   1.00 0.00 ?  8   LEU A HD12 1  
ATOM   112  H HD13 . LEU A 1 7 ? 7.326  -2.382 2.539   1.00 0.00 ?  8   LEU A HD13 1  
ATOM   113  H HD21 . LEU A 1 7 ? 6.441  -2.129 -1.193  1.00 0.00 ?  8   LEU A HD21 1  
ATOM   114  H HD22 . LEU A 1 7 ? 6.384  -3.268 -0.014  1.00 0.00 ?  8   LEU A HD22 1  
ATOM   115  H HD23 . LEU A 1 7 ? 7.946  -2.517 -0.243  1.00 0.00 ?  8   LEU A HD23 1  
ATOM   116  N N    . ILE A 1 8 ? 4.206  1.602  0.135   1.00 0.00 ?  9   ILE A N    1  
ATOM   117  C CA   . ILE A 1 8 ? 4.069  2.650  -0.914  1.00 0.00 ?  9   ILE A CA   1  
ATOM   118  C C    . ILE A 1 8 ? 2.618  3.092  -0.991  1.00 0.00 ?  9   ILE A C    1  
ATOM   119  O O    . ILE A 1 8 ? 2.205  3.971  -0.257  1.00 0.00 ?  9   ILE A O    1  
ATOM   120  C CB   . ILE A 1 8 ? 4.648  2.154  -2.211  1.00 0.00 ?  9   ILE A CB   1  
ATOM   121  C CG1  . ILE A 1 8 ? 6.028  1.520  -2.119  1.00 0.00 ?  9   ILE A CG1  1  
ATOM   122  C CG2  . ILE A 1 8 ? 4.643  3.382  -3.169  1.00 0.00 ?  9   ILE A CG2  1  
ATOM   123  C CD1  . ILE A 1 8 ? 6.778  1.256  -3.449  1.00 0.00 ?  9   ILE A CD1  1  
ATOM   124  H H    . ILE A 1 8 ? 3.412  0.980  0.236   1.00 0.00 ?  9   ILE A H    1  
ATOM   125  H HA   . ILE A 1 8 ? 4.684  3.475  -0.536  1.00 0.00 ?  9   ILE A HA   1  
ATOM   126  H HB   . ILE A 1 8 ? 3.989  1.406  -2.668  1.00 0.00 ?  9   ILE A HB   1  
ATOM   127  H HG12 . ILE A 1 8 ? 6.707  2.148  -1.527  1.00 0.00 ?  9   ILE A HG12 1  
ATOM   128  H HG13 . ILE A 1 8 ? 6.027  0.589  -1.539  1.00 0.00 ?  9   ILE A HG13 1  
ATOM   129  H HG21 . ILE A 1 8 ? 5.473  4.087  -3.038  1.00 0.00 ?  9   ILE A HG21 1  
ATOM   130  H HG22 . ILE A 1 8 ? 3.667  3.872  -3.056  1.00 0.00 ?  9   ILE A HG22 1  
ATOM   131  H HG23 . ILE A 1 8 ? 4.626  3.057  -4.217  1.00 0.00 ?  9   ILE A HG23 1  
ATOM   132  H HD11 . ILE A 1 8 ? 6.163  0.613  -4.092  1.00 0.00 ?  9   ILE A HD11 1  
ATOM   133  H HD12 . ILE A 1 8 ? 7.784  0.844  -3.304  1.00 0.00 ?  9   ILE A HD12 1  
ATOM   134  H HD13 . ILE A 1 8 ? 6.871  2.146  -4.082  1.00 0.00 ?  9   ILE A HD13 1  
HETATM 135  C CA   . IG8 B 2 . ? -3.136 -0.081 -4.771  1.00 0.00 ?  101 IG8 A CA   1  
HETATM 136  C C    . IG8 B 2 . ? -2.680 -0.741 -3.519  1.00 0.00 ?  101 IG8 A C    1  
HETATM 137  O O    . IG8 B 2 . ? -1.598 -0.587 -2.942  1.00 0.00 ?  101 IG8 A O    1  
HETATM 138  C CB   . IG8 B 2 . ? -2.024 0.821  -5.297  1.00 0.00 ?  101 IG8 A CB   1  
HETATM 139  C CG2  . IG8 B 2 . ? -0.817 0.018  -5.728  1.00 0.00 ?  101 IG8 A CG2  1  
HETATM 140  O OG1  . IG8 B 2 . ? -2.684 1.587  -6.396  1.00 0.00 ?  101 IG8 A OG1  1  
HETATM 141  C CD   . IG8 B 2 . ? 0.442  0.928  -5.934  1.00 0.00 ?  101 IG8 A CD   1  
HETATM 142  C CE   . IG8 B 2 . ? 1.642  0.211  -6.551  1.00 0.00 ?  101 IG8 A CE   1  
HETATM 143  C CZ   . IG8 B 2 . ? 2.816  1.152  -6.638  1.00 0.00 ?  101 IG8 A CZ   1  
HETATM 144  C CH   . IG8 B 2 . ? 4.023  0.712  -7.552  1.00 0.00 ?  101 IG8 A CH   1  
HETATM 145  C CI   . IG8 B 2 . ? 5.759  -1.128 -7.897  1.00 0.00 ?  101 IG8 A CI   1  
HETATM 146  C CT   . IG8 B 2 . ? 4.410  -0.699 -7.191  1.00 0.00 ?  101 IG8 A CT   1  
HETATM 147  H HA1  . IG8 B 2 . ? -3.953 0.615  -4.573  1.00 0.00 ?  101 IG8 A HA1  1  
HETATM 148  H HA2  . IG8 B 2 . ? -3.326 -0.905 -5.463  1.00 0.00 ?  101 IG8 A HA2  1  
HETATM 149  H HB   . IG8 B 2 . ? -1.786 1.453  -4.433  1.00 0.00 ?  101 IG8 A HB   1  
HETATM 150  H HG21 . IG8 B 2 . ? -0.996 -0.475 -6.686  1.00 0.00 ?  101 IG8 A HG21 1  
HETATM 151  H HG22 . IG8 B 2 . ? -0.469 -0.820 -5.121  1.00 0.00 ?  101 IG8 A HG22 1  
HETATM 152  H HG1  . IG8 B 2 . ? -3.381 1.995  -5.852  1.00 0.00 ?  101 IG8 A HG1  1  
HETATM 153  H HD1  . IG8 B 2 . ? 0.804  1.334  -4.988  1.00 0.00 ?  101 IG8 A HD1  1  
HETATM 154  H HD2  . IG8 B 2 . ? 0.299  1.833  -6.529  1.00 0.00 ?  101 IG8 A HD2  1  
HETATM 155  H HE1  . IG8 B 2 . ? 1.350  -0.128 -7.547  1.00 0.00 ?  101 IG8 A HE1  1  
HETATM 156  H HE2  . IG8 B 2 . ? 1.833  -0.632 -5.884  1.00 0.00 ?  101 IG8 A HE2  1  
HETATM 157  H HZ1  . IG8 B 2 . ? 3.183  1.290  -5.620  1.00 0.00 ?  101 IG8 A HZ1  1  
HETATM 158  H HZ2  . IG8 B 2 . ? 2.507  2.145  -6.971  1.00 0.00 ?  101 IG8 A HZ2  1  
HETATM 159  H HH1  . IG8 B 2 . ? 4.832  1.437  -7.438  1.00 0.00 ?  101 IG8 A HH1  1  
HETATM 160  H HH2  . IG8 B 2 . ? 3.736  0.719  -8.606  1.00 0.00 ?  101 IG8 A HH2  1  
HETATM 161  H HI2  . IG8 B 2 . ? 5.801  -2.209 -7.747  1.00 0.00 ?  101 IG8 A HI2  1  
HETATM 162  H HI3  . IG8 B 2 . ? 6.636  -0.737 -7.375  1.00 0.00 ?  101 IG8 A HI3  1  
HETATM 163  H HI1  . IG8 B 2 . ? 5.823  -0.986 -8.978  1.00 0.00 ?  101 IG8 A HI1  1  
HETATM 164  H HT1  . IG8 B 2 . ? 3.637  -1.376 -7.562  1.00 0.00 ?  101 IG8 A HT1  1  
HETATM 165  H HT2  . IG8 B 2 . ? 4.649  -0.820 -6.132  1.00 0.00 ?  101 IG8 A HT2  1  
HETATM 166  N N    . DLE A 1 1 ? -3.663 -1.005 -3.289  1.00 0.00 ?  2   DLE A N    2  
HETATM 167  C CA   . DLE A 1 1 ? -3.693 -1.963 -2.201  1.00 0.00 ?  2   DLE A CA   2  
HETATM 168  C CB   . DLE A 1 1 ? -5.075 -2.630 -2.128  1.00 0.00 ?  2   DLE A CB   2  
HETATM 169  C CG   . DLE A 1 1 ? -6.110 -1.658 -1.547  1.00 0.00 ?  2   DLE A CG   2  
HETATM 170  C CD1  . DLE A 1 1 ? -7.485 -1.964 -2.144  1.00 0.00 ?  2   DLE A CD1  2  
HETATM 171  C CD2  . DLE A 1 1 ? -6.164 -1.824 -0.025  1.00 0.00 ?  2   DLE A CD2  2  
HETATM 172  C C    . DLE A 1 1 ? -3.372 -1.251 -0.882  1.00 0.00 ?  2   DLE A C    2  
HETATM 173  O O    . DLE A 1 1 ? -2.737 -1.808 -0.007  1.00 0.00 ?  2   DLE A O    2  
HETATM 174  H H1   . DLE A 1 1 ? -4.495 -0.739 -3.732  1.00 0.00 ?  2   DLE A H1   2  
HETATM 175  H HA   . DLE A 1 1 ? -2.946 -2.723 -2.381  1.00 0.00 ?  2   DLE A HA   2  
HETATM 176  H HB2  . DLE A 1 1 ? -5.016 -3.505 -1.499  1.00 0.00 ?  2   DLE A HB2  2  
HETATM 177  H HB3  . DLE A 1 1 ? -5.381 -2.925 -3.121  1.00 0.00 ?  2   DLE A HB3  2  
HETATM 178  H HG   . DLE A 1 1 ? -5.831 -0.646 -1.789  1.00 0.00 ?  2   DLE A HG   2  
HETATM 179  H HD11 . DLE A 1 1 ? -8.250 -1.769 -1.406  1.00 0.00 ?  2   DLE A HD11 2  
HETATM 180  H HD12 . DLE A 1 1 ? -7.527 -3.002 -2.440  1.00 0.00 ?  2   DLE A HD12 2  
HETATM 181  H HD13 . DLE A 1 1 ? -7.650 -1.337 -3.009  1.00 0.00 ?  2   DLE A HD13 2  
HETATM 182  H HD21 . DLE A 1 1 ? -7.010 -2.439 0.241   1.00 0.00 ?  2   DLE A HD21 2  
HETATM 183  H HD22 . DLE A 1 1 ? -6.265 -0.854 0.438   1.00 0.00 ?  2   DLE A HD22 2  
HETATM 184  H HD23 . DLE A 1 1 ? -5.253 -2.294 0.319   1.00 0.00 ?  2   DLE A HD23 2  
HETATM 185  N N    . DGL A 1 2 ? -3.798 -0.022 -0.733  1.00 0.00 ?  3   DGL A N    2  
HETATM 186  C CA   . DGL A 1 2 ? -3.512 0.697  0.496   1.00 0.00 ?  3   DGL A CA   2  
HETATM 187  C C    . DGL A 1 2 ? -2.091 1.181  0.462   1.00 0.00 ?  3   DGL A C    2  
HETATM 188  O O    . DGL A 1 2 ? -1.412 1.127  1.465   1.00 0.00 ?  3   DGL A O    2  
HETATM 189  C CB   . DGL A 1 2 ? -4.476 1.872  0.670   1.00 0.00 ?  3   DGL A CB   2  
HETATM 190  C CG   . DGL A 1 2 ? -5.720 1.402  1.426   1.00 0.00 ?  3   DGL A CG   2  
HETATM 191  C CD   . DGL A 1 2 ? -6.242 2.538  2.308   1.00 0.00 ?  3   DGL A CD   2  
HETATM 192  O OE1  . DGL A 1 2 ? -6.626 3.558  1.760   1.00 0.00 ?  3   DGL A OE1  2  
HETATM 193  O OE2  . DGL A 1 2 ? -6.249 2.369  3.516   1.00 0.00 -1 3   DGL A OE2  2  
HETATM 194  H H    . DGL A 1 2 ? -4.303 0.415  -1.451  1.00 0.00 ?  3   DGL A H    2  
HETATM 195  H HA   . DGL A 1 2 ? -3.588 0.026  1.336   1.00 0.00 ?  3   DGL A HA   2  
HETATM 196  H HB2  . DGL A 1 2 ? -3.989 2.657  1.230   1.00 0.00 ?  3   DGL A HB2  2  
HETATM 197  H HB3  . DGL A 1 2 ? -4.767 2.247  -0.299  1.00 0.00 ?  3   DGL A HB3  2  
HETATM 198  H HG2  . DGL A 1 2 ? -6.484 1.115  0.718   1.00 0.00 ?  3   DGL A HG2  2  
HETATM 199  H HG3  . DGL A 1 2 ? -5.467 0.555  2.047   1.00 0.00 ?  3   DGL A HG3  2  
HETATM 200  N N    . 2TL A 1 3 ? -1.573 1.565  -0.673  1.00 0.00 ?  4   2TL A N    2  
HETATM 201  C CA   . 2TL A 1 3 ? -0.192 1.912  -0.659  1.00 0.00 ?  4   2TL A CA   2  
HETATM 202  C CB   . 2TL A 1 3 ? 0.320  2.392  -2.016  1.00 0.00 ?  4   2TL A CB   2  
HETATM 203  O OG1  . 2TL A 1 3 ? 1.652  1.943  -2.033  1.00 0.00 ?  4   2TL A OG1  2  
HETATM 204  C CG2  . 2TL A 1 3 ? 0.258  3.920  -2.100  1.00 0.00 ?  4   2TL A CG2  2  
HETATM 205  C C    . 2TL A 1 3 ? 0.500  0.584  -0.339  1.00 0.00 ?  4   2TL A C    2  
HETATM 206  O O    . 2TL A 1 3 ? 1.488  0.509  0.360   1.00 0.00 ?  4   2TL A O    2  
HETATM 207  H H    . 2TL A 1 3 ? -2.076 1.531  -1.508  1.00 0.00 ?  4   2TL A H    2  
HETATM 208  H HA   . 2TL A 1 3 ? 0.006  2.646  0.110   1.00 0.00 ?  4   2TL A HA   2  
HETATM 209  H HB   . 2TL A 1 3 ? -0.245 1.933  -2.819  1.00 0.00 ?  4   2TL A HB   2  
HETATM 210  H HG21 . 2TL A 1 3 ? 0.341  4.330  -1.104  1.00 0.00 ?  4   2TL A HG21 2  
HETATM 211  H HG22 . 2TL A 1 3 ? -0.679 4.228  -2.542  1.00 0.00 ?  4   2TL A HG22 2  
HETATM 212  H HG23 . 2TL A 1 3 ? 1.079  4.278  -2.702  1.00 0.00 ?  4   2TL A HG23 2  
ATOM   213  N N    . LEU A 1 4 ? -0.060 -0.462 -0.901  1.00 0.00 ?  5   LEU A N    2  
ATOM   214  C CA   . LEU A 1 4 ? 0.446  -1.797 -0.746  1.00 0.00 ?  5   LEU A CA   2  
ATOM   215  C C    . LEU A 1 4 ? 0.842  -2.089 0.714   1.00 0.00 ?  5   LEU A C    2  
ATOM   216  O O    . LEU A 1 4 ? 2.004  -2.148 1.064   1.00 0.00 ?  5   LEU A O    2  
ATOM   217  C CB   . LEU A 1 4 ? 1.610  -1.916 -1.710  1.00 0.00 ?  5   LEU A CB   2  
ATOM   218  C CG   . LEU A 1 4 ? 2.425  -3.180 -1.434  1.00 0.00 ?  5   LEU A CG   2  
ATOM   219  C CD1  . LEU A 1 4 ? 2.608  -3.970 -2.733  1.00 0.00 ?  5   LEU A CD1  2  
ATOM   220  C CD2  . LEU A 1 4 ? 3.786  -2.773 -0.883  1.00 0.00 ?  5   LEU A CD2  2  
ATOM   221  H H    . LEU A 1 4 ? -0.830 -0.328 -1.470  1.00 0.00 ?  5   LEU A H    2  
ATOM   222  H HA   . LEU A 1 4 ? -0.319 -2.503 -1.041  1.00 0.00 ?  5   LEU A HA   2  
ATOM   223  H HB2  . LEU A 1 4 ? 1.217  -1.949 -2.718  1.00 0.00 ?  5   LEU A HB2  2  
ATOM   224  H HB3  . LEU A 1 4 ? 2.231  -1.040 -1.607  1.00 0.00 ?  5   LEU A HB3  2  
ATOM   225  H HG   . LEU A 1 4 ? 1.910  -3.794 -0.708  1.00 0.00 ?  5   LEU A HG   2  
ATOM   226  H HD11 . LEU A 1 4 ? 3.419  -3.541 -3.303  1.00 0.00 ?  5   LEU A HD11 2  
ATOM   227  H HD12 . LEU A 1 4 ? 1.697  -3.927 -3.313  1.00 0.00 ?  5   LEU A HD12 2  
ATOM   228  H HD13 . LEU A 1 4 ? 2.837  -5.000 -2.499  1.00 0.00 ?  5   LEU A HD13 2  
ATOM   229  H HD21 . LEU A 1 4 ? 4.568  -3.223 -1.476  1.00 0.00 ?  5   LEU A HD21 2  
ATOM   230  H HD22 . LEU A 1 4 ? 3.872  -3.103 0.140   1.00 0.00 ?  5   LEU A HD22 2  
ATOM   231  H HD23 . LEU A 1 4 ? 3.876  -1.696 -0.924  1.00 0.00 ?  5   LEU A HD23 2  
HETATM 232  N N    . DLE A 1 5 ? -0.144 -2.304 1.555   1.00 0.00 ?  6   DLE A N    2  
HETATM 233  C CA   . DLE A 1 5 ? 0.114  -2.627 2.952   1.00 0.00 ?  6   DLE A CA   2  
HETATM 234  C CB   . DLE A 1 5 ? -1.180 -3.110 3.614   1.00 0.00 ?  6   DLE A CB   2  
HETATM 235  C CG   . DLE A 1 5 ? -1.453 -4.559 3.211   1.00 0.00 ?  6   DLE A CG   2  
HETATM 236  C CD1  . DLE A 1 5 ? -0.743 -5.496 4.186   1.00 0.00 ?  6   DLE A CD1  2  
HETATM 237  C CD2  . DLE A 1 5 ? -2.959 -4.817 3.255   1.00 0.00 ?  6   DLE A CD2  2  
HETATM 238  C C    . DLE A 1 5 ? 0.650  -1.412 3.716   1.00 0.00 ?  6   DLE A C    2  
HETATM 239  O O    . DLE A 1 5 ? 1.243  -1.558 4.767   1.00 0.00 ?  6   DLE A O    2  
HETATM 240  H H    . DLE A 1 5 ? -1.068 -2.272 1.231   1.00 0.00 ?  6   DLE A H    2  
HETATM 241  H HA   . DLE A 1 5 ? 0.844  -3.421 2.999   1.00 0.00 ?  6   DLE A HA   2  
HETATM 242  H HB2  . DLE A 1 5 ? -1.075 -3.049 4.688   1.00 0.00 ?  6   DLE A HB2  2  
HETATM 243  H HB3  . DLE A 1 5 ? -2.006 -2.490 3.299   1.00 0.00 ?  6   DLE A HB3  2  
HETATM 244  H HG   . DLE A 1 5 ? -1.082 -4.736 2.213   1.00 0.00 ?  6   DLE A HG   2  
HETATM 245  H HD11 . DLE A 1 5 ? 0.312  -5.272 4.190   1.00 0.00 ?  6   DLE A HD11 2  
HETATM 246  H HD12 . DLE A 1 5 ? -0.893 -6.519 3.874   1.00 0.00 ?  6   DLE A HD12 2  
HETATM 247  H HD13 . DLE A 1 5 ? -1.147 -5.357 5.177   1.00 0.00 ?  6   DLE A HD13 2  
HETATM 248  H HD21 . DLE A 1 5 ? -3.220 -5.549 2.504   1.00 0.00 ?  6   DLE A HD21 2  
HETATM 249  H HD22 . DLE A 1 5 ? -3.486 -3.895 3.058   1.00 0.00 ?  6   DLE A HD22 2  
HETATM 250  H HD23 . DLE A 1 5 ? -3.233 -5.188 4.231   1.00 0.00 ?  6   DLE A HD23 2  
HETATM 251  N N    . DSN A 1 6 ? 0.478  -0.222 3.204   1.00 0.00 ?  7   DSN A N    2  
HETATM 252  C CA   . DSN A 1 6 ? 1.009  0.935  3.914   1.00 0.00 ?  7   DSN A CA   2  
HETATM 253  C C    . DSN A 1 6 ? 2.502  0.999  3.618   1.00 0.00 ?  7   DSN A C    2  
HETATM 254  O O    . DSN A 1 6 ? 3.283  1.525  4.388   1.00 0.00 ?  7   DSN A O    2  
HETATM 255  C CB   . DSN A 1 6 ? 0.336  2.252  3.455   1.00 0.00 ?  7   DSN A CB   2  
HETATM 256  O OG   . DSN A 1 6 ? -0.081 2.983  4.598   1.00 0.00 ?  7   DSN A OG   2  
HETATM 257  H H    . DSN A 1 6 ? 0.025  -0.118 2.342   1.00 0.00 ?  7   DSN A H    2  
HETATM 258  H HA   . DSN A 1 6 ? 0.869  0.796  4.986   1.00 0.00 ?  7   DSN A HA   2  
HETATM 259  H HB2  . DSN A 1 6 ? 1.048  2.844  2.896   1.00 0.00 ?  7   DSN A HB2  2  
HETATM 260  H HB3  . DSN A 1 6 ? -0.526 2.050  2.829   1.00 0.00 ?  7   DSN A HB3  2  
HETATM 261  H HG   . DSN A 1 6 ? -0.433 3.826  4.299   1.00 0.00 ?  7   DSN A HG   2  
ATOM   262  N N    . LEU A 1 7 ? 2.901  0.441  2.507   1.00 0.00 ?  8   LEU A N    2  
ATOM   263  C CA   . LEU A 1 7 ? 4.324  0.439  2.163   1.00 0.00 ?  8   LEU A CA   2  
ATOM   264  C C    . LEU A 1 7 ? 4.566  1.350  0.946   1.00 0.00 ?  8   LEU A C    2  
ATOM   265  O O    . LEU A 1 7 ? 5.356  2.272  0.999   1.00 0.00 ?  8   LEU A O    2  
ATOM   266  C CB   . LEU A 1 7 ? 4.761  -1.014 1.847   1.00 0.00 ?  8   LEU A CB   2  
ATOM   267  C CG   . LEU A 1 7 ? 6.285  -1.092 1.714   1.00 0.00 ?  8   LEU A CG   2  
ATOM   268  C CD1  . LEU A 1 7 ? 6.949  -0.558 2.987   1.00 0.00 ?  8   LEU A CD1  2  
ATOM   269  C CD2  . LEU A 1 7 ? 6.690  -2.552 1.506   1.00 0.00 ?  8   LEU A CD2  2  
ATOM   270  H H    . LEU A 1 7 ? 2.230  0.007  1.910   1.00 0.00 ?  8   LEU A H    2  
ATOM   271  H HA   . LEU A 1 7 ? 4.896  0.832  3.006   1.00 0.00 ?  8   LEU A HA   2  
ATOM   272  H HB2  . LEU A 1 7 ? 4.431  -1.691 2.634   1.00 0.00 ?  8   LEU A HB2  2  
ATOM   273  H HB3  . LEU A 1 7 ? 4.310  -1.325 0.921   1.00 0.00 ?  8   LEU A HB3  2  
ATOM   274  H HG   . LEU A 1 7 ? 6.607  -0.508 0.864   1.00 0.00 ?  8   LEU A HG   2  
ATOM   275  H HD11 . LEU A 1 7 ? 6.420  -0.930 3.851   1.00 0.00 ?  8   LEU A HD11 2  
ATOM   276  H HD12 . LEU A 1 7 ? 6.917  0.522  2.983   1.00 0.00 ?  8   LEU A HD12 2  
ATOM   277  H HD13 . LEU A 1 7 ? 7.976  -0.887 3.023   1.00 0.00 ?  8   LEU A HD13 2  
ATOM   278  H HD21 . LEU A 1 7 ? 6.805  -2.746 0.450   1.00 0.00 ?  8   LEU A HD21 2  
ATOM   279  H HD22 . LEU A 1 7 ? 5.923  -3.198 1.909   1.00 0.00 ?  8   LEU A HD22 2  
ATOM   280  H HD23 . LEU A 1 7 ? 7.625  -2.743 2.011   1.00 0.00 ?  8   LEU A HD23 2  
ATOM   281  N N    . ILE A 1 8 ? 3.850  1.135  -0.121  1.00 0.00 ?  9   ILE A N    2  
ATOM   282  C CA   . ILE A 1 8 ? 3.964  1.979  -1.286  1.00 0.00 ?  9   ILE A CA   2  
ATOM   283  C C    . ILE A 1 8 ? 2.614  2.640  -1.340  1.00 0.00 ?  9   ILE A C    2  
ATOM   284  O O    . ILE A 1 8 ? 2.397  3.645  -0.692  1.00 0.00 ?  9   ILE A O    2  
ATOM   285  C CB   . ILE A 1 8 ? 4.179  1.123  -2.540  1.00 0.00 ?  9   ILE A CB   2  
ATOM   286  C CG1  . ILE A 1 8 ? 5.333  0.138  -2.311  1.00 0.00 ?  9   ILE A CG1  2  
ATOM   287  C CG2  . ILE A 1 8 ? 4.506  2.019  -3.740  1.00 0.00 ?  9   ILE A CG2  2  
ATOM   288  C CD1  . ILE A 1 8 ? 5.273  -0.971 -3.362  1.00 0.00 ?  9   ILE A CD1  2  
ATOM   289  H H    . ILE A 1 8 ? 3.179  0.427  -0.123  1.00 0.00 ?  9   ILE A H    2  
ATOM   290  H HA   . ILE A 1 8 ? 4.749  2.712  -1.157  1.00 0.00 ?  9   ILE A HA   2  
ATOM   291  H HB   . ILE A 1 8 ? 3.269  0.568  -2.746  1.00 0.00 ?  9   ILE A HB   2  
ATOM   292  H HG12 . ILE A 1 8 ? 6.274  0.659  -2.391  1.00 0.00 ?  9   ILE A HG12 2  
ATOM   293  H HG13 . ILE A 1 8 ? 5.248  -0.298 -1.327  1.00 0.00 ?  9   ILE A HG13 2  
ATOM   294  H HG21 . ILE A 1 8 ? 3.890  2.907  -3.708  1.00 0.00 ?  9   ILE A HG21 2  
ATOM   295  H HG22 . ILE A 1 8 ? 4.308  1.479  -4.655  1.00 0.00 ?  9   ILE A HG22 2  
ATOM   296  H HG23 . ILE A 1 8 ? 5.548  2.301  -3.709  1.00 0.00 ?  9   ILE A HG23 2  
ATOM   297  H HD11 . ILE A 1 8 ? 4.522  -1.694 -3.080  1.00 0.00 ?  9   ILE A HD11 2  
ATOM   298  H HD12 . ILE A 1 8 ? 6.236  -1.458 -3.426  1.00 0.00 ?  9   ILE A HD12 2  
ATOM   299  H HD13 . ILE A 1 8 ? 5.020  -0.544 -4.321  1.00 0.00 ?  9   ILE A HD13 2  
HETATM 300  C CA   . IG8 B 2 . ? -2.548 0.504  -4.837  1.00 0.00 ?  101 IG8 A CA   2  
HETATM 301  C C    . IG8 B 2 . ? -2.521 -0.500 -3.681  1.00 0.00 ?  101 IG8 A C    2  
HETATM 302  O O    . IG8 B 2 . ? -1.474 -0.818 -3.150  1.00 0.00 ?  101 IG8 A O    2  
HETATM 303  C CB   . IG8 B 2 . ? -1.136 0.668  -5.403  1.00 0.00 ?  101 IG8 A CB   2  
HETATM 304  C CG2  . IG8 B 2 . ? -0.903 -0.364 -6.510  1.00 0.00 ?  101 IG8 A CG2  2  
HETATM 305  O OG1  . IG8 B 2 . ? -0.991 1.977  -5.936  1.00 0.00 ?  101 IG8 A OG1  2  
HETATM 306  C CD   . IG8 B 2 . ? -0.990 -1.775 -5.922  1.00 0.00 ?  101 IG8 A CD   2  
HETATM 307  C CE   . IG8 B 2 . ? -0.330 -2.770 -6.879  1.00 0.00 ?  101 IG8 A CE   2  
HETATM 308  C CZ   . IG8 B 2 . ? 0.009  -4.058 -6.125  1.00 0.00 ?  101 IG8 A CZ   2  
HETATM 309  C CH   . IG8 B 2 . ? -0.229 -5.263 -7.037  1.00 0.00 ?  101 IG8 A CH   2  
HETATM 310  C CI   . IG8 B 2 . ? 1.802  -6.721 -6.997  1.00 0.00 ?  101 IG8 A CI   2  
HETATM 311  C CT   . IG8 B 2 . ? 0.404  -6.509 -6.412  1.00 0.00 ?  101 IG8 A CT   2  
HETATM 312  H HA1  . IG8 B 2 . ? -2.904 1.457  -4.479  1.00 0.00 ?  101 IG8 A HA1  2  
HETATM 313  H HA2  . IG8 B 2 . ? -3.206 0.139  -5.611  1.00 0.00 ?  101 IG8 A HA2  2  
HETATM 314  H HB   . IG8 B 2 . ? -0.412 0.516  -4.618  1.00 0.00 ?  101 IG8 A HB   2  
HETATM 315  H HG21 . IG8 B 2 . ? 0.075  -0.217 -6.941  1.00 0.00 ?  101 IG8 A HG21 2  
HETATM 316  H HG22 . IG8 B 2 . ? -1.656 -0.246 -7.276  1.00 0.00 ?  101 IG8 A HG22 2  
HETATM 317  H HG1  . IG8 B 2 . ? -0.135 2.029  -6.366  1.00 0.00 ?  101 IG8 A HG1  2  
HETATM 318  H HD1  . IG8 B 2 . ? -2.027 -2.045 -5.785  1.00 0.00 ?  101 IG8 A HD1  2  
HETATM 319  H HD2  . IG8 B 2 . ? -0.483 -1.800 -4.969  1.00 0.00 ?  101 IG8 A HD2  2  
HETATM 320  H HE1  . IG8 B 2 . ? 0.576  -2.340 -7.277  1.00 0.00 ?  101 IG8 A HE1  2  
HETATM 321  H HE2  . IG8 B 2 . ? -1.009 -2.993 -7.689  1.00 0.00 ?  101 IG8 A HE2  2  
HETATM 322  H HZ1  . IG8 B 2 . ? -0.621 -4.140 -5.252  1.00 0.00 ?  101 IG8 A HZ1  2  
HETATM 323  H HZ2  . IG8 B 2 . ? 1.045  -4.034 -5.820  1.00 0.00 ?  101 IG8 A HZ2  2  
HETATM 324  H HH1  . IG8 B 2 . ? 0.220  -5.079 -8.001  1.00 0.00 ?  101 IG8 A HH1  2  
HETATM 325  H HH2  . IG8 B 2 . ? -1.291 -5.420 -7.157  1.00 0.00 ?  101 IG8 A HH2  2  
HETATM 326  H HI2  . IG8 B 2 . ? 2.253  -5.763 -7.207  1.00 0.00 ?  101 IG8 A HI2  2  
HETATM 327  H HI3  . IG8 B 2 . ? 1.727  -7.293 -7.910  1.00 0.00 ?  101 IG8 A HI3  2  
HETATM 328  H HI1  . IG8 B 2 . ? 2.411  -7.258 -6.285  1.00 0.00 ?  101 IG8 A HI1  2  
HETATM 329  H HT1  . IG8 B 2 . ? -0.210 -7.371 -6.629  1.00 0.00 ?  101 IG8 A HT1  2  
HETATM 330  H HT2  . IG8 B 2 . ? 0.475  -6.378 -5.342  1.00 0.00 ?  101 IG8 A HT2  2  
HETATM 331  N N    . DLE A 1 1 ? -3.656 -1.021 -3.301  1.00 0.00 ?  2   DLE A N    3  
HETATM 332  C CA   . DLE A 1 1 ? -3.671 -1.982 -2.213  1.00 0.00 ?  2   DLE A CA   3  
HETATM 333  C CB   . DLE A 1 1 ? -5.048 -2.660 -2.135  1.00 0.00 ?  2   DLE A CB   3  
HETATM 334  C CG   . DLE A 1 1 ? -6.094 -1.687 -1.578  1.00 0.00 ?  2   DLE A CG   3  
HETATM 335  C CD1  . DLE A 1 1 ? -7.468 -2.030 -2.160  1.00 0.00 ?  2   DLE A CD1  3  
HETATM 336  C CD2  . DLE A 1 1 ? -6.141 -1.808 -0.051  1.00 0.00 ?  2   DLE A CD2  3  
HETATM 337  C C    . DLE A 1 1 ? -3.354 -1.266 -0.894  1.00 0.00 ?  2   DLE A C    3  
HETATM 338  O O    . DLE A 1 1 ? -2.711 -1.816 -0.021  1.00 0.00 ?  2   DLE A O    3  
HETATM 339  H H1   . DLE A 1 1 ? -4.482 -0.818 -3.787  1.00 0.00 ?  2   DLE A H1   3  
HETATM 340  H HA   . DLE A 1 1 ? -2.918 -2.733 -2.396  1.00 0.00 ?  2   DLE A HA   3  
HETATM 341  H HB2  . DLE A 1 1 ? -4.984 -3.523 -1.489  1.00 0.00 ?  2   DLE A HB2  3  
HETATM 342  H HB3  . DLE A 1 1 ? -5.345 -2.976 -3.124  1.00 0.00 ?  2   DLE A HB3  3  
HETATM 343  H HG   . DLE A 1 1 ? -5.830 -0.678 -1.851  1.00 0.00 ?  2   DLE A HG   3  
HETATM 344  H HD11 . DLE A 1 1 ? -8.185 -1.285 -1.849  1.00 0.00 ?  2   DLE A HD11 3  
HETATM 345  H HD12 . DLE A 1 1 ? -7.778 -3.000 -1.803  1.00 0.00 ?  2   DLE A HD12 3  
HETATM 346  H HD13 . DLE A 1 1 ? -7.408 -2.044 -3.238  1.00 0.00 ?  2   DLE A HD13 3  
HETATM 347  H HD21 . DLE A 1 1 ? -6.196 -0.822 0.386   1.00 0.00 ?  2   DLE A HD21 3  
HETATM 348  H HD22 . DLE A 1 1 ? -5.247 -2.306 0.299   1.00 0.00 ?  2   DLE A HD22 3  
HETATM 349  H HD23 . DLE A 1 1 ? -7.008 -2.380 0.239   1.00 0.00 ?  2   DLE A HD23 3  
HETATM 350  N N    . DGL A 1 2 ? -3.794 -0.041 -0.745  1.00 0.00 ?  3   DGL A N    3  
HETATM 351  C CA   . DGL A 1 2 ? -3.513 0.683  0.482   1.00 0.00 ?  3   DGL A CA   3  
HETATM 352  C C    . DGL A 1 2 ? -2.093 1.171  0.449   1.00 0.00 ?  3   DGL A C    3  
HETATM 353  O O    . DGL A 1 2 ? -1.420 1.129  1.456   1.00 0.00 ?  3   DGL A O    3  
HETATM 354  C CB   . DGL A 1 2 ? -4.481 1.857  0.646   1.00 0.00 ?  3   DGL A CB   3  
HETATM 355  C CG   . DGL A 1 2 ? -4.711 2.126  2.134   1.00 0.00 ?  3   DGL A CG   3  
HETATM 356  C CD   . DGL A 1 2 ? -5.846 3.138  2.300   1.00 0.00 ?  3   DGL A CD   3  
HETATM 357  O OE1  . DGL A 1 2 ? -5.940 4.034  1.478   1.00 0.00 ?  3   DGL A OE1  3  
HETATM 358  O OE2  . DGL A 1 2 ? -6.602 3.000  3.248   1.00 0.00 -1 3   DGL A OE2  3  
HETATM 359  H H    . DGL A 1 2 ? -4.304 0.389  -1.462  1.00 0.00 ?  3   DGL A H    3  
HETATM 360  H HA   . DGL A 1 2 ? -3.591 0.016  1.325   1.00 0.00 ?  3   DGL A HA   3  
HETATM 361  H HB2  . DGL A 1 2 ? -4.061 2.737  0.180   1.00 0.00 ?  3   DGL A HB2  3  
HETATM 362  H HB3  . DGL A 1 2 ? -5.422 1.614  0.176   1.00 0.00 ?  3   DGL A HB3  3  
HETATM 363  H HG2  . DGL A 1 2 ? -4.975 1.203  2.630   1.00 0.00 ?  3   DGL A HG2  3  
HETATM 364  H HG3  . DGL A 1 2 ? -3.808 2.525  2.571   1.00 0.00 ?  3   DGL A HG3  3  
HETATM 365  N N    . 2TL A 1 3 ? -1.571 1.545  -0.686  1.00 0.00 ?  4   2TL A N    3  
HETATM 366  C CA   . 2TL A 1 3 ? -0.191 1.896  -0.668  1.00 0.00 ?  4   2TL A CA   3  
HETATM 367  C CB   . 2TL A 1 3 ? 0.324  2.375  -2.026  1.00 0.00 ?  4   2TL A CB   3  
HETATM 368  O OG1  . 2TL A 1 3 ? 1.657  1.925  -2.037  1.00 0.00 ?  4   2TL A OG1  3  
HETATM 369  C CG2  . 2TL A 1 3 ? 0.260  3.902  -2.113  1.00 0.00 ?  4   2TL A CG2  3  
HETATM 370  C C    . 2TL A 1 3 ? 0.504  0.573  -0.340  1.00 0.00 ?  4   2TL A C    3  
HETATM 371  O O    . 2TL A 1 3 ? 1.488  0.504  0.364   1.00 0.00 ?  4   2TL A O    3  
HETATM 372  H H    . 2TL A 1 3 ? -2.070 1.502  -1.523  1.00 0.00 ?  4   2TL A H    3  
HETATM 373  H HA   . 2TL A 1 3 ? 0.001  2.635  0.099   1.00 0.00 ?  4   2TL A HA   3  
HETATM 374  H HB   . 2TL A 1 3 ? -0.238 1.913  -2.828  1.00 0.00 ?  4   2TL A HB   3  
HETATM 375  H HG21 . 2TL A 1 3 ? 1.082  4.259  -2.716  1.00 0.00 ?  4   2TL A HG21 3  
HETATM 376  H HG22 . 2TL A 1 3 ? 0.342  4.315  -1.117  1.00 0.00 ?  4   2TL A HG22 3  
HETATM 377  H HG23 . 2TL A 1 3 ? -0.676 4.208  -2.555  1.00 0.00 ?  4   2TL A HG23 3  
ATOM   378  N N    . LEU A 1 4 ? -0.050 -0.478 -0.901  1.00 0.00 ?  5   LEU A N    3  
ATOM   379  C CA   . LEU A 1 4 ? 0.461  -1.811 -0.737  1.00 0.00 ?  5   LEU A CA   3  
ATOM   380  C C    . LEU A 1 4 ? 0.847  -2.093 0.726   1.00 0.00 ?  5   LEU A C    3  
ATOM   381  O O    . LEU A 1 4 ? 2.008  -2.148 1.083   1.00 0.00 ?  5   LEU A O    3  
ATOM   382  C CB   . LEU A 1 4 ? 1.632  -1.929 -1.692  1.00 0.00 ?  5   LEU A CB   3  
ATOM   383  C CG   . LEU A 1 4 ? 2.442  -3.195 -1.408  1.00 0.00 ?  5   LEU A CG   3  
ATOM   384  C CD1  . LEU A 1 4 ? 2.630  -3.988 -2.705  1.00 0.00 ?  5   LEU A CD1  3  
ATOM   385  C CD2  . LEU A 1 4 ? 3.803  -2.789 -0.854  1.00 0.00 ?  5   LEU A CD2  3  
ATOM   386  H H    . LEU A 1 4 ? -0.817 -0.350 -1.475  1.00 0.00 ?  5   LEU A H    3  
ATOM   387  H HA   . LEU A 1 4 ? -0.299 -2.520 -1.035  1.00 0.00 ?  5   LEU A HA   3  
ATOM   388  H HB2  . LEU A 1 4 ? 1.249  -1.961 -2.702  1.00 0.00 ?  5   LEU A HB2  3  
ATOM   389  H HB3  . LEU A 1 4 ? 2.253  -1.053 -1.582  1.00 0.00 ?  5   LEU A HB3  3  
ATOM   390  H HG   . LEU A 1 4 ? 1.924  -3.805 -0.683  1.00 0.00 ?  5   LEU A HG   3  
ATOM   391  H HD11 . LEU A 1 4 ? 3.524  -3.649 -3.208  1.00 0.00 ?  5   LEU A HD11 3  
ATOM   392  H HD12 . LEU A 1 4 ? 1.775  -3.837 -3.346  1.00 0.00 ?  5   LEU A HD12 3  
ATOM   393  H HD13 . LEU A 1 4 ? 2.725  -5.038 -2.473  1.00 0.00 ?  5   LEU A HD13 3  
ATOM   394  H HD21 . LEU A 1 4 ? 3.897  -1.713 -0.905  1.00 0.00 ?  5   LEU A HD21 3  
ATOM   395  H HD22 . LEU A 1 4 ? 4.585  -3.248 -1.437  1.00 0.00 ?  5   LEU A HD22 3  
ATOM   396  H HD23 . LEU A 1 4 ? 3.879  -3.107 0.174   1.00 0.00 ?  5   LEU A HD23 3  
HETATM 397  N N    . DLE A 1 5 ? -0.143 -2.305 1.561   1.00 0.00 ?  6   DLE A N    3  
HETATM 398  C CA   . DLE A 1 5 ? 0.106  -2.619 2.961   1.00 0.00 ?  6   DLE A CA   3  
HETATM 399  C CB   . DLE A 1 5 ? -1.194 -3.093 3.619   1.00 0.00 ?  6   DLE A CB   3  
HETATM 400  C CG   . DLE A 1 5 ? -1.467 -4.545 3.226   1.00 0.00 ?  6   DLE A CG   3  
HETATM 401  C CD1  . DLE A 1 5 ? -0.770 -5.475 4.216   1.00 0.00 ?  6   DLE A CD1  3  
HETATM 402  C CD2  . DLE A 1 5 ? -2.974 -4.801 3.254   1.00 0.00 ?  6   DLE A CD2  3  
HETATM 403  C C    . DLE A 1 5 ? 0.638  -1.398 3.720   1.00 0.00 ?  6   DLE A C    3  
HETATM 404  O O    . DLE A 1 5 ? 1.225  -1.538 4.776   1.00 0.00 ?  6   DLE A O    3  
HETATM 405  H H    . DLE A 1 5 ? -1.065 -2.275 1.231   1.00 0.00 ?  6   DLE A H    3  
HETATM 406  H HA   . DLE A 1 5 ? 0.833  -3.413 3.018   1.00 0.00 ?  6   DLE A HA   3  
HETATM 407  H HB2  . DLE A 1 5 ? -1.098 -3.023 4.693   1.00 0.00 ?  6   DLE A HB2  3  
HETATM 408  H HB3  . DLE A 1 5 ? -2.017 -2.475 3.293   1.00 0.00 ?  6   DLE A HB3  3  
HETATM 409  H HG   . DLE A 1 5 ? -1.085 -4.733 2.233   1.00 0.00 ?  6   DLE A HG   3  
HETATM 410  H HD11 . DLE A 1 5 ? -0.806 -6.488 3.845   1.00 0.00 ?  6   DLE A HD11 3  
HETATM 411  H HD12 . DLE A 1 5 ? -1.270 -5.422 5.172   1.00 0.00 ?  6   DLE A HD12 3  
HETATM 412  H HD13 . DLE A 1 5 ? 0.259  -5.170 4.329   1.00 0.00 ?  6   DLE A HD13 3  
HETATM 413  H HD21 . DLE A 1 5 ? -3.497 -3.877 3.052   1.00 0.00 ?  6   DLE A HD21 3  
HETATM 414  H HD22 . DLE A 1 5 ? -3.258 -5.170 4.228   1.00 0.00 ?  6   DLE A HD22 3  
HETATM 415  H HD23 . DLE A 1 5 ? -3.229 -5.532 2.503   1.00 0.00 ?  6   DLE A HD23 3  
HETATM 416  N N    . DSN A 1 6 ? 0.471  -0.212 3.199   1.00 0.00 ?  7   DSN A N    3  
HETATM 417  C CA   . DSN A 1 6 ? 1.000  0.950  3.904   1.00 0.00 ?  7   DSN A CA   3  
HETATM 418  C C    . DSN A 1 6 ? 2.495  1.012  3.612   1.00 0.00 ?  7   DSN A C    3  
HETATM 419  O O    . DSN A 1 6 ? 3.272  1.544  4.381   1.00 0.00 ?  7   DSN A O    3  
HETATM 420  C CB   . DSN A 1 6 ? 0.328  2.263  3.436   1.00 0.00 ?  7   DSN A CB   3  
HETATM 421  O OG   . DSN A 1 6 ? -0.090 3.003  4.574   1.00 0.00 ?  7   DSN A OG   3  
HETATM 422  H H    . DSN A 1 6 ? 0.024  -0.113 2.334   1.00 0.00 ?  7   DSN A H    3  
HETATM 423  H HA   . DSN A 1 6 ? 0.857  0.817  4.977   1.00 0.00 ?  7   DSN A HA   3  
HETATM 424  H HB2  . DSN A 1 6 ? 1.042  2.851  2.873   1.00 0.00 ?  7   DSN A HB2  3  
HETATM 425  H HB3  . DSN A 1 6 ? -0.532 2.056  2.810   1.00 0.00 ?  7   DSN A HB3  3  
HETATM 426  H HG   . DSN A 1 6 ? 0.197  3.913  4.458   1.00 0.00 ?  7   DSN A HG   3  
ATOM   427  N N    . LEU A 1 7 ? 2.898  0.447  2.507   1.00 0.00 ?  8   LEU A N    3  
ATOM   428  C CA   . LEU A 1 7 ? 4.321  0.444  2.167   1.00 0.00 ?  8   LEU A CA   3  
ATOM   429  C C    . LEU A 1 7 ? 4.565  1.349  0.945   1.00 0.00 ?  8   LEU A C    3  
ATOM   430  O O    . LEU A 1 7 ? 5.355  2.272  0.998   1.00 0.00 ?  8   LEU A O    3  
ATOM   431  C CB   . LEU A 1 7 ? 4.759  -1.010 1.861   1.00 0.00 ?  8   LEU A CB   3  
ATOM   432  C CG   . LEU A 1 7 ? 6.285  -1.091 1.734   1.00 0.00 ?  8   LEU A CG   3  
ATOM   433  C CD1  . LEU A 1 7 ? 6.945  -0.542 3.002   1.00 0.00 ?  8   LEU A CD1  3  
ATOM   434  C CD2  . LEU A 1 7 ? 6.690  -2.553 1.543   1.00 0.00 ?  8   LEU A CD2  3  
ATOM   435  H H    . LEU A 1 7 ? 2.228  0.008  1.911   1.00 0.00 ?  8   LEU A H    3  
ATOM   436  H HA   . LEU A 1 7 ? 4.891  0.842  3.009   1.00 0.00 ?  8   LEU A HA   3  
ATOM   437  H HB2  . LEU A 1 7 ? 4.426  -1.684 2.650   1.00 0.00 ?  8   LEU A HB2  3  
ATOM   438  H HB3  . LEU A 1 7 ? 4.312  -1.325 0.934   1.00 0.00 ?  8   LEU A HB3  3  
ATOM   439  H HG   . LEU A 1 7 ? 6.610  -0.516 0.878   1.00 0.00 ?  8   LEU A HG   3  
ATOM   440  H HD11 . LEU A 1 7 ? 6.400  -0.888 3.869   1.00 0.00 ?  8   LEU A HD11 3  
ATOM   441  H HD12 . LEU A 1 7 ? 6.932  0.537  2.977   1.00 0.00 ?  8   LEU A HD12 3  
ATOM   442  H HD13 . LEU A 1 7 ? 7.965  -0.890 3.057   1.00 0.00 ?  8   LEU A HD13 3  
ATOM   443  H HD21 . LEU A 1 7 ? 7.620  -2.741 2.059   1.00 0.00 ?  8   LEU A HD21 3  
ATOM   444  H HD22 . LEU A 1 7 ? 6.815  -2.757 0.490   1.00 0.00 ?  8   LEU A HD22 3  
ATOM   445  H HD23 . LEU A 1 7 ? 5.918  -3.194 1.945   1.00 0.00 ?  8   LEU A HD23 3  
ATOM   446  N N    . ILE A 1 8 ? 3.853  1.128  -0.123  1.00 0.00 ?  9   ILE A N    3  
ATOM   447  C CA   . ILE A 1 8 ? 3.970  1.968  -1.291  1.00 0.00 ?  9   ILE A CA   3  
ATOM   448  C C    . ILE A 1 8 ? 2.619  2.630  -1.351  1.00 0.00 ?  9   ILE A C    3  
ATOM   449  O O    . ILE A 1 8 ? 2.404  3.641  -0.713  1.00 0.00 ?  9   ILE A O    3  
ATOM   450  C CB   . ILE A 1 8 ? 4.187  1.105  -2.543  1.00 0.00 ?  9   ILE A CB   3  
ATOM   451  C CG1  . ILE A 1 8 ? 5.340  0.123  -2.306  1.00 0.00 ?  9   ILE A CG1  3  
ATOM   452  C CG2  . ILE A 1 8 ? 4.514  1.996  -3.745  1.00 0.00 ?  9   ILE A CG2  3  
ATOM   453  C CD1  . ILE A 1 8 ? 5.283  -0.990 -3.356  1.00 0.00 ?  9   ILE A CD1  3  
ATOM   454  H H    . ILE A 1 8 ? 3.183  0.420  -0.123  1.00 0.00 ?  9   ILE A H    3  
ATOM   455  H HA   . ILE A 1 8 ? 4.754  2.700  -1.164  1.00 0.00 ?  9   ILE A HA   3  
ATOM   456  H HB   . ILE A 1 8 ? 3.278  0.550  -2.747  1.00 0.00 ?  9   ILE A HB   3  
ATOM   457  H HG12 . ILE A 1 8 ? 6.281  0.643  -2.387  1.00 0.00 ?  9   ILE A HG12 3  
ATOM   458  H HG13 . ILE A 1 8 ? 5.254  -0.311 -1.323  1.00 0.00 ?  9   ILE A HG13 3  
ATOM   459  H HG21 . ILE A 1 8 ? 4.326  1.450  -4.657  1.00 0.00 ?  9   ILE A HG21 3  
ATOM   460  H HG22 . ILE A 1 8 ? 5.555  2.286  -3.710  1.00 0.00 ?  9   ILE A HG22 3  
ATOM   461  H HG23 . ILE A 1 8 ? 3.892  2.880  -3.722  1.00 0.00 ?  9   ILE A HG23 3  
ATOM   462  H HD11 . ILE A 1 8 ? 4.265  -1.110 -3.697  1.00 0.00 ?  9   ILE A HD11 3  
ATOM   463  H HD12 . ILE A 1 8 ? 5.628  -1.915 -2.918  1.00 0.00 ?  9   ILE A HD12 3  
ATOM   464  H HD13 . ILE A 1 8 ? 5.915  -0.729 -4.192  1.00 0.00 ?  9   ILE A HD13 3  
HETATM 465  C CA   . IG8 B 2 . ? -2.582 0.567  -4.793  1.00 0.00 ?  101 IG8 A CA   3  
HETATM 466  C C    . IG8 B 2 . ? -2.537 -0.432 -3.635  1.00 0.00 ?  101 IG8 A C    3  
HETATM 467  O O    . IG8 B 2 . ? -1.498 -0.670 -3.049  1.00 0.00 ?  101 IG8 A O    3  
HETATM 468  C CB   . IG8 B 2 . ? -1.157 0.864  -5.267  1.00 0.00 ?  101 IG8 A CB   3  
HETATM 469  C CG2  . IG8 B 2 . ? -0.774 -0.110 -6.383  1.00 0.00 ?  101 IG8 A CG2  3  
HETATM 470  O OG1  . IG8 B 2 . ? -1.092 2.197  -5.756  1.00 0.00 ?  101 IG8 A OG1  3  
HETATM 471  C CD   . IG8 B 2 . ? -0.748 -1.538 -5.830  1.00 0.00 ?  101 IG8 A CD   3  
HETATM 472  C CE   . IG8 B 2 . ? 0.196  -2.395 -6.678  1.00 0.00 ?  101 IG8 A CE   3  
HETATM 473  C CZ   . IG8 B 2 . ? 0.640  -3.616 -5.869  1.00 0.00 ?  101 IG8 A CZ   3  
HETATM 474  C CH   . IG8 B 2 . ? 0.908  -4.786 -6.818  1.00 0.00 ?  101 IG8 A CH   3  
HETATM 475  C CI   . IG8 B 2 . ? 1.850  -7.094 -6.652  1.00 0.00 ?  101 IG8 A CI   3  
HETATM 476  C CT   . IG8 B 2 . ? 2.067  -5.628 -6.278  1.00 0.00 ?  101 IG8 A CT   3  
HETATM 477  H HA1  . IG8 B 2 . ? -3.048 1.482  -4.462  1.00 0.00 ?  101 IG8 A HA1  3  
HETATM 478  H HA2  . IG8 B 2 . ? -3.151 0.145  -5.608  1.00 0.00 ?  101 IG8 A HA2  3  
HETATM 479  H HB   . IG8 B 2 . ? -0.471 0.748  -4.443  1.00 0.00 ?  101 IG8 A HB   3  
HETATM 480  H HG21 . IG8 B 2 . ? 0.203  0.144  -6.763  1.00 0.00 ?  101 IG8 A HG21 3  
HETATM 481  H HG22 . IG8 B 2 . ? -1.500 -0.046 -7.181  1.00 0.00 ?  101 IG8 A HG22 3  
HETATM 482  H HG1  . IG8 B 2 . ? -1.112 2.790  -5.002  1.00 0.00 ?  101 IG8 A HG1  3  
HETATM 483  H HD1  . IG8 B 2 . ? -1.741 -1.957 -5.867  1.00 0.00 ?  101 IG8 A HD1  3  
HETATM 484  H HD2  . IG8 B 2 . ? -0.399 -1.521 -4.808  1.00 0.00 ?  101 IG8 A HD2  3  
HETATM 485  H HE1  . IG8 B 2 . ? 1.062  -1.813 -6.953  1.00 0.00 ?  101 IG8 A HE1  3  
HETATM 486  H HE2  . IG8 B 2 . ? -0.320 -2.722 -7.570  1.00 0.00 ?  101 IG8 A HE2  3  
HETATM 487  H HZ1  . IG8 B 2 . ? -0.138 -3.891 -5.174  1.00 0.00 ?  101 IG8 A HZ1  3  
HETATM 488  H HZ2  . IG8 B 2 . ? 1.542  -3.378 -5.325  1.00 0.00 ?  101 IG8 A HZ2  3  
HETATM 489  H HH1  . IG8 B 2 . ? 1.166  -4.406 -7.795  1.00 0.00 ?  101 IG8 A HH1  3  
HETATM 490  H HH2  . IG8 B 2 . ? 0.021  -5.399 -6.893  1.00 0.00 ?  101 IG8 A HH2  3  
HETATM 491  H HI2  . IG8 B 2 . ? 1.247  -7.154 -7.545  1.00 0.00 ?  101 IG8 A HI2  3  
HETATM 492  H HI3  . IG8 B 2 . ? 1.348  -7.602 -5.843  1.00 0.00 ?  101 IG8 A HI3  3  
HETATM 493  H HI1  . IG8 B 2 . ? 2.807  -7.564 -6.833  1.00 0.00 ?  101 IG8 A HI1  3  
HETATM 494  H HT1  . IG8 B 2 . ? 2.109  -5.534 -5.203  1.00 0.00 ?  101 IG8 A HT1  3  
HETATM 495  H HT2  . IG8 B 2 . ? 2.995  -5.278 -6.708  1.00 0.00 ?  101 IG8 A HT2  3  
HETATM 496  N N    . DLE A 1 1 ? -3.438 -0.788 -3.255  1.00 0.00 ?  2   DLE A N    4  
HETATM 497  C CA   . DLE A 1 1 ? -4.010 -1.619 -2.216  1.00 0.00 ?  2   DLE A CA   4  
HETATM 498  C CB   . DLE A 1 1 ? -5.545 -1.676 -2.397  1.00 0.00 ?  2   DLE A CB   4  
HETATM 499  C CG   . DLE A 1 1 ? -6.274 -1.523 -1.059  1.00 0.00 ?  2   DLE A CG   4  
HETATM 500  C CD1  . DLE A 1 1 ? -7.784 -1.515 -1.302  1.00 0.00 ?  2   DLE A CD1  4  
HETATM 501  C CD2  . DLE A 1 1 ? -5.913 -2.691 -0.137  1.00 0.00 ?  2   DLE A CD2  4  
HETATM 502  C C    . DLE A 1 1 ? -3.616 -1.031 -0.855  1.00 0.00 ?  2   DLE A C    4  
HETATM 503  O O    . DLE A 1 1 ? -2.998 -1.693 -0.044  1.00 0.00 ?  2   DLE A O    4  
HETATM 504  H H1   . DLE A 1 1 ? -3.771 0.125  -3.384  1.00 0.00 ?  2   DLE A H1   4  
HETATM 505  H HA   . DLE A 1 1 ? -3.607 -2.618 -2.301  1.00 0.00 ?  2   DLE A HA   4  
HETATM 506  H HB2  . DLE A 1 1 ? -5.812 -2.626 -2.837  1.00 0.00 ?  2   DLE A HB2  4  
HETATM 507  H HB3  . DLE A 1 1 ? -5.857 -0.883 -3.060  1.00 0.00 ?  2   DLE A HB3  4  
HETATM 508  H HG   . DLE A 1 1 ? -5.982 -0.592 -0.599  1.00 0.00 ?  2   DLE A HG   4  
HETATM 509  H HD11 . DLE A 1 1 ? -8.009 -2.092 -2.187  1.00 0.00 ?  2   DLE A HD11 4  
HETATM 510  H HD12 . DLE A 1 1 ? -8.121 -0.499 -1.439  1.00 0.00 ?  2   DLE A HD12 4  
HETATM 511  H HD13 . DLE A 1 1 ? -8.288 -1.950 -0.451  1.00 0.00 ?  2   DLE A HD13 4  
HETATM 512  H HD21 . DLE A 1 1 ? -6.662 -3.465 -0.226  1.00 0.00 ?  2   DLE A HD21 4  
HETATM 513  H HD22 . DLE A 1 1 ? -5.874 -2.345 0.885   1.00 0.00 ?  2   DLE A HD22 4  
HETATM 514  H HD23 . DLE A 1 1 ? -4.950 -3.090 -0.419  1.00 0.00 ?  2   DLE A HD23 4  
HETATM 515  N N    . DGL A 1 2 ? -3.964 0.204  -0.600  1.00 0.00 ?  3   DGL A N    4  
HETATM 516  C CA   . DGL A 1 2 ? -3.609 0.806  0.673   1.00 0.00 ?  3   DGL A CA   4  
HETATM 517  C C    . DGL A 1 2 ? -2.210 1.366  0.609   1.00 0.00 ?  3   DGL A C    4  
HETATM 518  O O    . DGL A 1 2 ? -1.574 1.519  1.631   1.00 0.00 ?  3   DGL A O    4  
HETATM 519  C CB   . DGL A 1 2 ? -4.607 1.904  1.040   1.00 0.00 ?  3   DGL A CB   4  
HETATM 520  C CG   . DGL A 1 2 ? -4.624 2.094  2.559   1.00 0.00 ?  3   DGL A CG   4  
HETATM 521  C CD   . DGL A 1 2 ? -5.980 2.656  2.989   1.00 0.00 ?  3   DGL A CD   4  
HETATM 522  O OE1  . DGL A 1 2 ? -6.048 3.842  3.264   1.00 0.00 ?  3   DGL A OE1  4  
HETATM 523  O OE2  . DGL A 1 2 ? -6.929 1.890  3.035   1.00 0.00 -1 3   DGL A OE2  4  
HETATM 524  H H    . DGL A 1 2 ? -4.465 0.720  -1.267  1.00 0.00 ?  3   DGL A H    4  
HETATM 525  H HA   . DGL A 1 2 ? -3.600 0.047  1.441   1.00 0.00 ?  3   DGL A HA   4  
HETATM 526  H HB2  . DGL A 1 2 ? -4.315 2.829  0.565   1.00 0.00 ?  3   DGL A HB2  4  
HETATM 527  H HB3  . DGL A 1 2 ? -5.593 1.622  0.705   1.00 0.00 ?  3   DGL A HB3  4  
HETATM 528  H HG2  . DGL A 1 2 ? -4.457 1.142  3.042   1.00 0.00 ?  3   DGL A HG2  4  
HETATM 529  H HG3  . DGL A 1 2 ? -3.844 2.784  2.844   1.00 0.00 ?  3   DGL A HG3  4  
HETATM 530  N N    . 2TL A 1 3 ? -1.662 1.592  -0.552  1.00 0.00 ?  4   2TL A N    4  
HETATM 531  C CA   . 2TL A 1 3 ? -0.308 2.015  -0.555  1.00 0.00 ?  4   2TL A CA   4  
HETATM 532  C CB   . 2TL A 1 3 ? 0.162  2.511  -1.923  1.00 0.00 ?  4   2TL A CB   4  
HETATM 533  O OG1  . 2TL A 1 3 ? 1.521  2.147  -1.953  1.00 0.00 ?  4   2TL A OG1  4  
HETATM 534  C CG2  . 2TL A 1 3 ? -0.003 4.033  -2.028  1.00 0.00 ?  4   2TL A CG2  4  
HETATM 535  C C    . 2TL A 1 3 ? 0.454  0.738  -0.217  1.00 0.00 ?  4   2TL A C    4  
HETATM 536  O O    . 2TL A 1 3 ? 1.374  0.721  0.569   1.00 0.00 ?  4   2TL A O    4  
HETATM 537  H H    . 2TL A 1 3 ? -2.120 1.395  -1.387  1.00 0.00 ?  4   2TL A H    4  
HETATM 538  H HA   . 2TL A 1 3 ? -0.144 2.766  0.205   1.00 0.00 ?  4   2TL A HA   4  
HETATM 539  H HB   . 2TL A 1 3 ? -0.380 2.006  -2.713  1.00 0.00 ?  4   2TL A HB   4  
HETATM 540  H HG21 . 2TL A 1 3 ? 0.761  4.432  -2.679  1.00 0.00 ?  4   2TL A HG21 4  
HETATM 541  H HG22 . 2TL A 1 3 ? 0.100  4.469  -1.045  1.00 0.00 ?  4   2TL A HG22 4  
HETATM 542  H HG23 . 2TL A 1 3 ? -0.979 4.270  -2.425  1.00 0.00 ?  4   2TL A HG23 4  
ATOM   543  N N    . LEU A 1 4 ? 0.047  -0.337 -0.855  1.00 0.00 ?  5   LEU A N    4  
ATOM   544  C CA   . LEU A 1 4 ? 0.667  -1.617 -0.665  1.00 0.00 ?  5   LEU A CA   4  
ATOM   545  C C    . LEU A 1 4 ? 0.860  -1.931 0.829   1.00 0.00 ?  5   LEU A C    4  
ATOM   546  O O    . LEU A 1 4 ? 1.949  -1.861 1.362   1.00 0.00 ?  5   LEU A O    4  
ATOM   547  C CB   . LEU A 1 4 ? 1.970  -1.547 -1.413  1.00 0.00 ?  5   LEU A CB   4  
ATOM   548  C CG   . LEU A 1 4 ? 2.821  -2.793 -1.185  1.00 0.00 ?  5   LEU A CG   4  
ATOM   549  C CD1  . LEU A 1 4 ? 2.004  -4.062 -1.454  1.00 0.00 ?  5   LEU A CD1  4  
ATOM   550  C CD2  . LEU A 1 4 ? 3.987  -2.731 -2.159  1.00 0.00 ?  5   LEU A CD2  4  
ATOM   551  H H    . LEU A 1 4 ? -0.672 -0.262 -1.501  1.00 0.00 ?  5   LEU A H    4  
ATOM   552  H HA   . LEU A 1 4 ? 0.049  -2.383 -1.108  1.00 0.00 ?  5   LEU A HA   4  
ATOM   553  H HB2  . LEU A 1 4 ? 1.753  -1.452 -2.468  1.00 0.00 ?  5   LEU A HB2  4  
ATOM   554  H HB3  . LEU A 1 4 ? 2.500  -0.670 -1.088  1.00 0.00 ?  5   LEU A HB3  4  
ATOM   555  H HG   . LEU A 1 4 ? 3.189  -2.806 -0.170  1.00 0.00 ?  5   LEU A HG   4  
ATOM   556  H HD11 . LEU A 1 4 ? 1.374  -4.274 -0.604  1.00 0.00 ?  5   LEU A HD11 4  
ATOM   557  H HD12 . LEU A 1 4 ? 2.675  -4.893 -1.617  1.00 0.00 ?  5   LEU A HD12 4  
ATOM   558  H HD13 . LEU A 1 4 ? 1.392  -3.918 -2.333  1.00 0.00 ?  5   LEU A HD13 4  
ATOM   559  H HD21 . LEU A 1 4 ? 4.215  -3.721 -2.516  1.00 0.00 ?  5   LEU A HD21 4  
ATOM   560  H HD22 . LEU A 1 4 ? 4.849  -2.313 -1.661  1.00 0.00 ?  5   LEU A HD22 4  
ATOM   561  H HD23 . LEU A 1 4 ? 3.709  -2.099 -2.992  1.00 0.00 ?  5   LEU A HD23 4  
HETATM 562  N N    . DLE A 1 5 ? -0.211 -2.304 1.490   1.00 0.00 ?  6   DLE A N    4  
HETATM 563  C CA   . DLE A 1 5 ? -0.146 -2.656 2.903   1.00 0.00 ?  6   DLE A CA   4  
HETATM 564  C CB   . DLE A 1 5 ? -1.564 -2.874 3.446   1.00 0.00 ?  6   DLE A CB   4  
HETATM 565  C CG   . DLE A 1 5 ? -1.994 -4.317 3.184   1.00 0.00 ?  6   DLE A CG   4  
HETATM 566  C CD1  . DLE A 1 5 ? -1.525 -5.202 4.335   1.00 0.00 ?  6   DLE A CD1  4  
HETATM 567  C CD2  . DLE A 1 5 ? -3.518 -4.374 3.079   1.00 0.00 ?  6   DLE A CD2  4  
HETATM 568  C C    . DLE A 1 5 ? 0.550  -1.559 3.719   1.00 0.00 ?  6   DLE A C    4  
HETATM 569  O O    . DLE A 1 5 ? 1.081  -1.821 4.782   1.00 0.00 ?  6   DLE A O    4  
HETATM 570  H H    . DLE A 1 5 ? -1.065 -2.367 1.019   1.00 0.00 ?  6   DLE A H    4  
HETATM 571  H HA   . DLE A 1 5 ? 0.410  -3.575 3.010   1.00 0.00 ?  6   DLE A HA   4  
HETATM 572  H HB2  . DLE A 1 5 ? -1.573 -2.685 4.510   1.00 0.00 ?  6   DLE A HB2  4  
HETATM 573  H HB3  . DLE A 1 5 ? -2.255 -2.204 2.957   1.00 0.00 ?  6   DLE A HB3  4  
HETATM 574  H HG   . DLE A 1 5 ? -1.555 -4.667 2.262   1.00 0.00 ?  6   DLE A HG   4  
HETATM 575  H HD11 . DLE A 1 5 ? -0.472 -5.038 4.506   1.00 0.00 ?  6   DLE A HD11 4  
HETATM 576  H HD12 . DLE A 1 5 ? -1.691 -6.239 4.083   1.00 0.00 ?  6   DLE A HD12 4  
HETATM 577  H HD13 . DLE A 1 5 ? -2.078 -4.955 5.228   1.00 0.00 ?  6   DLE A HD13 4  
HETATM 578  H HD21 . DLE A 1 5 ? -3.889 -3.419 2.736   1.00 0.00 ?  6   DLE A HD21 4  
HETATM 579  H HD22 . DLE A 1 5 ? -3.938 -4.597 4.049   1.00 0.00 ?  6   DLE A HD22 4  
HETATM 580  H HD23 . DLE A 1 5 ? -3.802 -5.144 2.377   1.00 0.00 ?  6   DLE A HD23 4  
HETATM 581  N N    . DSN A 1 6 ? 0.578  -0.345 3.236   1.00 0.00 ?  7   DSN A N    4  
HETATM 582  C CA   . DSN A 1 6 ? 1.256  0.704  3.986   1.00 0.00 ?  7   DSN A CA   4  
HETATM 583  C C    . DSN A 1 6 ? 2.724  0.687  3.575   1.00 0.00 ?  7   DSN A C    4  
HETATM 584  O O    . DSN A 1 6 ? 3.605  1.006  4.350   1.00 0.00 ?  7   DSN A O    4  
HETATM 585  C CB   . DSN A 1 6 ? 0.650  2.095  3.687   1.00 0.00 ?  7   DSN A CB   4  
HETATM 586  O OG   . DSN A 1 6 ? 0.258  2.707  4.907   1.00 0.00 ?  7   DSN A OG   4  
HETATM 587  H H    . DSN A 1 6 ? 0.168  -0.150 2.368   1.00 0.00 ?  7   DSN A H    4  
HETATM 588  H HA   . DSN A 1 6 ? 1.185  0.487  5.053   1.00 0.00 ?  7   DSN A HA   4  
HETATM 589  H HB2  . DSN A 1 6 ? 1.392  2.716  3.199   1.00 0.00 ?  7   DSN A HB2  4  
HETATM 590  H HB3  . DSN A 1 6 ? -0.214 2.003  3.039   1.00 0.00 ?  7   DSN A HB3  4  
HETATM 591  H HG   . DSN A 1 6 ? -0.659 2.475  5.074   1.00 0.00 ?  7   DSN A HG   4  
ATOM   592  N N    . LEU A 1 7 ? 2.987  0.297  2.357   1.00 0.00 ?  8   LEU A N    4  
ATOM   593  C CA   . LEU A 1 7 ? 4.375  0.236  1.894   1.00 0.00 ?  8   LEU A CA   4  
ATOM   594  C C    . LEU A 1 7 ? 4.603  1.300  0.808   1.00 0.00 ?  8   LEU A C    4  
ATOM   595  O O    . LEU A 1 7 ? 5.511  2.103  0.888   1.00 0.00 ?  8   LEU A O    4  
ATOM   596  C CB   . LEU A 1 7 ? 4.649  -1.177 1.318   1.00 0.00 ?  8   LEU A CB   4  
ATOM   597  C CG   . LEU A 1 7 ? 6.160  -1.433 1.211   1.00 0.00 ?  8   LEU A CG   4  
ATOM   598  C CD1  . LEU A 1 7 ? 6.834  -1.183 2.564   1.00 0.00 ?  8   LEU A CD1  4  
ATOM   599  C CD2  . LEU A 1 7 ? 6.386  -2.887 0.795   1.00 0.00 ?  8   LEU A CD2  4  
ATOM   600  H H    . LEU A 1 7 ? 2.235  0.032  1.755   1.00 0.00 ?  8   LEU A H    4  
ATOM   601  H HA   . LEU A 1 7 ? 5.043  0.441  2.732   1.00 0.00 ?  8   LEU A HA   4  
ATOM   602  H HB2  . LEU A 1 7 ? 4.200  -1.937 1.955   1.00 0.00 ?  8   LEU A HB2  4  
ATOM   603  H HB3  . LEU A 1 7 ? 4.212  -1.252 0.334   1.00 0.00 ?  8   LEU A HB3  4  
ATOM   604  H HG   . LEU A 1 7 ? 6.588  -0.779 0.464   1.00 0.00 ?  8   LEU A HG   4  
ATOM   605  H HD11 . LEU A 1 7 ? 6.122  -1.357 3.358   1.00 0.00 ?  8   LEU A HD11 4  
ATOM   606  H HD12 . LEU A 1 7 ? 7.181  -0.162 2.609   1.00 0.00 ?  8   LEU A HD12 4  
ATOM   607  H HD13 . LEU A 1 7 ? 7.672  -1.853 2.678   1.00 0.00 ?  8   LEU A HD13 4  
ATOM   608  H HD21 . LEU A 1 7 ? 7.242  -2.945 0.139   1.00 0.00 ?  8   LEU A HD21 4  
ATOM   609  H HD22 . LEU A 1 7 ? 5.510  -3.253 0.279   1.00 0.00 ?  8   LEU A HD22 4  
ATOM   610  H HD23 . LEU A 1 7 ? 6.564  -3.489 1.674   1.00 0.00 ?  8   LEU A HD23 4  
ATOM   611  N N    . ILE A 1 8 ? 3.755  1.324  -0.174  1.00 0.00 ?  9   ILE A N    4  
ATOM   612  C CA   . ILE A 1 8 ? 3.835  2.306  -1.232  1.00 0.00 ?  9   ILE A CA   4  
ATOM   613  C C    . ILE A 1 8 ? 2.447  2.888  -1.253  1.00 0.00 ?  9   ILE A C    4  
ATOM   614  O O    . ILE A 1 8 ? 2.177  3.865  -0.585  1.00 0.00 ?  9   ILE A O    4  
ATOM   615  C CB   . ILE A 1 8 ? 4.134  1.616  -2.572  1.00 0.00 ?  9   ILE A CB   4  
ATOM   616  C CG1  . ILE A 1 8 ? 5.267  0.596  -2.393  1.00 0.00 ?  9   ILE A CG1  4  
ATOM   617  C CG2  . ILE A 1 8 ? 4.541  2.651  -3.627  1.00 0.00 ?  9   ILE A CG2  4  
ATOM   618  C CD1  . ILE A 1 8 ? 5.354  -0.294 -3.634  1.00 0.00 ?  9   ILE A CD1  4  
ATOM   619  H H    . ILE A 1 8 ? 3.014  0.691  -0.183  1.00 0.00 ?  9   ILE A H    4  
ATOM   620  H HA   . ILE A 1 8 ? 4.568  3.065  -0.998  1.00 0.00 ?  9   ILE A HA   4  
ATOM   621  H HB   . ILE A 1 8 ? 3.240  1.100  -2.905  1.00 0.00 ?  9   ILE A HB   4  
ATOM   622  H HG12 . ILE A 1 8 ? 6.204  1.115  -2.255  1.00 0.00 ?  9   ILE A HG12 4  
ATOM   623  H HG13 . ILE A 1 8 ? 5.065  -0.018 -1.528  1.00 0.00 ?  9   ILE A HG13 4  
ATOM   624  H HG21 . ILE A 1 8 ? 4.435  2.219  -4.611  1.00 0.00 ?  9   ILE A HG21 4  
ATOM   625  H HG22 . ILE A 1 8 ? 5.571  2.940  -3.474  1.00 0.00 ?  9   ILE A HG22 4  
ATOM   626  H HG23 . ILE A 1 8 ? 3.905  3.521  -3.547  1.00 0.00 ?  9   ILE A HG23 4  
ATOM   627  H HD11 . ILE A 1 8 ? 5.973  0.186  -4.378  1.00 0.00 ?  9   ILE A HD11 4  
ATOM   628  H HD12 . ILE A 1 8 ? 4.364  -0.449 -4.036  1.00 0.00 ?  9   ILE A HD12 4  
ATOM   629  H HD13 . ILE A 1 8 ? 5.786  -1.245 -3.366  1.00 0.00 ?  9   ILE A HD13 4  
HETATM 630  C CA   . IG8 B 2 . ? -1.900 -0.321 -5.085  1.00 0.00 ?  101 IG8 A CA   4  
HETATM 631  C C    . IG8 B 2 . ? -2.472 -1.249 -4.009  1.00 0.00 ?  101 IG8 A C    4  
HETATM 632  O O    . IG8 B 2 . ? -2.035 -2.374 -3.854  1.00 0.00 ?  101 IG8 A O    4  
HETATM 633  C CB   . IG8 B 2 . ? -1.150 -1.153 -6.129  1.00 0.00 ?  101 IG8 A CB   4  
HETATM 634  C CG2  . IG8 B 2 . ? -2.132 -1.646 -7.194  1.00 0.00 ?  101 IG8 A CG2  4  
HETATM 635  O OG1  . IG8 B 2 . ? -0.148 -0.351 -6.739  1.00 0.00 ?  101 IG8 A OG1  4  
HETATM 636  C CD   . IG8 B 2 . ? -3.092 -2.666 -6.575  1.00 0.00 ?  101 IG8 A CD   4  
HETATM 637  C CE   . IG8 B 2 . ? -3.582 -3.632 -7.657  1.00 0.00 ?  101 IG8 A CE   4  
HETATM 638  C CZ   . IG8 B 2 . ? -3.587 -5.060 -7.106  1.00 0.00 ?  101 IG8 A CZ   4  
HETATM 639  C CH   . IG8 B 2 . ? -4.957 -5.369 -6.497  1.00 0.00 ?  101 IG8 A CH   4  
HETATM 640  C CI   . IG8 B 2 . ? -5.816 -6.095 -4.265  1.00 0.00 ?  101 IG8 A CI   4  
HETATM 641  C CT   . IG8 B 2 . ? -4.922 -5.088 -4.993  1.00 0.00 ?  101 IG8 A CT   4  
HETATM 642  H HA1  . IG8 B 2 . ? -1.218 0.380  -4.630  1.00 0.00 ?  101 IG8 A HA1  4  
HETATM 643  H HA2  . IG8 B 2 . ? -2.704 0.215  -5.564  1.00 0.00 ?  101 IG8 A HA2  4  
HETATM 644  H HB   . IG8 B 2 . ? -0.689 -2.003 -5.650  1.00 0.00 ?  101 IG8 A HB   4  
HETATM 645  H HG21 . IG8 B 2 . ? -1.585 -2.113 -7.999  1.00 0.00 ?  101 IG8 A HG21 4  
HETATM 646  H HG22 . IG8 B 2 . ? -2.695 -0.808 -7.579  1.00 0.00 ?  101 IG8 A HG22 4  
HETATM 647  H HG1  . IG8 B 2 . ? 0.392  0.030  -6.044  1.00 0.00 ?  101 IG8 A HG1  4  
HETATM 648  H HD1  . IG8 B 2 . ? -3.937 -2.150 -6.146  1.00 0.00 ?  101 IG8 A HD1  4  
HETATM 649  H HD2  . IG8 B 2 . ? -2.578 -3.219 -5.802  1.00 0.00 ?  101 IG8 A HD2  4  
HETATM 650  H HE1  . IG8 B 2 . ? -2.924 -3.581 -8.512  1.00 0.00 ?  101 IG8 A HE1  4  
HETATM 651  H HE2  . IG8 B 2 . ? -4.583 -3.358 -7.957  1.00 0.00 ?  101 IG8 A HE2  4  
HETATM 652  H HZ1  . IG8 B 2 . ? -2.827 -5.155 -6.345  1.00 0.00 ?  101 IG8 A HZ1  4  
HETATM 653  H HZ2  . IG8 B 2 . ? -3.384 -5.755 -7.908  1.00 0.00 ?  101 IG8 A HZ2  4  
HETATM 654  H HH1  . IG8 B 2 . ? -5.198 -6.408 -6.662  1.00 0.00 ?  101 IG8 A HH1  4  
HETATM 655  H HH2  . IG8 B 2 . ? -5.706 -4.746 -6.963  1.00 0.00 ?  101 IG8 A HH2  4  
HETATM 656  H HI2  . IG8 B 2 . ? -5.305 -7.044 -4.195  1.00 0.00 ?  101 IG8 A HI2  4  
HETATM 657  H HI3  . IG8 B 2 . ? -6.737 -6.221 -4.813  1.00 0.00 ?  101 IG8 A HI3  4  
HETATM 658  H HI1  . IG8 B 2 . ? -6.034 -5.730 -3.272  1.00 0.00 ?  101 IG8 A HI1  4  
HETATM 659  H HT1  . IG8 B 2 . ? -5.283 -4.089 -4.804  1.00 0.00 ?  101 IG8 A HT1  4  
HETATM 660  H HT2  . IG8 B 2 . ? -3.908 -5.179 -4.633  1.00 0.00 ?  101 IG8 A HT2  4  
HETATM 661  N N    . DLE A 1 1 ? -3.453 -1.054 -3.286  1.00 0.00 ?  2   DLE A N    5  
HETATM 662  C CA   . DLE A 1 1 ? -3.511 -1.992 -2.182  1.00 0.00 ?  2   DLE A CA   5  
HETATM 663  C CB   . DLE A 1 1 ? -4.876 -2.700 -2.162  1.00 0.00 ?  2   DLE A CB   5  
HETATM 664  C CG   . DLE A 1 1 ? -5.967 -1.761 -1.635  1.00 0.00 ?  2   DLE A CG   5  
HETATM 665  C CD1  . DLE A 1 1 ? -7.315 -2.161 -2.239  1.00 0.00 ?  2   DLE A CD1  5  
HETATM 666  C CD2  . DLE A 1 1 ? -6.039 -1.870 -0.108  1.00 0.00 ?  2   DLE A CD2  5  
HETATM 667  C C    . DLE A 1 1 ? -3.268 -1.246 -0.865  1.00 0.00 ?  2   DLE A C    5  
HETATM 668  O O    . DLE A 1 1 ? -2.585 -1.736 0.013   1.00 0.00 ?  2   DLE A O    5  
HETATM 669  H H1   . DLE A 1 1 ? -4.273 -0.806 -3.764  1.00 0.00 ?  2   DLE A H1   5  
HETATM 670  H HA   . DLE A 1 1 ? -2.734 -2.732 -2.314  1.00 0.00 ?  2   DLE A HA   5  
HETATM 671  H HB2  . DLE A 1 1 ? -4.816 -3.569 -1.524  1.00 0.00 ?  2   DLE A HB2  5  
HETATM 672  H HB3  . DLE A 1 1 ? -5.129 -3.012 -3.165  1.00 0.00 ?  2   DLE A HB3  5  
HETATM 673  H HG   . DLE A 1 1 ? -5.738 -0.747 -1.914  1.00 0.00 ?  2   DLE A HG   5  
HETATM 674  H HD11 . DLE A 1 1 ? -7.297 -1.990 -3.305  1.00 0.00 ?  2   DLE A HD11 5  
HETATM 675  H HD12 . DLE A 1 1 ? -8.100 -1.568 -1.792  1.00 0.00 ?  2   DLE A HD12 5  
HETATM 676  H HD13 . DLE A 1 1 ? -7.501 -3.208 -2.045  1.00 0.00 ?  2   DLE A HD13 5  
HETATM 677  H HD21 . DLE A 1 1 ? -6.115 -0.880 0.319   1.00 0.00 ?  2   DLE A HD21 5  
HETATM 678  H HD22 . DLE A 1 1 ? -5.146 -2.354 0.262   1.00 0.00 ?  2   DLE A HD22 5  
HETATM 679  H HD23 . DLE A 1 1 ? -6.906 -2.450 0.173   1.00 0.00 ?  2   DLE A HD23 5  
HETATM 680  N N    . DGL A 1 2 ? -3.811 -0.061 -0.723  1.00 0.00 ?  3   DGL A N    5  
HETATM 681  C CA   . DGL A 1 2 ? -3.597 0.686  0.504   1.00 0.00 ?  3   DGL A CA   5  
HETATM 682  C C    . DGL A 1 2 ? -2.202 1.243  0.492   1.00 0.00 ?  3   DGL A C    5  
HETATM 683  O O    . DGL A 1 2 ? -1.555 1.281  1.518   1.00 0.00 ?  3   DGL A O    5  
HETATM 684  C CB   . DGL A 1 2 ? -4.625 1.810  0.639   1.00 0.00 ?  3   DGL A CB   5  
HETATM 685  C CG   . DGL A 1 2 ? -4.544 2.409  2.044   1.00 0.00 ?  3   DGL A CG   5  
HETATM 686  C CD   . DGL A 1 2 ? -5.561 1.718  2.954   1.00 0.00 ?  3   DGL A CD   5  
HETATM 687  O OE1  . DGL A 1 2 ? -5.534 0.500  3.022   1.00 0.00 ?  3   DGL A OE1  5  
HETATM 688  O OE2  . DGL A 1 2 ? -6.349 2.418  3.568   1.00 0.00 -1 3   DGL A OE2  5  
HETATM 689  H H    . DGL A 1 2 ? -4.350 0.324  -1.444  1.00 0.00 ?  3   DGL A H    5  
HETATM 690  H HA   . DGL A 1 2 ? -3.658 0.019  1.349   1.00 0.00 ?  3   DGL A HA   5  
HETATM 691  H HB2  . DGL A 1 2 ? -4.418 2.577  -0.093  1.00 0.00 ?  3   DGL A HB2  5  
HETATM 692  H HB3  . DGL A 1 2 ? -5.615 1.413  0.475   1.00 0.00 ?  3   DGL A HB3  5  
HETATM 693  H HG2  . DGL A 1 2 ? -3.549 2.266  2.440   1.00 0.00 ?  3   DGL A HG2  5  
HETATM 694  H HG3  . DGL A 1 2 ? -4.764 3.465  1.998   1.00 0.00 ?  3   DGL A HG3  5  
HETATM 695  N N    . 2TL A 1 3 ? -1.668 1.581  -0.647  1.00 0.00 ?  4   2TL A N    5  
HETATM 696  C CA   . 2TL A 1 3 ? -0.309 1.992  -0.625  1.00 0.00 ?  4   2TL A CA   5  
HETATM 697  C CB   . 2TL A 1 3 ? 0.192  2.461  -1.992  1.00 0.00 ?  4   2TL A CB   5  
HETATM 698  O OG1  . 2TL A 1 3 ? 1.533  2.038  -2.015  1.00 0.00 ?  4   2TL A OG1  5  
HETATM 699  C CG2  . 2TL A 1 3 ? 0.091  3.987  -2.106  1.00 0.00 ?  4   2TL A CG2  5  
HETATM 700  C C    . 2TL A 1 3 ? 0.423  0.705  -0.257  1.00 0.00 ?  4   2TL A C    5  
HETATM 701  O O    . 2TL A 1 3 ? 1.369  0.685  0.497   1.00 0.00 ?  4   2TL A O    5  
HETATM 702  H H    . 2TL A 1 3 ? -2.142 1.469  -1.490  1.00 0.00 ?  4   2TL A H    5  
HETATM 703  H HA   . 2TL A 1 3 ? -0.150 2.751  0.129   1.00 0.00 ?  4   2TL A HA   5  
HETATM 704  H HB   . 2TL A 1 3 ? -0.367 1.976  -2.783  1.00 0.00 ?  4   2TL A HB   5  
HETATM 705  H HG21 . 2TL A 1 3 ? -0.872 4.263  -2.512  1.00 0.00 ?  4   2TL A HG21 5  
HETATM 706  H HG22 . 2TL A 1 3 ? 0.875  4.351  -2.753  1.00 0.00 ?  4   2TL A HG22 5  
HETATM 707  H HG23 . 2TL A 1 3 ? 0.206  4.424  -1.124  1.00 0.00 ?  4   2TL A HG23 5  
ATOM   708  N N    . LEU A 1 4 ? -0.051 -0.379 -0.834  1.00 0.00 ?  5   LEU A N    5  
ATOM   709  C CA   . LEU A 1 4 ? 0.518  -1.676 -0.614  1.00 0.00 ?  5   LEU A CA   5  
ATOM   710  C C    . LEU A 1 4 ? 0.772  -1.933 0.881   1.00 0.00 ?  5   LEU A C    5  
ATOM   711  O O    . LEU A 1 4 ? 1.882  -1.840 1.367   1.00 0.00 ?  5   LEU A O    5  
ATOM   712  C CB   . LEU A 1 4 ? 1.781  -1.705 -1.434  1.00 0.00 ?  5   LEU A CB   5  
ATOM   713  C CG   . LEU A 1 4 ? 2.607  -2.958 -1.156  1.00 0.00 ?  5   LEU A CG   5  
ATOM   714  C CD1  . LEU A 1 4 ? 1.731  -4.214 -1.245  1.00 0.00 ?  5   LEU A CD1  5  
ATOM   715  C CD2  . LEU A 1 4 ? 3.695  -3.028 -2.217  1.00 0.00 ?  5   LEU A CD2  5  
ATOM   716  H H    . LEU A 1 4 ? -0.793 -0.300 -1.453  1.00 0.00 ?  5   LEU A H    5  
ATOM   717  H HA   . LEU A 1 4 ? -0.161 -2.431 -0.988  1.00 0.00 ?  5   LEU A HA   5  
ATOM   718  H HB2  . LEU A 1 4 ? 1.507  -1.681 -2.480  1.00 0.00 ?  5   LEU A HB2  5  
ATOM   719  H HB3  . LEU A 1 4 ? 2.354  -0.823 -1.205  1.00 0.00 ?  5   LEU A HB3  5  
ATOM   720  H HG   . LEU A 1 4 ? 3.054  -2.893 -0.176  1.00 0.00 ?  5   LEU A HG   5  
ATOM   721  H HD11 . LEU A 1 4 ? 1.140  -4.305 -0.347  1.00 0.00 ?  5   LEU A HD11 5  
ATOM   722  H HD12 . LEU A 1 4 ? 2.363  -5.085 -1.348  1.00 0.00 ?  5   LEU A HD12 5  
ATOM   723  H HD13 . LEU A 1 4 ? 1.079  -4.140 -2.102  1.00 0.00 ?  5   LEU A HD13 5  
ATOM   724  H HD21 . LEU A 1 4 ? 4.602  -2.594 -1.831  1.00 0.00 ?  5   LEU A HD21 5  
ATOM   725  H HD22 . LEU A 1 4 ? 3.369  -2.471 -3.086  1.00 0.00 ?  5   LEU A HD22 5  
ATOM   726  H HD23 . LEU A 1 4 ? 3.869  -4.057 -2.491  1.00 0.00 ?  5   LEU A HD23 5  
HETATM 727  N N    . DLE A 1 5 ? -0.270 -2.280 1.598   1.00 0.00 ?  6   DLE A N    5  
HETATM 728  C CA   . DLE A 1 5 ? -0.150 -2.575 3.020   1.00 0.00 ?  6   DLE A CA   5  
HETATM 729  C CB   . DLE A 1 5 ? -1.541 -2.822 3.617   1.00 0.00 ?  6   DLE A CB   5  
HETATM 730  C CG   . DLE A 1 5 ? -1.937 -4.282 3.401   1.00 0.00 ?  6   DLE A CG   5  
HETATM 731  C CD1  . DLE A 1 5 ? -1.414 -5.125 4.560   1.00 0.00 ?  6   DLE A CD1  5  
HETATM 732  C CD2  . DLE A 1 5 ? -3.461 -4.384 3.338   1.00 0.00 ?  6   DLE A CD2  5  
HETATM 733  C C    . DLE A 1 5 ? 0.527  -1.421 3.767   1.00 0.00 ?  6   DLE A C    5  
HETATM 734  O O    . DLE A 1 5 ? 1.090  -1.616 4.827   1.00 0.00 ?  6   DLE A O    5  
HETATM 735  H H    . DLE A 1 5 ? -1.142 -2.361 1.164   1.00 0.00 ?  6   DLE A H    5  
HETATM 736  H HA   . DLE A 1 5 ? 0.443  -3.468 3.143   1.00 0.00 ?  6   DLE A HA   5  
HETATM 737  H HB2  . DLE A 1 5 ? -1.520 -2.609 4.675   1.00 0.00 ?  6   DLE A HB2  5  
HETATM 738  H HB3  . DLE A 1 5 ? -2.268 -2.182 3.137   1.00 0.00 ?  6   DLE A HB3  5  
HETATM 739  H HG   . DLE A 1 5 ? -1.511 -4.642 2.476   1.00 0.00 ?  6   DLE A HG   5  
HETATM 740  H HD11 . DLE A 1 5 ? -1.588 -6.169 4.352   1.00 0.00 ?  6   DLE A HD11 5  
HETATM 741  H HD12 . DLE A 1 5 ? -1.927 -4.846 5.468   1.00 0.00 ?  6   DLE A HD12 5  
HETATM 742  H HD13 . DLE A 1 5 ? -0.354 -4.952 4.676   1.00 0.00 ?  6   DLE A HD13 5  
HETATM 743  H HD21 . DLE A 1 5 ? -3.849 -4.591 4.323   1.00 0.00 ?  6   DLE A HD21 5  
HETATM 744  H HD22 . DLE A 1 5 ? -3.742 -5.180 2.664   1.00 0.00 ?  6   DLE A HD22 5  
HETATM 745  H HD23 . DLE A 1 5 ? -3.868 -3.449 2.980   1.00 0.00 ?  6   DLE A HD23 5  
HETATM 746  N N    . DSN A 1 6 ? 0.508  -0.232 3.226   1.00 0.00 ?  7   DSN A N    5  
HETATM 747  C CA   . DSN A 1 6 ? 1.174  0.868  3.908   1.00 0.00 ?  7   DSN A CA   5  
HETATM 748  C C    . DSN A 1 6 ? 2.647  0.807  3.524   1.00 0.00 ?  7   DSN A C    5  
HETATM 749  O O    . DSN A 1 6 ? 3.521  1.183  4.282   1.00 0.00 ?  7   DSN A O    5  
HETATM 750  C CB   . DSN A 1 6 ? 0.586  2.239  3.490   1.00 0.00 ?  7   DSN A CB   5  
HETATM 751  O OG   . DSN A 1 6 ? 0.187  2.950  4.652   1.00 0.00 ?  7   DSN A OG   5  
HETATM 752  H H    . DSN A 1 6 ? 0.077  -0.094 2.356   1.00 0.00 ?  7   DSN A H    5  
HETATM 753  H HA   . DSN A 1 6 ? 1.081  0.734  4.987   1.00 0.00 ?  7   DSN A HA   5  
HETATM 754  H HB2  . DSN A 1 6 ? 1.341  2.810  2.964   1.00 0.00 ?  7   DSN A HB2  5  
HETATM 755  H HB3  . DSN A 1 6 ? -0.272 2.106  2.841   1.00 0.00 ?  7   DSN A HB3  5  
HETATM 756  H HG   . DSN A 1 6 ? -0.523 2.458  5.071   1.00 0.00 ?  7   DSN A HG   5  
ATOM   757  N N    . LEU A 1 7 ? 2.921  0.312  2.348   1.00 0.00 ?  8   LEU A N    5  
ATOM   758  C CA   . LEU A 1 7 ? 4.313  0.197  1.909   1.00 0.00 ?  8   LEU A CA   5  
ATOM   759  C C    . LEU A 1 7 ? 4.575  1.200  0.775   1.00 0.00 ?  8   LEU A C    5  
ATOM   760  O O    . LEU A 1 7 ? 5.488  1.999  0.833   1.00 0.00 ?  8   LEU A O    5  
ATOM   761  C CB   . LEU A 1 7 ? 4.568  -1.251 1.414   1.00 0.00 ?  8   LEU A CB   5  
ATOM   762  C CG   . LEU A 1 7 ? 6.076  -1.529 1.317   1.00 0.00 ?  8   LEU A CG   5  
ATOM   763  C CD1  . LEU A 1 7 ? 6.756  -1.207 2.651   1.00 0.00 ?  8   LEU A CD1  5  
ATOM   764  C CD2  . LEU A 1 7 ? 6.287  -3.006 0.985   1.00 0.00 ?  8   LEU A CD2  5  
ATOM   765  H H    . LEU A 1 7 ? 2.171  0.003  1.761   1.00 0.00 ?  8   LEU A H    5  
ATOM   766  H HA   . LEU A 1 7 ? 4.972  0.435  2.746   1.00 0.00 ?  8   LEU A HA   5  
ATOM   767  H HB2  . LEU A 1 7 ? 4.112  -1.968 2.095   1.00 0.00 ?  8   LEU A HB2  5  
ATOM   768  H HB3  . LEU A 1 7 ? 4.126  -1.377 0.436   1.00 0.00 ?  8   LEU A HB3  5  
ATOM   769  H HG   . LEU A 1 7 ? 6.507  -0.921 0.533   1.00 0.00 ?  8   LEU A HG   5  
ATOM   770  H HD11 . LEU A 1 7 ? 7.617  -1.847 2.779   1.00 0.00 ?  8   LEU A HD11 5  
ATOM   771  H HD12 . LEU A 1 7 ? 6.060  -1.374 3.460   1.00 0.00 ?  8   LEU A HD12 5  
ATOM   772  H HD13 . LEU A 1 7 ? 7.072  -0.174 2.655   1.00 0.00 ?  8   LEU A HD13 5  
ATOM   773  H HD21 . LEU A 1 7 ? 5.430  -3.574 1.315   1.00 0.00 ?  8   LEU A HD21 5  
ATOM   774  H HD22 . LEU A 1 7 ? 7.173  -3.366 1.488   1.00 0.00 ?  8   LEU A HD22 5  
ATOM   775  H HD23 . LEU A 1 7 ? 6.406  -3.121 -0.082  1.00 0.00 ?  8   LEU A HD23 5  
ATOM   776  N N    . ILE A 1 8 ? 3.746  1.185  -0.224  1.00 0.00 ?  9   ILE A N    5  
ATOM   777  C CA   . ILE A 1 8 ? 3.860  2.115  -1.323  1.00 0.00 ?  9   ILE A CA   5  
ATOM   778  C C    . ILE A 1 8 ? 2.499  2.761  -1.353  1.00 0.00 ?  9   ILE A C    5  
ATOM   779  O O    . ILE A 1 8 ? 2.283  3.776  -0.721  1.00 0.00 ?  9   ILE A O    5  
ATOM   780  C CB   . ILE A 1 8 ? 4.102  1.354  -2.635  1.00 0.00 ?  9   ILE A CB   5  
ATOM   781  C CG1  . ILE A 1 8 ? 5.239  0.322  -2.450  1.00 0.00 ?  9   ILE A CG1  5  
ATOM   782  C CG2  . ILE A 1 8 ? 4.430  2.334  -3.772  1.00 0.00 ?  9   ILE A CG2  5  
ATOM   783  C CD1  . ILE A 1 8 ? 6.629  0.975  -2.555  1.00 0.00 ?  9   ILE A CD1  5  
ATOM   784  H H    . ILE A 1 8 ? 2.995  0.562  -0.217  1.00 0.00 ?  9   ILE A H    5  
ATOM   785  H HA   . ILE A 1 8 ? 4.629  2.848  -1.133  1.00 0.00 ?  9   ILE A HA   5  
ATOM   786  H HB   . ILE A 1 8 ? 3.189  0.825  -2.891  1.00 0.00 ?  9   ILE A HB   5  
ATOM   787  H HG12 . ILE A 1 8 ? 5.142  -0.139 -1.479  1.00 0.00 ?  9   ILE A HG12 5  
ATOM   788  H HG13 . ILE A 1 8 ? 5.148  -0.439 -3.210  1.00 0.00 ?  9   ILE A HG13 5  
ATOM   789  H HG21 . ILE A 1 8 ? 3.664  3.094  -3.825  1.00 0.00 ?  9   ILE A HG21 5  
ATOM   790  H HG22 . ILE A 1 8 ? 4.467  1.796  -4.708  1.00 0.00 ?  9   ILE A HG22 5  
ATOM   791  H HG23 . ILE A 1 8 ? 5.388  2.800  -3.590  1.00 0.00 ?  9   ILE A HG23 5  
ATOM   792  H HD11 . ILE A 1 8 ? 7.000  1.196  -1.565  1.00 0.00 ?  9   ILE A HD11 5  
ATOM   793  H HD12 . ILE A 1 8 ? 6.568  1.885  -3.129  1.00 0.00 ?  9   ILE A HD12 5  
ATOM   794  H HD13 . ILE A 1 8 ? 7.307  0.290  -3.044  1.00 0.00 ?  9   ILE A HD13 5  
HETATM 795  C CA   . IG8 B 2 . ? -2.295 0.441  -4.815  1.00 0.00 ?  101 IG8 A CA   5  
HETATM 796  C C    . IG8 B 2 . ? -2.303 -0.541 -3.643  1.00 0.00 ?  101 IG8 A C    5  
HETATM 797  O O    . IG8 B 2 . ? -1.275 -0.837 -3.065  1.00 0.00 ?  101 IG8 A O    5  
HETATM 798  C CB   . IG8 B 2 . ? -0.863 0.604  -5.333  1.00 0.00 ?  101 IG8 A CB   5  
HETATM 799  C CG2  . IG8 B 2 . ? -0.590 -0.433 -6.426  1.00 0.00 ?  101 IG8 A CG2  5  
HETATM 800  O OG1  . IG8 B 2 . ? -0.700 1.911  -5.866  1.00 0.00 ?  101 IG8 A OG1  5  
HETATM 801  C CD   . IG8 B 2 . ? -0.747 -1.843 -5.848  1.00 0.00 ?  101 IG8 A CD   5  
HETATM 802  C CE   . IG8 B 2 . ? -0.155 -2.864 -6.822  1.00 0.00 ?  101 IG8 A CE   5  
HETATM 803  C CZ   . IG8 B 2 . ? -1.253 -3.374 -7.758  1.00 0.00 ?  101 IG8 A CZ   5  
HETATM 804  C CH   . IG8 B 2 . ? -0.628 -3.842 -9.073  1.00 0.00 ?  101 IG8 A CH   5  
HETATM 805  C CI   . IG8 B 2 . ? -0.239 -2.864 -11.340 1.00 0.00 ?  101 IG8 A CI   5  
HETATM 806  C CT   . IG8 B 2 . ? -0.078 -2.635 -9.836  1.00 0.00 ?  101 IG8 A CT   5  
HETATM 807  H HA1  . IG8 B 2 . ? -2.669 1.399  -4.488  1.00 0.00 ?  101 IG8 A HA1  5  
HETATM 808  H HA2  . IG8 B 2 . ? -2.921 0.059  -5.606  1.00 0.00 ?  101 IG8 A HA2  5  
HETATM 809  H HB   . IG8 B 2 . ? -0.167 0.457  -4.522  1.00 0.00 ?  101 IG8 A HB   5  
HETATM 810  H HG21 . IG8 B 2 . ? 0.416  -0.309 -6.797  1.00 0.00 ?  101 IG8 A HG21 5  
HETATM 811  H HG22 . IG8 B 2 . ? -1.292 -0.296 -7.235  1.00 0.00 ?  101 IG8 A HG22 5  
HETATM 812  H HG1  . IG8 B 2 . ? -1.226 1.972  -6.666  1.00 0.00 ?  101 IG8 A HG1  5  
HETATM 813  H HD1  . IG8 B 2 . ? -1.795 -2.057 -5.701  1.00 0.00 ?  101 IG8 A HD1  5  
HETATM 814  H HD2  . IG8 B 2 . ? -0.231 -1.904 -4.901  1.00 0.00 ?  101 IG8 A HD2  5  
HETATM 815  H HE1  . IG8 B 2 . ? 0.256  -3.695 -6.267  1.00 0.00 ?  101 IG8 A HE1  5  
HETATM 816  H HE2  . IG8 B 2 . ? 0.627  -2.396 -7.403  1.00 0.00 ?  101 IG8 A HE2  5  
HETATM 817  H HZ1  . IG8 B 2 . ? -1.954 -2.578 -7.957  1.00 0.00 ?  101 IG8 A HZ1  5  
HETATM 818  H HZ2  . IG8 B 2 . ? -1.770 -4.200 -7.290  1.00 0.00 ?  101 IG8 A HZ2  5  
HETATM 819  H HH1  . IG8 B 2 . ? -1.379 -4.332 -9.674  1.00 0.00 ?  101 IG8 A HH1  5  
HETATM 820  H HH2  . IG8 B 2 . ? 0.175  -4.533 -8.863  1.00 0.00 ?  101 IG8 A HH2  5  
HETATM 821  H HI2  . IG8 B 2 . ? 0.029  -1.963 -11.871 1.00 0.00 ?  101 IG8 A HI2  5  
HETATM 822  H HI3  . IG8 B 2 . ? -1.266 -3.119 -11.557 1.00 0.00 ?  101 IG8 A HI3  5  
HETATM 823  H HI1  . IG8 B 2 . ? 0.406  -3.672 -11.651 1.00 0.00 ?  101 IG8 A HI1  5  
HETATM 824  H HT1  . IG8 B 2 . ? 0.968  -2.508 -9.602  1.00 0.00 ?  101 IG8 A HT1  5  
HETATM 825  H HT2  . IG8 B 2 . ? -0.622 -1.748 -9.545  1.00 0.00 ?  101 IG8 A HT2  5  
HETATM 826  N N    . DLE A 1 1 ? -3.518 -1.056 -3.253  1.00 0.00 ?  2   DLE A N    6  
HETATM 827  C CA   . DLE A 1 1 ? -3.544 -1.971 -2.126  1.00 0.00 ?  2   DLE A CA   6  
HETATM 828  C CB   . DLE A 1 1 ? -4.894 -2.706 -2.084  1.00 0.00 ?  2   DLE A CB   6  
HETATM 829  C CG   . DLE A 1 1 ? -5.979 -1.818 -1.463  1.00 0.00 ?  2   DLE A CG   6  
HETATM 830  C CD1  . DLE A 1 1 ? -7.338 -2.177 -2.065  1.00 0.00 ?  2   DLE A CD1  6  
HETATM 831  C CD2  . DLE A 1 1 ? -6.016 -2.045 0.051   1.00 0.00 ?  2   DLE A CD2  6  
HETATM 832  C C    . DLE A 1 1 ? -3.305 -1.204 -0.816  1.00 0.00 ?  2   DLE A C    6  
HETATM 833  O O    . DLE A 1 1 ? -2.678 -1.711 0.095   1.00 0.00 ?  2   DLE A O    6  
HETATM 834  H H1   . DLE A 1 1 ? -4.331 -0.595 -3.534  1.00 0.00 ?  2   DLE A H1   6  
HETATM 835  H HA   . DLE A 1 1 ? -2.756 -2.699 -2.252  1.00 0.00 ?  2   DLE A HA   6  
HETATM 836  H HB2  . DLE A 1 1 ? -4.791 -3.605 -1.494  1.00 0.00 ?  2   DLE A HB2  6  
HETATM 837  H HB3  . DLE A 1 1 ? -5.186 -2.972 -3.088  1.00 0.00 ?  2   DLE A HB3  6  
HETATM 838  H HG   . DLE A 1 1 ? -5.759 -0.781 -1.666  1.00 0.00 ?  2   DLE A HG   6  
HETATM 839  H HD11 . DLE A 1 1 ? -7.337 -3.216 -2.361  1.00 0.00 ?  2   DLE A HD11 6  
HETATM 840  H HD12 . DLE A 1 1 ? -7.523 -1.557 -2.930  1.00 0.00 ?  2   DLE A HD12 6  
HETATM 841  H HD13 . DLE A 1 1 ? -8.113 -2.012 -1.332  1.00 0.00 ?  2   DLE A HD13 6  
HETATM 842  H HD21 . DLE A 1 1 ? -6.801 -2.747 0.291   1.00 0.00 ?  2   DLE A HD21 6  
HETATM 843  H HD22 . DLE A 1 1 ? -6.206 -1.107 0.551   1.00 0.00 ?  2   DLE A HD22 6  
HETATM 844  H HD23 . DLE A 1 1 ? -5.065 -2.440 0.380   1.00 0.00 ?  2   DLE A HD23 6  
HETATM 845  N N    . DGL A 1 2 ? -3.791 0.008  -0.711  1.00 0.00 ?  3   DGL A N    6  
HETATM 846  C CA   . DGL A 1 2 ? -3.579 0.764  0.516   1.00 0.00 ?  3   DGL A CA   6  
HETATM 847  C C    . DGL A 1 2 ? -2.178 1.305  0.527   1.00 0.00 ?  3   DGL A C    6  
HETATM 848  O O    . DGL A 1 2 ? -1.533 1.300  1.555   1.00 0.00 ?  3   DGL A O    6  
HETATM 849  C CB   . DGL A 1 2 ? -4.597 1.902  0.642   1.00 0.00 ?  3   DGL A CB   6  
HETATM 850  C CG   . DGL A 1 2 ? -5.718 1.484  1.599   1.00 0.00 ?  3   DGL A CG   6  
HETATM 851  C CD   . DGL A 1 2 ? -5.504 2.150  2.961   1.00 0.00 ?  3   DGL A CD   6  
HETATM 852  O OE1  . DGL A 1 2 ? -4.380 2.138  3.434   1.00 0.00 ?  3   DGL A OE1  6  
HETATM 853  O OE2  . DGL A 1 2 ? -6.468 2.661  3.506   1.00 0.00 -1 3   DGL A OE2  6  
HETATM 854  H H    . DGL A 1 2 ? -4.289 0.403  -1.455  1.00 0.00 ?  3   DGL A H    6  
HETATM 855  H HA   . DGL A 1 2 ? -3.657 0.100  1.363   1.00 0.00 ?  3   DGL A HA   6  
HETATM 856  H HB2  . DGL A 1 2 ? -4.104 2.784  1.027   1.00 0.00 ?  3   DGL A HB2  6  
HETATM 857  H HB3  . DGL A 1 2 ? -5.018 2.121  -0.327  1.00 0.00 ?  3   DGL A HB3  6  
HETATM 858  H HG2  . DGL A 1 2 ? -6.670 1.793  1.192   1.00 0.00 ?  3   DGL A HG2  6  
HETATM 859  H HG3  . DGL A 1 2 ? -5.708 0.412  1.720   1.00 0.00 ?  3   DGL A HG3  6  
HETATM 860  N N    . 2TL A 1 3 ? -1.637 1.683  -0.596  1.00 0.00 ?  4   2TL A N    6  
HETATM 861  C CA   . 2TL A 1 3 ? -0.275 2.082  -0.552  1.00 0.00 ?  4   2TL A CA   6  
HETATM 862  C CB   . 2TL A 1 3 ? 0.235  2.593  -1.900  1.00 0.00 ?  4   2TL A CB   6  
HETATM 863  O OG1  . 2TL A 1 3 ? 1.571  2.152  -1.938  1.00 0.00 ?  4   2TL A OG1  6  
HETATM 864  C CG2  . 2TL A 1 3 ? 0.156  4.124  -1.958  1.00 0.00 ?  4   2TL A CG2  6  
HETATM 865  C C    . 2TL A 1 3 ? 0.448  0.778  -0.224  1.00 0.00 ?  4   2TL A C    6  
HETATM 866  O O    . 2TL A 1 3 ? 1.397  0.730  0.525   1.00 0.00 ?  4   2TL A O    6  
HETATM 867  H H    . 2TL A 1 3 ? -2.109 1.610  -1.442  1.00 0.00 ?  4   2TL A H    6  
HETATM 868  H HA   . 2TL A 1 3 ? -0.115 2.814  0.228   1.00 0.00 ?  4   2TL A HA   6  
HETATM 869  H HB   . 2TL A 1 3 ? -0.329 2.146  -2.709  1.00 0.00 ?  4   2TL A HB   6  
HETATM 870  H HG21 . 2TL A 1 3 ? 0.278  4.522  -0.961  1.00 0.00 ?  4   2TL A HG21 6  
HETATM 871  H HG22 . 2TL A 1 3 ? -0.802 4.428  -2.353  1.00 0.00 ?  4   2TL A HG22 6  
HETATM 872  H HG23 . 2TL A 1 3 ? 0.946  4.501  -2.591  1.00 0.00 ?  4   2TL A HG23 6  
ATOM   873  N N    . LEU A 1 4 ? -0.035 -0.284 -0.830  1.00 0.00 ?  5   LEU A N    6  
ATOM   874  C CA   . LEU A 1 4 ? 0.528  -1.591 -0.650  1.00 0.00 ?  5   LEU A CA   6  
ATOM   875  C C    . LEU A 1 4 ? 0.781  -1.897 0.836   1.00 0.00 ?  5   LEU A C    6  
ATOM   876  O O    . LEU A 1 4 ? 1.890  -1.821 1.326   1.00 0.00 ?  5   LEU A O    6  
ATOM   877  C CB   . LEU A 1 4 ? 1.793  -1.598 -1.468  1.00 0.00 ?  5   LEU A CB   6  
ATOM   878  C CG   . LEU A 1 4 ? 2.612  -2.864 -1.234  1.00 0.00 ?  5   LEU A CG   6  
ATOM   879  C CD1  . LEU A 1 4 ? 1.728  -4.111 -1.359  1.00 0.00 ?  5   LEU A CD1  6  
ATOM   880  C CD2  . LEU A 1 4 ? 3.696  -2.908 -2.300  1.00 0.00 ?  5   LEU A CD2  6  
ATOM   881  H H    . LEU A 1 4 ? -0.778 -0.183 -1.444  1.00 0.00 ?  5   LEU A H    6  
ATOM   882  H HA   . LEU A 1 4 ? -0.153 -2.330 -1.049  1.00 0.00 ?  5   LEU A HA   6  
ATOM   883  H HB2  . LEU A 1 4 ? 1.522  -1.534 -2.513  1.00 0.00 ?  5   LEU A HB2  6  
ATOM   884  H HB3  . LEU A 1 4 ? 2.370  -0.729 -1.207  1.00 0.00 ?  5   LEU A HB3  6  
ATOM   885  H HG   . LEU A 1 4 ? 3.061  -2.834 -0.253  1.00 0.00 ?  5   LEU A HG   6  
ATOM   886  H HD11 . LEU A 1 4 ? 1.074  -4.007 -2.211  1.00 0.00 ?  5   LEU A HD11 6  
ATOM   887  H HD12 . LEU A 1 4 ? 1.139  -4.228 -0.461  1.00 0.00 ?  5   LEU A HD12 6  
ATOM   888  H HD13 . LEU A 1 4 ? 2.354  -4.982 -1.492  1.00 0.00 ?  5   LEU A HD13 6  
ATOM   889  H HD21 . LEU A 1 4 ? 4.607  -2.490 -1.903  1.00 0.00 ?  5   LEU A HD21 6  
ATOM   890  H HD22 . LEU A 1 4 ? 3.370  -2.324 -3.150  1.00 0.00 ?  5   LEU A HD22 6  
ATOM   891  H HD23 . LEU A 1 4 ? 3.865  -3.929 -2.604  1.00 0.00 ?  5   LEU A HD23 6  
HETATM 892  N N    . DLE A 1 5 ? -0.263 -2.269 1.540   1.00 0.00 ?  6   DLE A N    6  
HETATM 893  C CA   . DLE A 1 5 ? -0.142 -2.611 2.952   1.00 0.00 ?  6   DLE A CA   6  
HETATM 894  C CB   . DLE A 1 5 ? -1.533 -2.875 3.540   1.00 0.00 ?  6   DLE A CB   6  
HETATM 895  C CG   . DLE A 1 5 ? -1.931 -4.327 3.280   1.00 0.00 ?  6   DLE A CG   6  
HETATM 896  C CD1  . DLE A 1 5 ? -1.405 -5.206 4.412   1.00 0.00 ?  6   DLE A CD1  6  
HETATM 897  C CD2  . DLE A 1 5 ? -3.454 -4.428 3.216   1.00 0.00 ?  6   DLE A CD2  6  
HETATM 898  C C    . DLE A 1 5 ? 0.537  -1.483 3.736   1.00 0.00 ?  6   DLE A C    6  
HETATM 899  O O    . DLE A 1 5 ? 1.103  -1.714 4.788   1.00 0.00 ?  6   DLE A O    6  
HETATM 900  H H    . DLE A 1 5 ? -1.134 -2.336 1.103   1.00 0.00 ?  6   DLE A H    6  
HETATM 901  H HA   . DLE A 1 5 ? 0.449  -3.508 3.046   1.00 0.00 ?  6   DLE A HA   6  
HETATM 902  H HB2  . DLE A 1 5 ? -1.511 -2.695 4.606   1.00 0.00 ?  6   DLE A HB2  6  
HETATM 903  H HB3  . DLE A 1 5 ? -2.260 -2.221 3.081   1.00 0.00 ?  6   DLE A HB3  6  
HETATM 904  H HG   . DLE A 1 5 ? -1.506 -4.659 2.345   1.00 0.00 ?  6   DLE A HG   6  
HETATM 905  H HD11 . DLE A 1 5 ? -0.329 -5.144 4.441   1.00 0.00 ?  6   DLE A HD11 6  
HETATM 906  H HD12 . DLE A 1 5 ? -1.703 -6.229 4.241   1.00 0.00 ?  6   DLE A HD12 6  
HETATM 907  H HD13 . DLE A 1 5 ? -1.812 -4.864 5.352   1.00 0.00 ?  6   DLE A HD13 6  
HETATM 908  H HD21 . DLE A 1 5 ? -3.861 -3.482 2.888   1.00 0.00 ?  6   DLE A HD21 6  
HETATM 909  H HD22 . DLE A 1 5 ? -3.841 -4.665 4.196   1.00 0.00 ?  6   DLE A HD22 6  
HETATM 910  H HD23 . DLE A 1 5 ? -3.736 -5.202 2.519   1.00 0.00 ?  6   DLE A HD23 6  
HETATM 911  N N    . DSN A 1 6 ? 0.518  -0.276 3.234   1.00 0.00 ?  7   DSN A N    6  
HETATM 912  C CA   . DSN A 1 6 ? 1.187  0.801  3.952   1.00 0.00 ?  7   DSN A CA   6  
HETATM 913  C C    . DSN A 1 6 ? 2.660  0.745  3.568   1.00 0.00 ?  7   DSN A C    6  
HETATM 914  O O    . DSN A 1 6 ? 3.534  1.091  4.339   1.00 0.00 ?  7   DSN A O    6  
HETATM 915  C CB   . DSN A 1 6 ? 0.603  2.184  3.575   1.00 0.00 ?  7   DSN A CB   6  
HETATM 916  O OG   . DSN A 1 6 ? 0.213  2.865  4.759   1.00 0.00 ?  7   DSN A OG   6  
HETATM 917  H H    . DSN A 1 6 ? 0.087  -0.109 2.372   1.00 0.00 ?  7   DSN A H    6  
HETATM 918  H HA   . DSN A 1 6 ? 1.093  0.634  5.026   1.00 0.00 ?  7   DSN A HA   6  
HETATM 919  H HB2  . DSN A 1 6 ? 1.359  2.767  3.063   1.00 0.00 ?  7   DSN A HB2  6  
HETATM 920  H HB3  . DSN A 1 6 ? -0.257 2.076  2.926   1.00 0.00 ?  7   DSN A HB3  6  
HETATM 921  H HG   . DSN A 1 6 ? -0.209 3.688  4.503   1.00 0.00 ?  7   DSN A HG   6  
ATOM   922  N N    . LEU A 1 7 ? 2.932  0.288  2.376   1.00 0.00 ?  8   LEU A N    6  
ATOM   923  C CA   . LEU A 1 7 ? 4.325  0.181  1.936   1.00 0.00 ?  8   LEU A CA   6  
ATOM   924  C C    . LEU A 1 7 ? 4.596  1.210  0.827   1.00 0.00 ?  8   LEU A C    6  
ATOM   925  O O    . LEU A 1 7 ? 5.509  2.008  0.911   1.00 0.00 ?  8   LEU A O    6  
ATOM   926  C CB   . LEU A 1 7 ? 4.576  -1.255 1.406   1.00 0.00 ?  8   LEU A CB   6  
ATOM   927  C CG   . LEU A 1 7 ? 6.081  -1.535 1.301   1.00 0.00 ?  8   LEU A CG   6  
ATOM   928  C CD1  . LEU A 1 7 ? 6.765  -1.250 2.641   1.00 0.00 ?  8   LEU A CD1  6  
ATOM   929  C CD2  . LEU A 1 7 ? 6.287  -3.005 0.932   1.00 0.00 ?  8   LEU A CD2  6  
ATOM   930  H H    . LEU A 1 7 ? 2.181  0.003  1.778   1.00 0.00 ?  8   LEU A H    6  
ATOM   931  H HA   . LEU A 1 7 ? 4.983  0.395  2.779   1.00 0.00 ?  8   LEU A HA   6  
ATOM   932  H HB2  . LEU A 1 7 ? 4.119  -1.988 2.071   1.00 0.00 ?  8   LEU A HB2  6  
ATOM   933  H HB3  . LEU A 1 7 ? 4.132  -1.357 0.427   1.00 0.00 ?  8   LEU A HB3  6  
ATOM   934  H HG   . LEU A 1 7 ? 6.515  -0.911 0.531   1.00 0.00 ?  8   LEU A HG   6  
ATOM   935  H HD11 . LEU A 1 7 ? 6.149  -1.623 3.446   1.00 0.00 ?  8   LEU A HD11 6  
ATOM   936  H HD12 . LEU A 1 7 ? 6.901  -0.185 2.756   1.00 0.00 ?  8   LEU A HD12 6  
ATOM   937  H HD13 . LEU A 1 7 ? 7.726  -1.742 2.667   1.00 0.00 ?  8   LEU A HD13 6  
ATOM   938  H HD21 . LEU A 1 7 ? 6.407  -3.094 -0.138  1.00 0.00 ?  8   LEU A HD21 6  
ATOM   939  H HD22 . LEU A 1 7 ? 5.426  -3.577 1.245   1.00 0.00 ?  8   LEU A HD22 6  
ATOM   940  H HD23 . LEU A 1 7 ? 7.170  -3.381 1.426   1.00 0.00 ?  8   LEU A HD23 6  
ATOM   941  N N    . ILE A 1 8 ? 3.776  1.219  -0.180  1.00 0.00 ?  9   ILE A N    6  
ATOM   942  C CA   . ILE A 1 8 ? 3.899  2.174  -1.256  1.00 0.00 ?  9   ILE A CA   6  
ATOM   943  C C    . ILE A 1 8 ? 2.551  2.845  -1.264  1.00 0.00 ?  9   ILE A C    6  
ATOM   944  O O    . ILE A 1 8 ? 2.356  3.850  -0.609  1.00 0.00 ?  9   ILE A O    6  
ATOM   945  C CB   . ILE A 1 8 ? 4.125  1.442  -2.588  1.00 0.00 ?  9   ILE A CB   6  
ATOM   946  C CG1  . ILE A 1 8 ? 5.216  0.377  -2.419  1.00 0.00 ?  9   ILE A CG1  6  
ATOM   947  C CG2  . ILE A 1 8 ? 4.545  2.436  -3.676  1.00 0.00 ?  9   ILE A CG2  6  
ATOM   948  C CD1  . ILE A 1 8 ? 5.200  -0.564 -3.625  1.00 0.00 ?  9   ILE A CD1  6  
ATOM   949  H H    . ILE A 1 8 ? 3.025  0.597  -0.195  1.00 0.00 ?  9   ILE A H    6  
ATOM   950  H HA   . ILE A 1 8 ? 4.685  2.889  -1.051  1.00 0.00 ?  9   ILE A HA   6  
ATOM   951  H HB   . ILE A 1 8 ? 3.199  0.961  -2.883  1.00 0.00 ?  9   ILE A HB   6  
ATOM   952  H HG12 . ILE A 1 8 ? 6.181  0.854  -2.348  1.00 0.00 ?  9   ILE A HG12 6  
ATOM   953  H HG13 . ILE A 1 8 ? 5.029  -0.192 -1.521  1.00 0.00 ?  9   ILE A HG13 6  
ATOM   954  H HG21 . ILE A 1 8 ? 4.371  1.997  -4.648  1.00 0.00 ?  9   ILE A HG21 6  
ATOM   955  H HG22 . ILE A 1 8 ? 5.596  2.667  -3.573  1.00 0.00 ?  9   ILE A HG22 6  
ATOM   956  H HG23 . ILE A 1 8 ? 3.965  3.344  -3.584  1.00 0.00 ?  9   ILE A HG23 6  
ATOM   957  H HD11 . ILE A 1 8 ? 4.185  -0.692 -3.969  1.00 0.00 ?  9   ILE A HD11 6  
ATOM   958  H HD12 . ILE A 1 8 ? 5.606  -1.523 -3.338  1.00 0.00 ?  9   ILE A HD12 6  
ATOM   959  H HD13 . ILE A 1 8 ? 5.799  -0.142 -4.419  1.00 0.00 ?  9   ILE A HD13 6  
HETATM 960  C CA   . IG8 B 2 . ? -2.465 0.116  -5.081  1.00 0.00 ?  101 IG8 A CA   6  
HETATM 961  C C    . IG8 B 2 . ? -2.411 -0.853 -3.902  1.00 0.00 ?  101 IG8 A C    6  
HETATM 962  O O    . IG8 B 2 . ? -1.378 -1.412 -3.589  1.00 0.00 ?  101 IG8 A O    6  
HETATM 963  C CB   . IG8 B 2 . ? -3.132 -0.565 -6.281  1.00 0.00 ?  101 IG8 A CB   6  
HETATM 964  C CG2  . IG8 B 2 . ? -2.127 -1.495 -6.969  1.00 0.00 ?  101 IG8 A CG2  6  
HETATM 965  O OG1  . IG8 B 2 . ? -4.257 -1.312 -5.839  1.00 0.00 ?  101 IG8 A OG1  6  
HETATM 966  C CD   . IG8 B 2 . ? -2.098 -2.850 -6.257  1.00 0.00 ?  101 IG8 A CD   6  
HETATM 967  C CE   . IG8 B 2 . ? -1.348 -3.865 -7.121  1.00 0.00 ?  101 IG8 A CE   6  
HETATM 968  C CZ   . IG8 B 2 . ? -0.608 -4.857 -6.221  1.00 0.00 ?  101 IG8 A CZ   6  
HETATM 969  C CH   . IG8 B 2 . ? 0.733  -5.227 -6.857  1.00 0.00 ?  101 IG8 A CH   6  
HETATM 970  C CI   . IG8 B 2 . ? 1.591  -6.821 -5.135  1.00 0.00 ?  101 IG8 A CI   6  
HETATM 971  C CT   . IG8 B 2 . ? 1.779  -5.439 -5.761  1.00 0.00 ?  101 IG8 A CT   6  
HETATM 972  H HA1  . IG8 B 2 . ? -1.471 0.403  -5.343  1.00 0.00 ?  101 IG8 A HA1  6  
HETATM 973  H HA2  . IG8 B 2 . ? -3.029 0.994  -4.806  1.00 0.00 ?  101 IG8 A HA2  6  
HETATM 974  H HB   . IG8 B 2 . ? -3.455 0.188  -6.984  1.00 0.00 ?  101 IG8 A HB   6  
HETATM 975  H HG21 . IG8 B 2 . ? -1.143 -1.050 -6.931  1.00 0.00 ?  101 IG8 A HG21 6  
HETATM 976  H HG22 . IG8 B 2 . ? -2.417 -1.637 -8.000  1.00 0.00 ?  101 IG8 A HG22 6  
HETATM 977  H HG1  . IG8 B 2 . ? -4.981 -0.699 -5.692  1.00 0.00 ?  101 IG8 A HG1  6  
HETATM 978  H HD1  . IG8 B 2 . ? -3.107 -3.195 -6.095  1.00 0.00 ?  101 IG8 A HD1  6  
HETATM 979  H HD2  . IG8 B 2 . ? -1.596 -2.747 -5.307  1.00 0.00 ?  101 IG8 A HD2  6  
HETATM 980  H HE1  . IG8 B 2 . ? -0.635 -3.349 -7.747  1.00 0.00 ?  101 IG8 A HE1  6  
HETATM 981  H HE2  . IG8 B 2 . ? -2.053 -4.398 -7.743  1.00 0.00 ?  101 IG8 A HE2  6  
HETATM 982  H HZ1  . IG8 B 2 . ? -1.206 -5.749 -6.101  1.00 0.00 ?  101 IG8 A HZ1  6  
HETATM 983  H HZ2  . IG8 B 2 . ? -0.437 -4.406 -5.254  1.00 0.00 ?  101 IG8 A HZ2  6  
HETATM 984  H HH1  . IG8 B 2 . ? 1.054  -4.430 -7.510  1.00 0.00 ?  101 IG8 A HH1  6  
HETATM 985  H HH2  . IG8 B 2 . ? 0.620  -6.137 -7.430  1.00 0.00 ?  101 IG8 A HH2  6  
HETATM 986  H HI2  . IG8 B 2 . ? 0.670  -6.839 -4.570  1.00 0.00 ?  101 IG8 A HI2  6  
HETATM 987  H HI3  . IG8 B 2 . ? 2.421  -7.034 -4.476  1.00 0.00 ?  101 IG8 A HI3  6  
HETATM 988  H HI1  . IG8 B 2 . ? 1.549  -7.567 -5.915  1.00 0.00 ?  101 IG8 A HI1  6  
HETATM 989  H HT1  . IG8 B 2 . ? 1.660  -4.681 -5.000  1.00 0.00 ?  101 IG8 A HT1  6  
HETATM 990  H HT2  . IG8 B 2 . ? 2.768  -5.368 -6.190  1.00 0.00 ?  101 IG8 A HT2  6  
HETATM 991  N N    . DLE A 1 1 ? -3.645 -1.051 -3.294  1.00 0.00 ?  2   DLE A N    7  
HETATM 992  C CA   . DLE A 1 1 ? -3.619 -2.000 -2.196  1.00 0.00 ?  2   DLE A CA   7  
HETATM 993  C CB   . DLE A 1 1 ? -4.973 -2.719 -2.095  1.00 0.00 ?  2   DLE A CB   7  
HETATM 994  C CG   . DLE A 1 1 ? -6.044 -1.772 -1.540  1.00 0.00 ?  2   DLE A CG   7  
HETATM 995  C CD1  . DLE A 1 1 ? -7.415 -2.183 -2.084  1.00 0.00 ?  2   DLE A CD1  7  
HETATM 996  C CD2  . DLE A 1 1 ? -6.054 -1.856 -0.010  1.00 0.00 ?  2   DLE A CD2  7  
HETATM 997  C C    . DLE A 1 1 ? -3.308 -1.262 -0.888  1.00 0.00 ?  2   DLE A C    7  
HETATM 998  O O    . DLE A 1 1 ? -2.638 -1.785 -0.019  1.00 0.00 ?  2   DLE A O    7  
HETATM 999  H H1   . DLE A 1 1 ? -4.480 -0.888 -3.781  1.00 0.00 ?  2   DLE A H1   7  
HETATM 1000 H HA   . DLE A 1 1 ? -2.845 -2.730 -2.380  1.00 0.00 ?  2   DLE A HA   7  
HETATM 1001 H HB2  . DLE A 1 1 ? -4.876 -3.571 -1.440  1.00 0.00 ?  2   DLE A HB2  7  
HETATM 1002 H HB3  . DLE A 1 1 ? -5.270 -3.057 -3.077  1.00 0.00 ?  2   DLE A HB3  7  
HETATM 1003 H HG   . DLE A 1 1 ? -5.825 -0.762 -1.845  1.00 0.00 ?  2   DLE A HG   7  
HETATM 1004 H HD11 . DLE A 1 1 ? -7.293 -2.655 -3.047  1.00 0.00 ?  2   DLE A HD11 7  
HETATM 1005 H HD12 . DLE A 1 1 ? -8.038 -1.306 -2.188  1.00 0.00 ?  2   DLE A HD12 7  
HETATM 1006 H HD13 . DLE A 1 1 ? -7.882 -2.875 -1.399  1.00 0.00 ?  2   DLE A HD13 7  
HETATM 1007 H HD21 . DLE A 1 1 ? -7.070 -1.952 0.341   1.00 0.00 ?  2   DLE A HD21 7  
HETATM 1008 H HD22 . DLE A 1 1 ? -5.615 -0.958 0.400   1.00 0.00 ?  2   DLE A HD22 7  
HETATM 1009 H HD23 . DLE A 1 1 ? -5.478 -2.714 0.308   1.00 0.00 ?  2   DLE A HD23 7  
HETATM 1010 N N    . DGL A 1 2 ? -3.784 -0.052 -0.744  1.00 0.00 ?  3   DGL A N    7  
HETATM 1011 C CA   . DGL A 1 2 ? -3.511 0.691  0.474   1.00 0.00 ?  3   DGL A CA   7  
HETATM 1012 C C    . DGL A 1 2 ? -2.090 1.174  0.445   1.00 0.00 ?  3   DGL A C    7  
HETATM 1013 O O    . DGL A 1 2 ? -1.416 1.122  1.452   1.00 0.00 ?  3   DGL A O    7  
HETATM 1014 C CB   . DGL A 1 2 ? -4.476 1.869  0.614   1.00 0.00 ?  3   DGL A CB   7  
HETATM 1015 C CG   . DGL A 1 2 ? -5.732 1.415  1.360   1.00 0.00 ?  3   DGL A CG   7  
HETATM 1016 C CD   . DGL A 1 2 ? -6.482 2.640  1.890   1.00 0.00 ?  3   DGL A CD   7  
HETATM 1017 O OE1  . DGL A 1 2 ? -6.969 2.574  3.006   1.00 0.00 ?  3   DGL A OE1  7  
HETATM 1018 O OE2  . DGL A 1 2 ? -6.556 3.621  1.169   1.00 0.00 -1 3   DGL A OE2  7  
HETATM 1019 H H    . DGL A 1 2 ? -4.316 0.356  -1.457  1.00 0.00 ?  3   DGL A H    7  
HETATM 1020 H HA   . DGL A 1 2 ? -3.597 0.036  1.327   1.00 0.00 ?  3   DGL A HA   7  
HETATM 1021 H HB2  . DGL A 1 2 ? -3.995 2.665  1.166   1.00 0.00 ?  3   DGL A HB2  7  
HETATM 1022 H HB3  . DGL A 1 2 ? -4.752 2.227  -0.366  1.00 0.00 ?  3   DGL A HB3  7  
HETATM 1023 H HG2  . DGL A 1 2 ? -6.371 0.864  0.687   1.00 0.00 ?  3   DGL A HG2  7  
HETATM 1024 H HG3  . DGL A 1 2 ? -5.450 0.783  2.189   1.00 0.00 ?  3   DGL A HG3  7  
HETATM 1025 N N    . 2TL A 1 3 ? -1.567 1.556  -0.686  1.00 0.00 ?  4   2TL A N    7  
HETATM 1026 C CA   . 2TL A 1 3 ? -0.187 1.904  -0.666  1.00 0.00 ?  4   2TL A CA   7  
HETATM 1027 C CB   . 2TL A 1 3 ? 0.332  2.385  -2.022  1.00 0.00 ?  4   2TL A CB   7  
HETATM 1028 O OG1  . 2TL A 1 3 ? 1.663  1.932  -2.034  1.00 0.00 ?  4   2TL A OG1  7  
HETATM 1029 C CG2  . 2TL A 1 3 ? 0.272  3.913  -2.104  1.00 0.00 ?  4   2TL A CG2  7  
HETATM 1030 C C    . 2TL A 1 3 ? 0.504  0.578  -0.342  1.00 0.00 ?  4   2TL A C    7  
HETATM 1031 O O    . 2TL A 1 3 ? 1.490  0.504  0.361   1.00 0.00 ?  4   2TL A O    7  
HETATM 1032 H H    . 2TL A 1 3 ? -2.065 1.523  -1.524  1.00 0.00 ?  4   2TL A H    7  
HETATM 1033 H HA   . 2TL A 1 3 ? 0.007  2.639  0.103   1.00 0.00 ?  4   2TL A HA   7  
HETATM 1034 H HB   . 2TL A 1 3 ? -0.232 1.928  -2.826  1.00 0.00 ?  4   2TL A HB   7  
HETATM 1035 H HG21 . 2TL A 1 3 ? 0.351  4.322  -1.108  1.00 0.00 ?  4   2TL A HG21 7  
HETATM 1036 H HG22 . 2TL A 1 3 ? -0.661 4.223  -2.550  1.00 0.00 ?  4   2TL A HG22 7  
HETATM 1037 H HG23 . 2TL A 1 3 ? 1.098  4.270  -2.702  1.00 0.00 ?  4   2TL A HG23 7  
ATOM   1038 N N    . LEU A 1 4 ? -0.053 -0.470 -0.903  1.00 0.00 ?  5   LEU A N    7  
ATOM   1039 C CA   . LEU A 1 4 ? 0.453  -1.805 -0.743  1.00 0.00 ?  5   LEU A CA   7  
ATOM   1040 C C    . LEU A 1 4 ? 0.840  -2.091 0.720   1.00 0.00 ?  5   LEU A C    7  
ATOM   1041 O O    . LEU A 1 4 ? 2.001  -2.152 1.075   1.00 0.00 ?  5   LEU A O    7  
ATOM   1042 C CB   . LEU A 1 4 ? 1.621  -1.924 -1.700  1.00 0.00 ?  5   LEU A CB   7  
ATOM   1043 C CG   . LEU A 1 4 ? 2.431  -3.191 -1.419  1.00 0.00 ?  5   LEU A CG   7  
ATOM   1044 C CD1  . LEU A 1 4 ? 2.620  -3.982 -2.717  1.00 0.00 ?  5   LEU A CD1  7  
ATOM   1045 C CD2  . LEU A 1 4 ? 3.792  -2.788 -0.863  1.00 0.00 ?  5   LEU A CD2  7  
ATOM   1046 H H    . LEU A 1 4 ? -0.822 -0.338 -1.475  1.00 0.00 ?  5   LEU A H    7  
ATOM   1047 H HA   . LEU A 1 4 ? -0.310 -2.511 -1.041  1.00 0.00 ?  5   LEU A HA   7  
ATOM   1048 H HB2  . LEU A 1 4 ? 1.235  -1.957 -2.710  1.00 0.00 ?  5   LEU A HB2  7  
ATOM   1049 H HB3  . LEU A 1 4 ? 2.243  -1.050 -1.592  1.00 0.00 ?  5   LEU A HB3  7  
ATOM   1050 H HG   . LEU A 1 4 ? 1.912  -3.803 -0.696  1.00 0.00 ?  5   LEU A HG   7  
ATOM   1051 H HD11 . LEU A 1 4 ? 3.080  -3.349 -3.461  1.00 0.00 ?  5   LEU A HD11 7  
ATOM   1052 H HD12 . LEU A 1 4 ? 1.658  -4.318 -3.076  1.00 0.00 ?  5   LEU A HD12 7  
ATOM   1053 H HD13 . LEU A 1 4 ? 3.253  -4.836 -2.530  1.00 0.00 ?  5   LEU A HD13 7  
ATOM   1054 H HD21 . LEU A 1 4 ? 4.575  -3.243 -1.448  1.00 0.00 ?  5   LEU A HD21 7  
ATOM   1055 H HD22 . LEU A 1 4 ? 3.869  -3.113 0.164   1.00 0.00 ?  5   LEU A HD22 7  
ATOM   1056 H HD23 . LEU A 1 4 ? 3.885  -1.711 -0.908  1.00 0.00 ?  5   LEU A HD23 7  
HETATM 1057 N N    . DLE A 1 5 ? -0.150 -2.300 1.556   1.00 0.00 ?  6   DLE A N    7  
HETATM 1058 C CA   . DLE A 1 5 ? 0.100  -2.616 2.955   1.00 0.00 ?  6   DLE A CA   7  
HETATM 1059 C CB   . DLE A 1 5 ? -1.199 -3.093 3.613   1.00 0.00 ?  6   DLE A CB   7  
HETATM 1060 C CG   . DLE A 1 5 ? -1.472 -4.543 3.215   1.00 0.00 ?  6   DLE A CG   7  
HETATM 1061 C CD1  . DLE A 1 5 ? -0.776 -5.478 4.200   1.00 0.00 ?  6   DLE A CD1  7  
HETATM 1062 C CD2  . DLE A 1 5 ? -2.979 -4.798 3.243   1.00 0.00 ?  6   DLE A CD2  7  
HETATM 1063 C C    . DLE A 1 5 ? 0.633  -1.398 3.716   1.00 0.00 ?  6   DLE A C    7  
HETATM 1064 O O    . DLE A 1 5 ? 1.220  -1.539 4.771   1.00 0.00 ?  6   DLE A O    7  
HETATM 1065 H H    . DLE A 1 5 ? -1.071 -2.265 1.226   1.00 0.00 ?  6   DLE A H    7  
HETATM 1066 H HA   . DLE A 1 5 ? 0.828  -3.410 3.010   1.00 0.00 ?  6   DLE A HA   7  
HETATM 1067 H HB2  . DLE A 1 5 ? -1.101 -3.027 4.686   1.00 0.00 ?  6   DLE A HB2  7  
HETATM 1068 H HB3  . DLE A 1 5 ? -2.023 -2.474 3.290   1.00 0.00 ?  6   DLE A HB3  7  
HETATM 1069 H HG   . DLE A 1 5 ? -1.092 -4.726 2.220   1.00 0.00 ?  6   DLE A HG   7  
HETATM 1070 H HD11 . DLE A 1 5 ? -1.200 -5.342 5.184   1.00 0.00 ?  6   DLE A HD11 7  
HETATM 1071 H HD12 . DLE A 1 5 ? 0.279  -5.247 4.226   1.00 0.00 ?  6   DLE A HD12 7  
HETATM 1072 H HD13 . DLE A 1 5 ? -0.914 -6.501 3.884   1.00 0.00 ?  6   DLE A HD13 7  
HETATM 1073 H HD21 . DLE A 1 5 ? -3.503 -3.875 3.042   1.00 0.00 ?  6   DLE A HD21 7  
HETATM 1074 H HD22 . DLE A 1 5 ? -3.264 -5.169 4.217   1.00 0.00 ?  6   DLE A HD22 7  
HETATM 1075 H HD23 . DLE A 1 5 ? -3.236 -5.528 2.491   1.00 0.00 ?  6   DLE A HD23 7  
HETATM 1076 N N    . DSN A 1 6 ? 0.464  -0.211 3.197   1.00 0.00 ?  7   DSN A N    7  
HETATM 1077 C CA   . DSN A 1 6 ? 0.994  0.950  3.903   1.00 0.00 ?  7   DSN A CA   7  
HETATM 1078 C C    . DSN A 1 6 ? 2.488  1.010  3.613   1.00 0.00 ?  7   DSN A C    7  
HETATM 1079 O O    . DSN A 1 6 ? 3.266  1.543  4.382   1.00 0.00 ?  7   DSN A O    7  
HETATM 1080 C CB   . DSN A 1 6 ? 0.324  2.265  3.439   1.00 0.00 ?  7   DSN A CB   7  
HETATM 1081 O OG   . DSN A 1 6 ? -0.107 2.997  4.577   1.00 0.00 ?  7   DSN A OG   7  
HETATM 1082 H H    . DSN A 1 6 ? 0.016  -0.109 2.332   1.00 0.00 ?  7   DSN A H    7  
HETATM 1083 H HA   . DSN A 1 6 ? 0.850  0.815  4.977   1.00 0.00 ?  7   DSN A HA   7  
HETATM 1084 H HB2  . DSN A 1 6 ? 1.041  2.859  2.887   1.00 0.00 ?  7   DSN A HB2  7  
HETATM 1085 H HB3  . DSN A 1 6 ? -0.530 2.062  2.804   1.00 0.00 ?  7   DSN A HB3  7  
HETATM 1086 H HG   . DSN A 1 6 ? 0.587  3.618  4.811   1.00 0.00 ?  7   DSN A HG   7  
ATOM   1087 N N    . LEU A 1 7 ? 2.892  0.442  2.510   1.00 0.00 ?  8   LEU A N    7  
ATOM   1088 C CA   . LEU A 1 7 ? 4.315  0.436  2.171   1.00 0.00 ?  8   LEU A CA   7  
ATOM   1089 C C    . LEU A 1 7 ? 4.563  1.343  0.952   1.00 0.00 ?  8   LEU A C    7  
ATOM   1090 O O    . LEU A 1 7 ? 5.352  2.267  1.008   1.00 0.00 ?  8   LEU A O    7  
ATOM   1091 C CB   . LEU A 1 7 ? 4.751  -1.019 1.862   1.00 0.00 ?  8   LEU A CB   7  
ATOM   1092 C CG   . LEU A 1 7 ? 6.276  -1.101 1.733   1.00 0.00 ?  8   LEU A CG   7  
ATOM   1093 C CD1  . LEU A 1 7 ? 6.937  -0.559 3.003   1.00 0.00 ?  8   LEU A CD1  7  
ATOM   1094 C CD2  . LEU A 1 7 ? 6.679  -2.563 1.535   1.00 0.00 ?  8   LEU A CD2  7  
ATOM   1095 H H    . LEU A 1 7 ? 2.222  0.003  1.914   1.00 0.00 ?  8   LEU A H    7  
ATOM   1096 H HA   . LEU A 1 7 ? 4.886  0.831  3.015   1.00 0.00 ?  8   LEU A HA   7  
ATOM   1097 H HB2  . LEU A 1 7 ? 4.418  -1.693 2.651   1.00 0.00 ?  8   LEU A HB2  7  
ATOM   1098 H HB3  . LEU A 1 7 ? 4.302  -1.332 0.935   1.00 0.00 ?  8   LEU A HB3  7  
ATOM   1099 H HG   . LEU A 1 7 ? 6.601  -0.522 0.879   1.00 0.00 ?  8   LEU A HG   7  
ATOM   1100 H HD11 . LEU A 1 7 ? 7.159  0.490  2.875   1.00 0.00 ?  8   LEU A HD11 7  
ATOM   1101 H HD12 . LEU A 1 7 ? 7.853  -1.100 3.192   1.00 0.00 ?  8   LEU A HD12 7  
ATOM   1102 H HD13 . LEU A 1 7 ? 6.266  -0.685 3.840   1.00 0.00 ?  8   LEU A HD13 7  
ATOM   1103 H HD21 . LEU A 1 7 ? 5.908  -3.205 1.935   1.00 0.00 ?  8   LEU A HD21 7  
ATOM   1104 H HD22 . LEU A 1 7 ? 7.609  -2.753 2.050   1.00 0.00 ?  8   LEU A HD22 7  
ATOM   1105 H HD23 . LEU A 1 7 ? 6.803  -2.762 0.481   1.00 0.00 ?  8   LEU A HD23 7  
ATOM   1106 N N    . ILE A 1 8 ? 3.854  1.125  -0.119  1.00 0.00 ?  9   ILE A N    7  
ATOM   1107 C CA   . ILE A 1 8 ? 3.975  1.968  -1.284  1.00 0.00 ?  9   ILE A CA   7  
ATOM   1108 C C    . ILE A 1 8 ? 2.626  2.632  -1.344  1.00 0.00 ?  9   ILE A C    7  
ATOM   1109 O O    . ILE A 1 8 ? 2.412  3.641  -0.703  1.00 0.00 ?  9   ILE A O    7  
ATOM   1110 C CB   . ILE A 1 8 ? 4.190  1.108  -2.539  1.00 0.00 ?  9   ILE A CB   7  
ATOM   1111 C CG1  . ILE A 1 8 ? 5.343  0.122  -2.306  1.00 0.00 ?  9   ILE A CG1  7  
ATOM   1112 C CG2  . ILE A 1 8 ? 4.518  2.002  -3.739  1.00 0.00 ?  9   ILE A CG2  7  
ATOM   1113 C CD1  . ILE A 1 8 ? 5.287  -0.984 -3.361  1.00 0.00 ?  9   ILE A CD1  7  
ATOM   1114 H H    . ILE A 1 8 ? 3.184  0.416  -0.123  1.00 0.00 ?  9   ILE A H    7  
ATOM   1115 H HA   . ILE A 1 8 ? 4.762  2.697  -1.156  1.00 0.00 ?  9   ILE A HA   7  
ATOM   1116 H HB   . ILE A 1 8 ? 3.280  0.554  -2.744  1.00 0.00 ?  9   ILE A HB   7  
ATOM   1117 H HG12 . ILE A 1 8 ? 6.284  0.642  -2.382  1.00 0.00 ?  9   ILE A HG12 7  
ATOM   1118 H HG13 . ILE A 1 8 ? 5.253  -0.316 -1.326  1.00 0.00 ?  9   ILE A HG13 7  
ATOM   1119 H HG21 . ILE A 1 8 ? 4.325  1.460  -4.653  1.00 0.00 ?  9   ILE A HG21 7  
ATOM   1120 H HG22 . ILE A 1 8 ? 5.559  2.287  -3.706  1.00 0.00 ?  9   ILE A HG22 7  
ATOM   1121 H HG23 . ILE A 1 8 ? 3.900  2.888  -3.710  1.00 0.00 ?  9   ILE A HG23 7  
ATOM   1122 H HD11 . ILE A 1 8 ? 5.260  -0.541 -4.346  1.00 0.00 ?  9   ILE A HD11 7  
ATOM   1123 H HD12 . ILE A 1 8 ? 4.400  -1.581 -3.211  1.00 0.00 ?  9   ILE A HD12 7  
ATOM   1124 H HD13 . ILE A 1 8 ? 6.162  -1.611 -3.272  1.00 0.00 ?  9   ILE A HD13 7  
HETATM 1125 C CA   . IG8 B 2 . ? -2.645 0.566  -4.806  1.00 0.00 ?  101 IG8 A CA   7  
HETATM 1126 C C    . IG8 B 2 . ? -2.553 -0.418 -3.637  1.00 0.00 ?  101 IG8 A C    7  
HETATM 1127 O O    . IG8 B 2 . ? -1.504 -0.606 -3.052  1.00 0.00 ?  101 IG8 A O    7  
HETATM 1128 C CB   . IG8 B 2 . ? -1.235 0.931  -5.281  1.00 0.00 ?  101 IG8 A CB   7  
HETATM 1129 C CG2  . IG8 B 2 . ? -0.814 -0.013 -6.408  1.00 0.00 ?  101 IG8 A CG2  7  
HETATM 1130 O OG1  . IG8 B 2 . ? -1.230 2.270  -5.754  1.00 0.00 ?  101 IG8 A OG1  7  
HETATM 1131 C CD   . IG8 B 2 . ? -0.721 -1.444 -5.872  1.00 0.00 ?  101 IG8 A CD   7  
HETATM 1132 C CE   . IG8 B 2 . ? 0.312  -2.227 -6.684  1.00 0.00 ?  101 IG8 A CE   7  
HETATM 1133 C CZ   . IG8 B 2 . ? 0.058  -3.727 -6.519  1.00 0.00 ?  101 IG8 A CZ   7  
HETATM 1134 C CH   . IG8 B 2 . ? 0.611  -4.476 -7.733  1.00 0.00 ?  101 IG8 A CH   7  
HETATM 1135 C CI   . IG8 B 2 . ? -0.012 -6.885 -7.504  1.00 0.00 ?  101 IG8 A CI   7  
HETATM 1136 C CT   . IG8 B 2 . ? 1.104  -5.859 -7.301  1.00 0.00 ?  101 IG8 A CT   7  
HETATM 1137 H HA1  . IG8 B 2 . ? -3.157 1.460  -4.486  1.00 0.00 ?  101 IG8 A HA1  7  
HETATM 1138 H HA2  . IG8 B 2 . ? -3.189 0.107  -5.617  1.00 0.00 ?  101 IG8 A HA2  7  
HETATM 1139 H HB   . IG8 B 2 . ? -0.541 0.836  -4.459  1.00 0.00 ?  101 IG8 A HB   7  
HETATM 1140 H HG21 . IG8 B 2 . ? 0.150  0.289  -6.789  1.00 0.00 ?  101 IG8 A HG21 7  
HETATM 1141 H HG22 . IG8 B 2 . ? -1.544 0.028  -7.204  1.00 0.00 ?  101 IG8 A HG22 7  
HETATM 1142 H HG1  . IG8 B 2 . ? -0.379 2.436  -6.167  1.00 0.00 ?  101 IG8 A HG1  7  
HETATM 1143 H HD1  . IG8 B 2 . ? -1.684 -1.923 -5.958  1.00 0.00 ?  101 IG8 A HD1  7  
HETATM 1144 H HD2  . IG8 B 2 . ? -0.421 -1.420 -4.835  1.00 0.00 ?  101 IG8 A HD2  7  
HETATM 1145 H HE1  . IG8 B 2 . ? 1.304  -1.991 -6.330  1.00 0.00 ?  101 IG8 A HE1  7  
HETATM 1146 H HE2  . IG8 B 2 . ? 0.228  -1.961 -7.727  1.00 0.00 ?  101 IG8 A HE2  7  
HETATM 1147 H HZ1  . IG8 B 2 . ? -1.003 -3.907 -6.441  1.00 0.00 ?  101 IG8 A HZ1  7  
HETATM 1148 H HZ2  . IG8 B 2 . ? 0.550  -4.078 -5.623  1.00 0.00 ?  101 IG8 A HZ2  7  
HETATM 1149 H HH1  . IG8 B 2 . ? 1.434  -3.920 -8.155  1.00 0.00 ?  101 IG8 A HH1  7  
HETATM 1150 H HH2  . IG8 B 2 . ? -0.168 -4.586 -8.472  1.00 0.00 ?  101 IG8 A HH2  7  
HETATM 1151 H HI2  . IG8 B 2 . ? -0.839 -6.654 -6.850  1.00 0.00 ?  101 IG8 A HI2  7  
HETATM 1152 H HI3  . IG8 B 2 . ? 0.362  -7.873 -7.276  1.00 0.00 ?  101 IG8 A HI3  7  
HETATM 1153 H HI1  . IG8 B 2 . ? -0.345 -6.856 -8.532  1.00 0.00 ?  101 IG8 A HI1  7  
HETATM 1154 H HT1  . IG8 B 2 . ? 1.379  -5.832 -6.257  1.00 0.00 ?  101 IG8 A HT1  7  
HETATM 1155 H HT2  . IG8 B 2 . ? 1.963  -6.136 -7.893  1.00 0.00 ?  101 IG8 A HT2  7  
HETATM 1156 N N    . DLE A 1 1 ? -3.687 -0.771 -3.319  1.00 0.00 ?  2   DLE A N    8  
HETATM 1157 C CA   . DLE A 1 1 ? -3.691 -1.783 -2.276  1.00 0.00 ?  2   DLE A CA   8  
HETATM 1158 C CB   . DLE A 1 1 ? -5.070 -2.462 -2.211  1.00 0.00 ?  2   DLE A CB   8  
HETATM 1159 C CG   . DLE A 1 1 ? -6.088 -1.562 -1.500  1.00 0.00 ?  2   DLE A CG   8  
HETATM 1160 C CD1  . DLE A 1 1 ? -7.485 -1.832 -2.063  1.00 0.00 ?  2   DLE A CD1  8  
HETATM 1161 C CD2  . DLE A 1 1 ? -6.075 -1.865 0.001   1.00 0.00 ?  2   DLE A CD2  8  
HETATM 1162 C C    . DLE A 1 1 ? -3.342 -1.141 -0.927  1.00 0.00 ?  2   DLE A C    8  
HETATM 1163 O O    . DLE A 1 1 ? -2.674 -1.741 -0.106  1.00 0.00 ?  2   DLE A O    8  
HETATM 1164 H H1   . DLE A 1 1 ? -4.149 0.081  -3.180  1.00 0.00 ?  2   DLE A H1   8  
HETATM 1165 H HA   . DLE A 1 1 ? -2.945 -2.528 -2.511  1.00 0.00 ?  2   DLE A HA   8  
HETATM 1166 H HB2  . DLE A 1 1 ? -4.981 -3.394 -1.672  1.00 0.00 ?  2   DLE A HB2  8  
HETATM 1167 H HB3  . DLE A 1 1 ? -5.414 -2.664 -3.215  1.00 0.00 ?  2   DLE A HB3  8  
HETATM 1168 H HG   . DLE A 1 1 ? -5.832 -0.528 -1.660  1.00 0.00 ?  2   DLE A HG   8  
HETATM 1169 H HD11 . DLE A 1 1 ? -7.466 -1.729 -3.138  1.00 0.00 ?  2   DLE A HD11 8  
HETATM 1170 H HD12 . DLE A 1 1 ? -8.185 -1.123 -1.645  1.00 0.00 ?  2   DLE A HD12 8  
HETATM 1171 H HD13 . DLE A 1 1 ? -7.791 -2.835 -1.802  1.00 0.00 ?  2   DLE A HD13 8  
HETATM 1172 H HD21 . DLE A 1 1 ? -6.895 -2.526 0.243   1.00 0.00 ?  2   DLE A HD21 8  
HETATM 1173 H HD22 . DLE A 1 1 ? -6.180 -0.944 0.555   1.00 0.00 ?  2   DLE A HD22 8  
HETATM 1174 H HD23 . DLE A 1 1 ? -5.141 -2.341 0.266   1.00 0.00 ?  2   DLE A HD23 8  
HETATM 1175 N N    . DGL A 1 2 ? -3.781 0.069  -0.690  1.00 0.00 ?  3   DGL A N    8  
HETATM 1176 C CA   . DGL A 1 2 ? -3.468 0.716  0.572   1.00 0.00 ?  3   DGL A CA   8  
HETATM 1177 C C    . DGL A 1 2 ? -2.048 1.202  0.541   1.00 0.00 ?  3   DGL A C    8  
HETATM 1178 O O    . DGL A 1 2 ? -1.377 1.168  1.550   1.00 0.00 ?  3   DGL A O    8  
HETATM 1179 C CB   . DGL A 1 2 ? -4.427 1.878  0.832   1.00 0.00 ?  3   DGL A CB   8  
HETATM 1180 C CG   . DGL A 1 2 ? -4.261 2.367  2.272   1.00 0.00 ?  3   DGL A CG   8  
HETATM 1181 C CD   . DGL A 1 2 ? -5.297 1.683  3.167   1.00 0.00 ?  3   DGL A CD   8  
HETATM 1182 O OE1  . DGL A 1 2 ? -4.901 1.129  4.180   1.00 0.00 ?  3   DGL A OE1  8  
HETATM 1183 O OE2  . DGL A 1 2 ? -6.466 1.724  2.824   1.00 0.00 -1 3   DGL A OE2  8  
HETATM 1184 H H    . DGL A 1 2 ? -4.314 0.541  -1.362  1.00 0.00 ?  3   DGL A H    8  
HETATM 1185 H HA   . DGL A 1 2 ? -3.531 -0.003 1.376   1.00 0.00 ?  3   DGL A HA   8  
HETATM 1186 H HB2  . DGL A 1 2 ? -4.206 2.686  0.149   1.00 0.00 ?  3   DGL A HB2  8  
HETATM 1187 H HB3  . DGL A 1 2 ? -5.444 1.547  0.681   1.00 0.00 ?  3   DGL A HB3  8  
HETATM 1188 H HG2  . DGL A 1 2 ? -3.267 2.127  2.621   1.00 0.00 ?  3   DGL A HG2  8  
HETATM 1189 H HG3  . DGL A 1 2 ? -4.407 3.436  2.309   1.00 0.00 ?  3   DGL A HG3  8  
HETATM 1190 N N    . 2TL A 1 3 ? -1.522 1.567  -0.594  1.00 0.00 ?  4   2TL A N    8  
HETATM 1191 C CA   . 2TL A 1 3 ? -0.144 1.921  -0.574  1.00 0.00 ?  4   2TL A CA   8  
HETATM 1192 C CB   . 2TL A 1 3 ? 0.369  2.415  -1.927  1.00 0.00 ?  4   2TL A CB   8  
HETATM 1193 O OG1  . 2TL A 1 3 ? 1.709  1.985  -1.936  1.00 0.00 ?  4   2TL A OG1  8  
HETATM 1194 C CG2  . 2TL A 1 3 ? 0.284  3.942  -2.005  1.00 0.00 ?  4   2TL A CG2  8  
HETATM 1195 C C    . 2TL A 1 3 ? 0.557  0.597  -0.261  1.00 0.00 ?  4   2TL A C    8  
HETATM 1196 O O    . 2TL A 1 3 ? 1.535  0.524  0.453   1.00 0.00 ?  4   2TL A O    8  
HETATM 1197 H H    . 2TL A 1 3 ? -2.018 1.519  -1.433  1.00 0.00 ?  4   2TL A H    8  
HETATM 1198 H HA   . 2TL A 1 3 ? 0.048  2.651  0.199   1.00 0.00 ?  4   2TL A HA   8  
HETATM 1199 H HB   . 2TL A 1 3 ? -0.182 1.950  -2.736  1.00 0.00 ?  4   2TL A HB   8  
HETATM 1200 H HG21 . 2TL A 1 3 ? 1.104  4.315  -2.602  1.00 0.00 ?  4   2TL A HG21 8  
HETATM 1201 H HG22 . 2TL A 1 3 ? 0.355  4.350  -1.007  1.00 0.00 ?  4   2TL A HG22 8  
HETATM 1202 H HG23 . 2TL A 1 3 ? -0.655 4.237  -2.451  1.00 0.00 ?  4   2TL A HG23 8  
ATOM   1203 N N    . LEU A 1 4 ? 0.021  -0.448 -0.847  1.00 0.00 ?  5   LEU A N    8  
ATOM   1204 C CA   . LEU A 1 4 ? 0.543  -1.779 -0.701  1.00 0.00 ?  5   LEU A CA   8  
ATOM   1205 C C    . LEU A 1 4 ? 0.920  -2.084 0.761   1.00 0.00 ?  5   LEU A C    8  
ATOM   1206 O O    . LEU A 1 4 ? 2.078  -2.152 1.123   1.00 0.00 ?  5   LEU A O    8  
ATOM   1207 C CB   . LEU A 1 4 ? 1.721  -1.869 -1.648  1.00 0.00 ?  5   LEU A CB   8  
ATOM   1208 C CG   . LEU A 1 4 ? 2.540  -3.133 -1.383  1.00 0.00 ?  5   LEU A CG   8  
ATOM   1209 C CD1  . LEU A 1 4 ? 2.741  -3.901 -2.693  1.00 0.00 ?  5   LEU A CD1  8  
ATOM   1210 C CD2  . LEU A 1 4 ? 3.894  -2.728 -0.815  1.00 0.00 ?  5   LEU A CD2  8  
ATOM   1211 H H    . LEU A 1 4 ? -0.741 -0.316 -1.428  1.00 0.00 ?  5   LEU A H    8  
ATOM   1212 H HA   . LEU A 1 4 ? -0.208 -2.490 -1.018  1.00 0.00 ?  5   LEU A HA   8  
ATOM   1213 H HB2  . LEU A 1 4 ? 1.346  -1.885 -2.663  1.00 0.00 ?  5   LEU A HB2  8  
ATOM   1214 H HB3  . LEU A 1 4 ? 2.334  -0.990 -1.517  1.00 0.00 ?  5   LEU A HB3  8  
ATOM   1215 H HG   . LEU A 1 4 ? 2.022  -3.761 -0.673  1.00 0.00 ?  5   LEU A HG   8  
ATOM   1216 H HD11 . LEU A 1 4 ? 3.483  -3.398 -3.296  1.00 0.00 ?  5   LEU A HD11 8  
ATOM   1217 H HD12 . LEU A 1 4 ? 1.806  -3.943 -3.234  1.00 0.00 ?  5   LEU A HD12 8  
ATOM   1218 H HD13 . LEU A 1 4 ? 3.076  -4.904 -2.475  1.00 0.00 ?  5   LEU A HD13 8  
ATOM   1219 H HD21 . LEU A 1 4 ? 4.683  -3.181 -1.392  1.00 0.00 ?  5   LEU A HD21 8  
ATOM   1220 H HD22 . LEU A 1 4 ? 3.962  -3.053 0.213   1.00 0.00 ?  5   LEU A HD22 8  
ATOM   1221 H HD23 . LEU A 1 4 ? 3.986  -1.651 -0.858  1.00 0.00 ?  5   LEU A HD23 8  
HETATM 1222 N N    . DLE A 1 5 ? -0.076 -2.304 1.588   1.00 0.00 ?  6   DLE A N    8  
HETATM 1223 C CA   . DLE A 1 5 ? 0.165  -2.642 2.984   1.00 0.00 ?  6   DLE A CA   8  
HETATM 1224 C CB   . DLE A 1 5 ? -1.137 -3.134 3.624   1.00 0.00 ?  6   DLE A CB   8  
HETATM 1225 C CG   . DLE A 1 5 ? -1.406 -4.577 3.196   1.00 0.00 ?  6   DLE A CG   8  
HETATM 1226 C CD1  . DLE A 1 5 ? -0.718 -5.530 4.169   1.00 0.00 ?  6   DLE A CD1  8  
HETATM 1227 C CD2  . DLE A 1 5 ? -2.914 -4.833 3.207   1.00 0.00 ?  6   DLE A CD2  8  
HETATM 1228 C C    . DLE A 1 5 ? 0.689  -1.436 3.769   1.00 0.00 ?  6   DLE A C    8  
HETATM 1229 O O    . DLE A 1 5 ? 1.267  -1.593 4.829   1.00 0.00 ?  6   DLE A O    8  
HETATM 1230 H H    . DLE A 1 5 ? -0.995 -2.265 1.253   1.00 0.00 ?  6   DLE A H    8  
HETATM 1231 H HA   . DLE A 1 5 ? 0.895  -3.435 3.032   1.00 0.00 ?  6   DLE A HA   8  
HETATM 1232 H HB2  . DLE A 1 5 ? -1.046 -3.090 4.699   1.00 0.00 ?  6   DLE A HB2  8  
HETATM 1233 H HB3  . DLE A 1 5 ? -1.959 -2.509 3.309   1.00 0.00 ?  6   DLE A HB3  8  
HETATM 1234 H HG   . DLE A 1 5 ? -1.019 -4.741 2.202   1.00 0.00 ?  6   DLE A HG   8  
HETATM 1235 H HD11 . DLE A 1 5 ? -0.930 -6.550 3.884   1.00 0.00 ?  6   DLE A HD11 8  
HETATM 1236 H HD12 . DLE A 1 5 ? -1.085 -5.351 5.168   1.00 0.00 ?  6   DLE A HD12 8  
HETATM 1237 H HD13 . DLE A 1 5 ? 0.347  -5.361 4.139   1.00 0.00 ?  6   DLE A HD13 8  
HETATM 1238 H HD21 . DLE A 1 5 ? -3.164 -5.552 2.442   1.00 0.00 ?  6   DLE A HD21 8  
HETATM 1239 H HD22 . DLE A 1 5 ? -3.435 -3.906 3.015   1.00 0.00 ?  6   DLE A HD22 8  
HETATM 1240 H HD23 . DLE A 1 5 ? -3.207 -5.217 4.173   1.00 0.00 ?  6   DLE A HD23 8  
HETATM 1241 N N    . DSN A 1 6 ? 0.524  -0.240 3.270   1.00 0.00 ?  7   DSN A N    8  
HETATM 1242 C CA   . DSN A 1 6 ? 1.045  0.910  4.002   1.00 0.00 ?  7   DSN A CA   8  
HETATM 1243 C C    . DSN A 1 6 ? 2.538  0.990  3.713   1.00 0.00 ?  7   DSN A C    8  
HETATM 1244 O O    . DSN A 1 6 ? 3.310  1.512  4.494   1.00 0.00 ?  7   DSN A O    8  
HETATM 1245 C CB   . DSN A 1 6 ? 0.363  2.228  3.565   1.00 0.00 ?  7   DSN A CB   8  
HETATM 1246 O OG   . DSN A 1 6 ? -0.068 2.935  4.720   1.00 0.00 ?  7   DSN A OG   8  
HETATM 1247 H H    . DSN A 1 6 ? 0.083  -0.124 2.403   1.00 0.00 ?  7   DSN A H    8  
HETATM 1248 H HA   . DSN A 1 6 ? 0.902  0.750  5.072   1.00 0.00 ?  7   DSN A HA   8  
HETATM 1249 H HB2  . DSN A 1 6 ? 1.073  2.837  3.021   1.00 0.00 ?  7   DSN A HB2  8  
HETATM 1250 H HB3  . DSN A 1 6 ? -0.492 2.030  2.930   1.00 0.00 ?  7   DSN A HB3  8  
HETATM 1251 H HG   . DSN A 1 6 ? -0.586 2.332  5.259   1.00 0.00 ?  7   DSN A HG   8  
ATOM   1252 N N    . LEU A 1 7 ? 2.947  0.451  2.597   1.00 0.00 ?  8   LEU A N    8  
ATOM   1253 C CA   . LEU A 1 7 ? 4.372  0.467  2.259   1.00 0.00 ?  8   LEU A CA   8  
ATOM   1254 C C    . LEU A 1 7 ? 4.611  1.397  1.056   1.00 0.00 ?  8   LEU A C    8  
ATOM   1255 O O    . LEU A 1 7 ? 5.396  2.323  1.126   1.00 0.00 ?  8   LEU A O    8  
ATOM   1256 C CB   . LEU A 1 7 ? 4.823  -0.977 1.926   1.00 0.00 ?  8   LEU A CB   8  
ATOM   1257 C CG   . LEU A 1 7 ? 6.349  -1.045 1.806   1.00 0.00 ?  8   LEU A CG   8  
ATOM   1258 C CD1  . LEU A 1 7 ? 6.998  -0.519 3.090   1.00 0.00 ?  8   LEU A CD1  8  
ATOM   1259 C CD2  . LEU A 1 7 ? 6.767  -2.499 1.585   1.00 0.00 ?  8   LEU A CD2  8  
ATOM   1260 H H    . LEU A 1 7 ? 2.283  0.019  1.990   1.00 0.00 ?  8   LEU A H    8  
ATOM   1261 H HA   . LEU A 1 7 ? 4.936  0.853  3.111   1.00 0.00 ?  8   LEU A HA   8  
ATOM   1262 H HB2  . LEU A 1 7 ? 4.490  -1.670 2.700   1.00 0.00 ?  8   LEU A HB2  8  
ATOM   1263 H HB3  . LEU A 1 7 ? 4.383  -1.277 0.991   1.00 0.00 ?  8   LEU A HB3  8  
ATOM   1264 H HG   . LEU A 1 7 ? 6.674  -0.448 0.965   1.00 0.00 ?  8   LEU A HG   8  
ATOM   1265 H HD11 . LEU A 1 7 ? 8.002  -0.909 3.172   1.00 0.00 ?  8   LEU A HD11 8  
ATOM   1266 H HD12 . LEU A 1 7 ? 6.417  -0.837 3.943   1.00 0.00 ?  8   LEU A HD12 8  
ATOM   1267 H HD13 . LEU A 1 7 ? 7.032  0.560  3.061   1.00 0.00 ?  8   LEU A HD13 8  
ATOM   1268 H HD21 . LEU A 1 7 ? 7.695  -2.691 2.102   1.00 0.00 ?  8   LEU A HD21 8  
ATOM   1269 H HD22 . LEU A 1 7 ? 6.898  -2.679 0.529   1.00 0.00 ?  8   LEU A HD22 8  
ATOM   1270 H HD23 . LEU A 1 7 ? 5.998  -3.154 1.969   1.00 0.00 ?  8   LEU A HD23 8  
ATOM   1271 N N    . ILE A 1 8 ? 3.902  1.191  -0.017  1.00 0.00 ?  9   ILE A N    8  
ATOM   1272 C CA   . ILE A 1 8 ? 4.014  2.052  -1.170  1.00 0.00 ?  9   ILE A CA   8  
ATOM   1273 C C    . ILE A 1 8 ? 2.654  2.693  -1.230  1.00 0.00 ?  9   ILE A C    8  
ATOM   1274 O O    . ILE A 1 8 ? 2.417  3.690  -0.578  1.00 0.00 ?  9   ILE A O    8  
ATOM   1275 C CB   . ILE A 1 8 ? 4.255  1.214  -2.434  1.00 0.00 ?  9   ILE A CB   8  
ATOM   1276 C CG1  . ILE A 1 8 ? 5.417  0.241  -2.203  1.00 0.00 ?  9   ILE A CG1  8  
ATOM   1277 C CG2  . ILE A 1 8 ? 4.583  2.130  -3.618  1.00 0.00 ?  9   ILE A CG2  8  
ATOM   1278 C CD1  . ILE A 1 8 ? 5.389  -0.849 -3.275  1.00 0.00 ?  9   ILE A CD1  8  
ATOM   1279 H H    . ILE A 1 8 ? 3.236  0.478  -0.030  1.00 0.00 ?  9   ILE A H    8  
ATOM   1280 H HA   . ILE A 1 8 ? 4.786  2.794  -1.026  1.00 0.00 ?  9   ILE A HA   8  
ATOM   1281 H HB   . ILE A 1 8 ? 3.354  0.651  -2.658  1.00 0.00 ?  9   ILE A HB   8  
ATOM   1282 H HG12 . ILE A 1 8 ? 6.353  0.775  -2.258  1.00 0.00 ?  9   ILE A HG12 8  
ATOM   1283 H HG13 . ILE A 1 8 ? 5.322  -0.216 -1.230  1.00 0.00 ?  9   ILE A HG13 8  
ATOM   1284 H HG21 . ILE A 1 8 ? 3.952  3.006  -3.586  1.00 0.00 ?  9   ILE A HG21 8  
ATOM   1285 H HG22 . ILE A 1 8 ? 4.410  1.597  -4.542  1.00 0.00 ?  9   ILE A HG22 8  
ATOM   1286 H HG23 . ILE A 1 8 ? 5.620  2.429  -3.568  1.00 0.00 ?  9   ILE A HG23 8  
ATOM   1287 H HD11 . ILE A 1 8 ? 4.745  -1.655 -2.954  1.00 0.00 ?  9   ILE A HD11 8  
ATOM   1288 H HD12 . ILE A 1 8 ? 6.389  -1.227 -3.431  1.00 0.00 ?  9   ILE A HD12 8  
ATOM   1289 H HD13 . ILE A 1 8 ? 5.014  -0.435 -4.200  1.00 0.00 ?  9   ILE A HD13 8  
HETATM 1290 C CA   . IG8 B 2 . ? -3.089 0.109  -5.501  1.00 0.00 ?  101 IG8 A CA   8  
HETATM 1291 C C    . IG8 B 2 . ? -3.061 -0.996 -4.445  1.00 0.00 ?  101 IG8 A C    8  
HETATM 1292 O O    . IG8 B 2 . ? -2.476 -2.043 -4.645  1.00 0.00 ?  101 IG8 A O    8  
HETATM 1293 C CB   . IG8 B 2 . ? -2.354 1.340  -4.967  1.00 0.00 ?  101 IG8 A CB   8  
HETATM 1294 C CG2  . IG8 B 2 . ? -0.872 1.254  -5.339  1.00 0.00 ?  101 IG8 A CG2  8  
HETATM 1295 O OG1  . IG8 B 2 . ? -2.920 2.512  -5.539  1.00 0.00 ?  101 IG8 A OG1  8  
HETATM 1296 C CD   . IG8 B 2 . ? -0.248 0.018  -4.687  1.00 0.00 ?  101 IG8 A CD   8  
HETATM 1297 C CE   . IG8 B 2 . ? 1.272  0.063  -4.853  1.00 0.00 ?  101 IG8 A CE   8  
HETATM 1298 C CZ   . IG8 B 2 . ? 1.643  -0.373 -6.273  1.00 0.00 ?  101 IG8 A CZ   8  
HETATM 1299 C CH   . IG8 B 2 . ? 1.916  -1.878 -6.292  1.00 0.00 ?  101 IG8 A CH   8  
HETATM 1300 C CI   . IG8 B 2 . ? 4.075  -1.874 -7.549  1.00 0.00 ?  101 IG8 A CI   8  
HETATM 1301 C CT   . IG8 B 2 . ? 3.422  -2.127 -6.190  1.00 0.00 ?  101 IG8 A CT   8  
HETATM 1302 H HA1  . IG8 B 2 . ? -4.112 0.370  -5.724  1.00 0.00 ?  101 IG8 A HA1  8  
HETATM 1303 H HA2  . IG8 B 2 . ? -2.601 -0.242 -6.399  1.00 0.00 ?  101 IG8 A HA2  8  
HETATM 1304 H HB   . IG8 B 2 . ? -2.449 1.380  -3.894  1.00 0.00 ?  101 IG8 A HB   8  
HETATM 1305 H HG21 . IG8 B 2 . ? -0.361 2.139  -4.989  1.00 0.00 ?  101 IG8 A HG21 8  
HETATM 1306 H HG22 . IG8 B 2 . ? -0.774 1.183  -6.413  1.00 0.00 ?  101 IG8 A HG22 8  
HETATM 1307 H HG1  . IG8 B 2 . ? -2.737 2.500  -6.481  1.00 0.00 ?  101 IG8 A HG1  8  
HETATM 1308 H HD1  . IG8 B 2 . ? -0.634 -0.872 -5.163  1.00 0.00 ?  101 IG8 A HD1  8  
HETATM 1309 H HD2  . IG8 B 2 . ? -0.498 0.001  -3.636  1.00 0.00 ?  101 IG8 A HD2  8  
HETATM 1310 H HE1  . IG8 B 2 . ? 1.732  -0.605 -4.142  1.00 0.00 ?  101 IG8 A HE1  8  
HETATM 1311 H HE2  . IG8 B 2 . ? 1.622  1.070  -4.682  1.00 0.00 ?  101 IG8 A HE2  8  
HETATM 1312 H HZ1  . IG8 B 2 . ? 2.529  0.156  -6.591  1.00 0.00 ?  101 IG8 A HZ1  8  
HETATM 1313 H HZ2  . IG8 B 2 . ? 0.827  -0.146 -6.943  1.00 0.00 ?  101 IG8 A HZ2  8  
HETATM 1314 H HH1  . IG8 B 2 . ? 1.546  -2.300 -7.214  1.00 0.00 ?  101 IG8 A HH1  8  
HETATM 1315 H HH2  . IG8 B 2 . ? 1.415  -2.346 -5.456  1.00 0.00 ?  101 IG8 A HH2  8  
HETATM 1316 H HI2  . IG8 B 2 . ? 3.475  -1.175 -8.113  1.00 0.00 ?  101 IG8 A HI2  8  
HETATM 1317 H HI3  . IG8 B 2 . ? 4.148  -2.805 -8.093  1.00 0.00 ?  101 IG8 A HI3  8  
HETATM 1318 H HI1  . IG8 B 2 . ? 5.064  -1.465 -7.403  1.00 0.00 ?  101 IG8 A HI1  8  
HETATM 1319 H HT1  . IG8 B 2 . ? 3.600  -3.150 -5.892  1.00 0.00 ?  101 IG8 A HT1  8  
HETATM 1320 H HT2  . IG8 B 2 . ? 3.849  -1.459 -5.455  1.00 0.00 ?  101 IG8 A HT2  8  
HETATM 1321 N N    . DLE A 1 1 ? -3.668 -1.002 -3.244  1.00 0.00 ?  2   DLE A N    9  
HETATM 1322 C CA   . DLE A 1 1 ? -3.717 -1.949 -2.147  1.00 0.00 ?  2   DLE A CA   9  
HETATM 1323 C CB   . DLE A 1 1 ? -5.107 -2.603 -2.082  1.00 0.00 ?  2   DLE A CB   9  
HETATM 1324 C CG   . DLE A 1 1 ? -6.124 -1.648 -1.447  1.00 0.00 ?  2   DLE A CG   9  
HETATM 1325 C CD1  . DLE A 1 1 ? -7.511 -1.916 -2.036  1.00 0.00 ?  2   DLE A CD1  9  
HETATM 1326 C CD2  . DLE A 1 1 ? -6.161 -1.877 0.067   1.00 0.00 ?  2   DLE A CD2  9  
HETATM 1327 C C    . DLE A 1 1 ? -3.401 -1.225 -0.832  1.00 0.00 ?  2   DLE A C    9  
HETATM 1328 O O    . DLE A 1 1 ? -2.794 -1.785 0.061   1.00 0.00 ?  2   DLE A O    9  
HETATM 1329 H H1   . DLE A 1 1 ? -4.495 -0.611 -3.593  1.00 0.00 ?  2   DLE A H1   9  
HETATM 1330 H HA   . DLE A 1 1 ? -2.976 -2.717 -2.312  1.00 0.00 ?  2   DLE A HA   9  
HETATM 1331 H HB2  . DLE A 1 1 ? -5.049 -3.505 -1.491  1.00 0.00 ?  2   DLE A HB2  9  
HETATM 1332 H HB3  . DLE A 1 1 ? -5.430 -2.852 -3.082  1.00 0.00 ?  2   DLE A HB3  9  
HETATM 1333 H HG   . DLE A 1 1 ? -5.838 -0.627 -1.650  1.00 0.00 ?  2   DLE A HG   9  
HETATM 1334 H HD11 . DLE A 1 1 ? -7.706 -2.977 -2.029  1.00 0.00 ?  2   DLE A HD11 9  
HETATM 1335 H HD12 . DLE A 1 1 ? -7.546 -1.549 -3.052  1.00 0.00 ?  2   DLE A HD12 9  
HETATM 1336 H HD13 . DLE A 1 1 ? -8.258 -1.408 -1.445  1.00 0.00 ?  2   DLE A HD13 9  
HETATM 1337 H HD21 . DLE A 1 1 ? -6.983 -2.531 0.313   1.00 0.00 ?  2   DLE A HD21 9  
HETATM 1338 H HD22 . DLE A 1 1 ? -6.290 -0.930 0.571   1.00 0.00 ?  2   DLE A HD22 9  
HETATM 1339 H HD23 . DLE A 1 1 ? -5.232 -2.330 0.385   1.00 0.00 ?  2   DLE A HD23 9  
HETATM 1340 N N    . DGL A 1 2 ? -3.796 0.017  -0.709  1.00 0.00 ?  3   DGL A N    9  
HETATM 1341 C CA   . DGL A 1 2 ? -3.512 0.748  0.515   1.00 0.00 ?  3   DGL A CA   9  
HETATM 1342 C C    . DGL A 1 2 ? -2.087 1.224  0.482   1.00 0.00 ?  3   DGL A C    9  
HETATM 1343 O O    . DGL A 1 2 ? -1.406 1.151  1.482   1.00 0.00 ?  3   DGL A O    9  
HETATM 1344 C CB   . DGL A 1 2 ? -4.471 1.930  0.684   1.00 0.00 ?  3   DGL A CB   9  
HETATM 1345 C CG   . DGL A 1 2 ? -5.571 1.559  1.683   1.00 0.00 ?  3   DGL A CG   9  
HETATM 1346 C CD   . DGL A 1 2 ? -5.257 2.179  3.046   1.00 0.00 ?  3   DGL A CD   9  
HETATM 1347 O OE1  . DGL A 1 2 ? -4.117 2.085  3.468   1.00 0.00 ?  3   DGL A OE1  9  
HETATM 1348 O OE2  . DGL A 1 2 ? -6.162 2.738  3.643   1.00 0.00 -1 3   DGL A OE2  9  
HETATM 1349 H H    . DGL A 1 2 ? -4.277 0.453  -1.443  1.00 0.00 ?  3   DGL A H    9  
HETATM 1350 H HA   . DGL A 1 2 ? -3.592 0.081  1.360   1.00 0.00 ?  3   DGL A HA   9  
HETATM 1351 H HB2  . DGL A 1 2 ? -3.925 2.786  1.051   1.00 0.00 ?  3   DGL A HB2  9  
HETATM 1352 H HB3  . DGL A 1 2 ? -4.921 2.172  -0.268  1.00 0.00 ?  3   DGL A HB3  9  
HETATM 1353 H HG2  . DGL A 1 2 ? -6.521 1.932  1.326   1.00 0.00 ?  3   DGL A HG2  9  
HETATM 1354 H HG3  . DGL A 1 2 ? -5.622 0.485  1.782   1.00 0.00 ?  3   DGL A HG3  9  
HETATM 1355 N N    . 2TL A 1 3 ? -1.571 1.624  -0.647  1.00 0.00 ?  4   2TL A N    9  
HETATM 1356 C CA   . 2TL A 1 3 ? -0.188 1.964  -0.629  1.00 0.00 ?  4   2TL A CA   9  
HETATM 1357 C CB   . 2TL A 1 3 ? 0.325  2.465  -1.980  1.00 0.00 ?  4   2TL A CB   9  
HETATM 1358 O OG1  . 2TL A 1 3 ? 1.654  2.008  -2.007  1.00 0.00 ?  4   2TL A OG1  9  
HETATM 1359 C CG2  . 2TL A 1 3 ? 0.273  3.995  -2.036  1.00 0.00 ?  4   2TL A CG2  9  
HETATM 1360 C C    . 2TL A 1 3 ? 0.499  0.628  -0.333  1.00 0.00 ?  4   2TL A C    9  
HETATM 1361 O O    . 2TL A 1 3 ? 1.490  0.538  0.360   1.00 0.00 ?  4   2TL A O    9  
HETATM 1362 H H    . 2TL A 1 3 ? -2.075 1.608  -1.481  1.00 0.00 ?  4   2TL A H    9  
HETATM 1363 H HA   . 2TL A 1 3 ? 0.014  2.686  0.150   1.00 0.00 ?  4   2TL A HA   9  
HETATM 1364 H HB   . 2TL A 1 3 ? -0.244 2.024  -2.789  1.00 0.00 ?  4   2TL A HB   9  
HETATM 1365 H HG21 . 2TL A 1 3 ? -0.662 4.316  -2.470  1.00 0.00 ?  4   2TL A HG21 9  
HETATM 1366 H HG22 . 2TL A 1 3 ? 1.096  4.358  -2.633  1.00 0.00 ?  4   2TL A HG22 9  
HETATM 1367 H HG23 . 2TL A 1 3 ? 0.360  4.386  -1.033  1.00 0.00 ?  4   2TL A HG23 9  
ATOM   1368 N N    . LEU A 1 4 ? -0.067 -0.406 -0.910  1.00 0.00 ?  5   LEU A N    9  
ATOM   1369 C CA   . LEU A 1 4 ? 0.435  -1.746 -0.778  1.00 0.00 ?  5   LEU A CA   9  
ATOM   1370 C C    . LEU A 1 4 ? 0.833  -2.062 0.675   1.00 0.00 ?  5   LEU A C    9  
ATOM   1371 O O    . LEU A 1 4 ? 1.996  -2.120 1.022   1.00 0.00 ?  5   LEU A O    9  
ATOM   1372 C CB   . LEU A 1 4 ? 1.595  -1.852 -1.747  1.00 0.00 ?  5   LEU A CB   9  
ATOM   1373 C CG   . LEU A 1 4 ? 2.404  -3.124 -1.496  1.00 0.00 ?  5   LEU A CG   9  
ATOM   1374 C CD1  . LEU A 1 4 ? 2.581  -3.891 -2.810  1.00 0.00 ?  5   LEU A CD1  9  
ATOM   1375 C CD2  . LEU A 1 4 ? 3.769  -2.734 -0.943  1.00 0.00 ?  5   LEU A CD2  9  
ATOM   1376 H H    . LEU A 1 4 ? -0.838 -0.259 -1.474  1.00 0.00 ?  5   LEU A H    9  
ATOM   1377 H HA   . LEU A 1 4 ? -0.334 -2.444 -1.084  1.00 0.00 ?  5   LEU A HA   9  
ATOM   1378 H HB2  . LEU A 1 4 ? 1.200  -1.864 -2.755  1.00 0.00 ?  5   LEU A HB2  9  
ATOM   1379 H HB3  . LEU A 1 4 ? 2.221  -0.980 -1.630  1.00 0.00 ?  5   LEU A HB3  9  
ATOM   1380 H HG   . LEU A 1 4 ? 1.889  -3.748 -0.781  1.00 0.00 ?  5   LEU A HG   9  
ATOM   1381 H HD11 . LEU A 1 4 ? 1.768  -4.592 -2.930  1.00 0.00 ?  5   LEU A HD11 9  
ATOM   1382 H HD12 . LEU A 1 4 ? 3.518  -4.427 -2.792  1.00 0.00 ?  5   LEU A HD12 9  
ATOM   1383 H HD13 . LEU A 1 4 ? 2.580  -3.194 -3.635  1.00 0.00 ?  5   LEU A HD13 9  
ATOM   1384 H HD21 . LEU A 1 4 ? 3.859  -1.657 -0.953  1.00 0.00 ?  5   LEU A HD21 9  
ATOM   1385 H HD22 . LEU A 1 4 ? 4.547  -3.167 -1.553  1.00 0.00 ?  5   LEU A HD22 9  
ATOM   1386 H HD23 . LEU A 1 4 ? 3.861  -3.092 0.071   1.00 0.00 ?  5   LEU A HD23 9  
HETATM 1387 N N    . DLE A 1 5 ? -0.151 -2.301 1.512   1.00 0.00 ?  6   DLE A N    9  
HETATM 1388 C CA   . DLE A 1 5 ? 0.110  -2.648 2.902   1.00 0.00 ?  6   DLE A CA   9  
HETATM 1389 C CB   . DLE A 1 5 ? -1.186 -3.136 3.560   1.00 0.00 ?  6   DLE A CB   9  
HETATM 1390 C CG   . DLE A 1 5 ? -1.461 -4.580 3.142   1.00 0.00 ?  6   DLE A CG   9  
HETATM 1391 C CD1  . DLE A 1 5 ? -0.755 -5.529 4.107   1.00 0.00 ?  6   DLE A CD1  9  
HETATM 1392 C CD2  . DLE A 1 5 ? -2.968 -4.836 3.181   1.00 0.00 ?  6   DLE A CD2  9  
HETATM 1393 C C    . DLE A 1 5 ? 0.653  -1.449 3.685   1.00 0.00 ?  6   DLE A C    9  
HETATM 1394 O O    . DLE A 1 5 ? 1.254  -1.616 4.729   1.00 0.00 ?  6   DLE A O    9  
HETATM 1395 H H    . DLE A 1 5 ? -1.074 -2.269 1.188   1.00 0.00 ?  6   DLE A H    9  
HETATM 1396 H HA   . DLE A 1 5 ? 0.835  -3.446 2.933   1.00 0.00 ?  6   DLE A HA   9  
HETATM 1397 H HB2  . DLE A 1 5 ? -1.081 -3.088 4.634   1.00 0.00 ?  6   DLE A HB2  9  
HETATM 1398 H HB3  . DLE A 1 5 ? -2.011 -2.512 3.253   1.00 0.00 ?  6   DLE A HB3  9  
HETATM 1399 H HG   . DLE A 1 5 ? -1.089 -4.747 2.142   1.00 0.00 ?  6   DLE A HG   9  
HETATM 1400 H HD11 . DLE A 1 5 ? -0.939 -6.550 3.807   1.00 0.00 ?  6   DLE A HD11 9  
HETATM 1401 H HD12 . DLE A 1 5 ? -1.132 -5.372 5.106   1.00 0.00 ?  6   DLE A HD12 9  
HETATM 1402 H HD13 . DLE A 1 5 ? 0.307  -5.333 4.086   1.00 0.00 ?  6   DLE A HD13 9  
HETATM 1403 H HD21 . DLE A 1 5 ? -3.242 -5.226 4.149   1.00 0.00 ?  6   DLE A HD21 9  
HETATM 1404 H HD22 . DLE A 1 5 ? -3.231 -5.553 2.416   1.00 0.00 ?  6   DLE A HD22 9  
HETATM 1405 H HD23 . DLE A 1 5 ? -3.493 -3.909 3.003   1.00 0.00 ?  6   DLE A HD23 9  
HETATM 1406 N N    . DSN A 1 6 ? 0.479  -0.249 3.198   1.00 0.00 ?  7   DSN A N    9  
HETATM 1407 C CA   . DSN A 1 6 ? 1.019  0.893  3.928   1.00 0.00 ?  7   DSN A CA   9  
HETATM 1408 C C    . DSN A 1 6 ? 2.512  0.952  3.632   1.00 0.00 ?  7   DSN A C    9  
HETATM 1409 O O    . DSN A 1 6 ? 3.297  1.449  4.415   1.00 0.00 ?  7   DSN A O    9  
HETATM 1410 C CB   . DSN A 1 6 ? 0.354  2.222  3.493   1.00 0.00 ?  7   DSN A CB   9  
HETATM 1411 O OG   . DSN A 1 6 ? -0.046 2.943  4.650   1.00 0.00 ?  7   DSN A OG   9  
HETATM 1412 H H    . DSN A 1 6 ? 0.019  -0.126 2.343   1.00 0.00 ?  7   DSN A H    9  
HETATM 1413 H HA   . DSN A 1 6 ? 0.878  0.736  4.998   1.00 0.00 ?  7   DSN A HA   9  
HETATM 1414 H HB2  . DSN A 1 6 ? 1.067  2.814  2.935   1.00 0.00 ?  7   DSN A HB2  9  
HETATM 1415 H HB3  . DSN A 1 6 ? -0.514 2.037  2.872   1.00 0.00 ?  7   DSN A HB3  9  
HETATM 1416 H HG   . DSN A 1 6 ? 0.708  2.995  5.242   1.00 0.00 ?  7   DSN A HG   9  
ATOM   1417 N N    . LEU A 1 7 ? 2.905  0.421  2.506   1.00 0.00 ?  8   LEU A N    9  
ATOM   1418 C CA   . LEU A 1 7 ? 4.327  0.416  2.160   1.00 0.00 ?  8   LEU A CA   9  
ATOM   1419 C C    . LEU A 1 7 ? 4.572  1.345  0.958   1.00 0.00 ?  8   LEU A C    9  
ATOM   1420 O O    . LEU A 1 7 ? 5.371  2.259  1.025   1.00 0.00 ?  8   LEU A O    9  
ATOM   1421 C CB   . LEU A 1 7 ? 4.755  -1.034 1.821   1.00 0.00 ?  8   LEU A CB   9  
ATOM   1422 C CG   . LEU A 1 7 ? 6.277  -1.114 1.660   1.00 0.00 ?  8   LEU A CG   9  
ATOM   1423 C CD1  . LEU A 1 7 ? 6.963  -0.596 2.927   1.00 0.00 ?  8   LEU A CD1  9  
ATOM   1424 C CD2  . LEU A 1 7 ? 6.677  -2.571 1.426   1.00 0.00 ?  8   LEU A CD2  9  
ATOM   1425 H H    . LEU A 1 7 ? 2.229  0.009  1.899   1.00 0.00 ?  8   LEU A H    9  
ATOM   1426 H HA   . LEU A 1 7 ? 4.903  0.792  3.007   1.00 0.00 ?  8   LEU A HA   9  
ATOM   1427 H HB2  . LEU A 1 7 ? 4.438  -1.722 2.604   1.00 0.00 ?  8   LEU A HB2  9  
ATOM   1428 H HB3  . LEU A 1 7 ? 4.288  -1.333 0.898   1.00 0.00 ?  8   LEU A HB3  9  
ATOM   1429 H HG   . LEU A 1 7 ? 6.585  -0.519 0.811   1.00 0.00 ?  8   LEU A HG   9  
ATOM   1430 H HD11 . LEU A 1 7 ? 7.953  -1.021 3.000   1.00 0.00 ?  8   LEU A HD11 9  
ATOM   1431 H HD12 . LEU A 1 7 ? 6.383  -0.882 3.793   1.00 0.00 ?  8   LEU A HD12 9  
ATOM   1432 H HD13 . LEU A 1 7 ? 7.036  0.481  2.882   1.00 0.00 ?  8   LEU A HD13 9  
ATOM   1433 H HD21 . LEU A 1 7 ? 7.515  -2.610 0.747   1.00 0.00 ?  8   LEU A HD21 9  
ATOM   1434 H HD22 . LEU A 1 7 ? 5.843  -3.108 0.999   1.00 0.00 ?  8   LEU A HD22 9  
ATOM   1435 H HD23 . LEU A 1 7 ? 6.953  -3.024 2.367   1.00 0.00 ?  8   LEU A HD23 9  
ATOM   1436 N N    . ILE A 1 8 ? 3.851  1.153  -0.110  1.00 0.00 ?  9   ILE A N    9  
ATOM   1437 C CA   . ILE A 1 8 ? 3.968  2.017  -1.260  1.00 0.00 ?  9   ILE A CA   9  
ATOM   1438 C C    . ILE A 1 8 ? 2.621  2.686  -1.302  1.00 0.00 ?  9   ILE A C    9  
ATOM   1439 O O    . ILE A 1 8 ? 2.410  3.679  -0.633  1.00 0.00 ?  9   ILE A O    9  
ATOM   1440 C CB   . ILE A 1 8 ? 4.176  1.181  -2.531  1.00 0.00 ?  9   ILE A CB   9  
ATOM   1441 C CG1  . ILE A 1 8 ? 5.324  0.185  -2.319  1.00 0.00 ?  9   ILE A CG1  9  
ATOM   1442 C CG2  . ILE A 1 8 ? 4.505  2.095  -3.715  1.00 0.00 ?  9   ILE A CG2  9  
ATOM   1443 C CD1  . ILE A 1 8 ? 5.257  -0.904 -3.390  1.00 0.00 ?  9   ILE A CD1  9  
ATOM   1444 H H    . ILE A 1 8 ? 3.175  0.451  -0.121  1.00 0.00 ?  9   ILE A H    9  
ATOM   1445 H HA   . ILE A 1 8 ? 4.757  2.742  -1.122  1.00 0.00 ?  9   ILE A HA   9  
ATOM   1446 H HB   . ILE A 1 8 ? 3.263  0.635  -2.745  1.00 0.00 ?  9   ILE A HB   9  
ATOM   1447 H HG12 . ILE A 1 8 ? 6.267  0.701  -2.391  1.00 0.00 ?  9   ILE A HG12 9  
ATOM   1448 H HG13 . ILE A 1 8 ? 5.236  -0.268 -1.345  1.00 0.00 ?  9   ILE A HG13 9  
ATOM   1449 H HG21 . ILE A 1 8 ? 3.897  2.987  -3.665  1.00 0.00 ?  9   ILE A HG21 9  
ATOM   1450 H HG22 . ILE A 1 8 ? 4.301  1.573  -4.639  1.00 0.00 ?  9   ILE A HG22 9  
ATOM   1451 H HG23 . ILE A 1 8 ? 5.551  2.369  -3.682  1.00 0.00 ?  9   ILE A HG23 9  
ATOM   1452 H HD11 . ILE A 1 8 ? 5.599  -1.840 -2.975  1.00 0.00 ?  9   ILE A HD11 9  
ATOM   1453 H HD12 . ILE A 1 8 ? 5.887  -0.629 -4.223  1.00 0.00 ?  9   ILE A HD12 9  
ATOM   1454 H HD13 . ILE A 1 8 ? 4.238  -1.013 -3.730  1.00 0.00 ?  9   ILE A HD13 9  
HETATM 1455 C CA   . IG8 B 2 . ? -2.520 0.329  -4.925  1.00 0.00 ?  101 IG8 A CA   9  
HETATM 1456 C C    . IG8 B 2 . ? -2.515 -0.673 -3.768  1.00 0.00 ?  101 IG8 A C    9  
HETATM 1457 O O    . IG8 B 2 . ? -1.474 -1.146 -3.352  1.00 0.00 ?  101 IG8 A O    9  
HETATM 1458 C CB   . IG8 B 2 . ? -1.174 0.275  -5.653  1.00 0.00 ?  101 IG8 A CB   9  
HETATM 1459 C CG2  . IG8 B 2 . ? -1.239 -0.766 -6.772  1.00 0.00 ?  101 IG8 A CG2  9  
HETATM 1460 O OG1  . IG8 B 2 . ? -0.887 1.551  -6.206  1.00 0.00 ?  101 IG8 A OG1  9  
HETATM 1461 C CD   . IG8 B 2 . ? -1.466 -2.155 -6.170  1.00 0.00 ?  101 IG8 A CD   9  
HETATM 1462 C CE   . IG8 B 2 . ? -1.104 -3.226 -7.202  1.00 0.00 ?  101 IG8 A CE   9  
HETATM 1463 C CZ   . IG8 B 2 . ? -0.760 -4.532 -6.484  1.00 0.00 ?  101 IG8 A CZ   9  
HETATM 1464 C CH   . IG8 B 2 . ? 0.098  -5.408 -7.400  1.00 0.00 ?  101 IG8 A CH   9  
HETATM 1465 C CI   . IG8 B 2 . ? 0.313  -7.741 -8.271  1.00 0.00 ?  101 IG8 A CI   9  
HETATM 1466 C CT   . IG8 B 2 . ? -0.181 -6.883 -7.105  1.00 0.00 ?  101 IG8 A CT   9  
HETATM 1467 H HA1  . IG8 B 2 . ? -2.679 1.325  -4.539  1.00 0.00 ?  101 IG8 A HA1  9  
HETATM 1468 H HA2  . IG8 B 2 . ? -3.311 0.078  -5.614  1.00 0.00 ?  101 IG8 A HA2  9  
HETATM 1469 H HB   . IG8 B 2 . ? -0.398 0.000  -4.956  1.00 0.00 ?  101 IG8 A HB   9  
HETATM 1470 H HG21 . IG8 B 2 . ? -0.308 -0.763 -7.322  1.00 0.00 ?  101 IG8 A HG21 9  
HETATM 1471 H HG22 . IG8 B 2 . ? -2.052 -0.525 -7.442  1.00 0.00 ?  101 IG8 A HG22 9  
HETATM 1472 H HG1  . IG8 B 2 . ? -1.509 1.714  -6.918  1.00 0.00 ?  101 IG8 A HG1  9  
HETATM 1473 H HD1  . IG8 B 2 . ? -2.505 -2.262 -5.894  1.00 0.00 ?  101 IG8 A HD1  9  
HETATM 1474 H HD2  . IG8 B 2 . ? -0.846 -2.273 -5.294  1.00 0.00 ?  101 IG8 A HD2  9  
HETATM 1475 H HE1  . IG8 B 2 . ? -0.252 -2.898 -7.777  1.00 0.00 ?  101 IG8 A HE1  9  
HETATM 1476 H HE2  . IG8 B 2 . ? -1.944 -3.388 -7.863  1.00 0.00 ?  101 IG8 A HE2  9  
HETATM 1477 H HZ1  . IG8 B 2 . ? -1.670 -5.058 -6.236  1.00 0.00 ?  101 IG8 A HZ1  9  
HETATM 1478 H HZ2  . IG8 B 2 . ? -0.212 -4.311 -5.579  1.00 0.00 ?  101 IG8 A HZ2  9  
HETATM 1479 H HH1  . IG8 B 2 . ? 1.142  -5.199 -7.223  1.00 0.00 ?  101 IG8 A HH1  9  
HETATM 1480 H HH2  . IG8 B 2 . ? -0.144 -5.194 -8.431  1.00 0.00 ?  101 IG8 A HH2  9  
HETATM 1481 H HI2  . IG8 B 2 . ? 0.069  -7.254 -9.204  1.00 0.00 ?  101 IG8 A HI2  9  
HETATM 1482 H HI3  . IG8 B 2 . ? -0.165 -8.709 -8.234  1.00 0.00 ?  101 IG8 A HI3  9  
HETATM 1483 H HI1  . IG8 B 2 . ? 1.384  -7.864 -8.198  1.00 0.00 ?  101 IG8 A HI1  9  
HETATM 1484 H HT1  . IG8 B 2 . ? -1.243 -7.031 -6.977  1.00 0.00 ?  101 IG8 A HT1  9  
HETATM 1485 H HT2  . IG8 B 2 . ? 0.333  -7.172 -6.200  1.00 0.00 ?  101 IG8 A HT2  9  
HETATM 1486 N N    . DLE A 1 1 ? -3.659 -1.007 -3.297  1.00 0.00 ?  2   DLE A N    10 
HETATM 1487 C CA   . DLE A 1 1 ? -3.689 -1.967 -2.210  1.00 0.00 ?  2   DLE A CA   10 
HETATM 1488 C CB   . DLE A 1 1 ? -5.075 -2.629 -2.136  1.00 0.00 ?  2   DLE A CB   10 
HETATM 1489 C CG   . DLE A 1 1 ? -6.109 -1.652 -1.565  1.00 0.00 ?  2   DLE A CG   10 
HETATM 1490 C CD1  . DLE A 1 1 ? -7.488 -1.972 -2.147  1.00 0.00 ?  2   DLE A CD1  10 
HETATM 1491 C CD2  . DLE A 1 1 ? -6.153 -1.790 -0.041  1.00 0.00 ?  2   DLE A CD2  10 
HETATM 1492 C C    . DLE A 1 1 ? -3.367 -1.257 -0.891  1.00 0.00 ?  2   DLE A C    10 
HETATM 1493 O O    . DLE A 1 1 ? -2.726 -1.814 -0.020  1.00 0.00 ?  2   DLE A O    10 
HETATM 1494 H H1   . DLE A 1 1 ? -4.487 -0.764 -3.761  1.00 0.00 ?  2   DLE A H1   10 
HETATM 1495 H HA   . DLE A 1 1 ? -2.946 -2.728 -2.392  1.00 0.00 ?  2   DLE A HA   10 
HETATM 1496 H HB2  . DLE A 1 1 ? -5.020 -3.501 -1.501  1.00 0.00 ?  2   DLE A HB2  10 
HETATM 1497 H HB3  . DLE A 1 1 ? -5.379 -2.930 -3.128  1.00 0.00 ?  2   DLE A HB3  10 
HETATM 1498 H HG   . DLE A 1 1 ? -5.835 -0.641 -1.827  1.00 0.00 ?  2   DLE A HG   10 
HETATM 1499 H HD11 . DLE A 1 1 ? -7.665 -3.036 -2.089  1.00 0.00 ?  2   DLE A HD11 10 
HETATM 1500 H HD12 . DLE A 1 1 ? -7.524 -1.657 -3.180  1.00 0.00 ?  2   DLE A HD12 10 
HETATM 1501 H HD13 . DLE A 1 1 ? -8.247 -1.449 -1.585  1.00 0.00 ?  2   DLE A HD13 10 
HETATM 1502 H HD21 . DLE A 1 1 ? -7.018 -2.370 0.245   1.00 0.00 ?  2   DLE A HD21 10 
HETATM 1503 H HD22 . DLE A 1 1 ? -6.214 -0.810 0.407   1.00 0.00 ?  2   DLE A HD22 10 
HETATM 1504 H HD23 . DLE A 1 1 ? -5.257 -2.287 0.303   1.00 0.00 ?  2   DLE A HD23 10 
HETATM 1505 N N    . DGL A 1 2 ? -3.798 -0.031 -0.737  1.00 0.00 ?  3   DGL A N    10 
HETATM 1506 C CA   . DGL A 1 2 ? -3.511 0.687  0.493   1.00 0.00 ?  3   DGL A CA   10 
HETATM 1507 C C    . DGL A 1 2 ? -2.093 1.174  0.458   1.00 0.00 ?  3   DGL A C    10 
HETATM 1508 O O    . DGL A 1 2 ? -1.416 1.127  1.463   1.00 0.00 ?  3   DGL A O    10 
HETATM 1509 C CB   . DGL A 1 2 ? -4.479 1.859  0.670   1.00 0.00 ?  3   DGL A CB   10 
HETATM 1510 C CG   . DGL A 1 2 ? -4.270 2.491  2.048   1.00 0.00 ?  3   DGL A CG   10 
HETATM 1511 C CD   . DGL A 1 2 ? -4.669 3.967  1.999   1.00 0.00 ?  3   DGL A CD   10 
HETATM 1512 O OE1  . DGL A 1 2 ? -3.805 4.801  2.213   1.00 0.00 ?  3   DGL A OE1  10 
HETATM 1513 O OE2  . DGL A 1 2 ? -5.832 4.237  1.749   1.00 0.00 -1 3   DGL A OE2  10 
HETATM 1514 H H    . DGL A 1 2 ? -4.308 0.405  -1.450  1.00 0.00 ?  3   DGL A H    10 
HETATM 1515 H HA   . DGL A 1 2 ? -3.586 0.015  1.332   1.00 0.00 ?  3   DGL A HA   10 
HETATM 1516 H HB2  . DGL A 1 2 ? -4.294 2.597  -0.097  1.00 0.00 ?  3   DGL A HB2  10 
HETATM 1517 H HB3  . DGL A 1 2 ? -5.495 1.503  0.590   1.00 0.00 ?  3   DGL A HB3  10 
HETATM 1518 H HG2  . DGL A 1 2 ? -4.879 1.975  2.776   1.00 0.00 ?  3   DGL A HG2  10 
HETATM 1519 H HG3  . DGL A 1 2 ? -3.229 2.410  2.326   1.00 0.00 ?  3   DGL A HG3  10 
HETATM 1520 N N    . 2TL A 1 3 ? -1.573 1.553  -0.677  1.00 0.00 ?  4   2TL A N    10 
HETATM 1521 C CA   . 2TL A 1 3 ? -0.193 1.903  -0.661  1.00 0.00 ?  4   2TL A CA   10 
HETATM 1522 C CB   . 2TL A 1 3 ? 0.319  2.383  -2.019  1.00 0.00 ?  4   2TL A CB   10 
HETATM 1523 O OG1  . 2TL A 1 3 ? 1.652  1.934  -2.035  1.00 0.00 ?  4   2TL A OG1  10 
HETATM 1524 C CG2  . 2TL A 1 3 ? 0.257  3.911  -2.104  1.00 0.00 ?  4   2TL A CG2  10 
HETATM 1525 C C    . 2TL A 1 3 ? 0.501  0.578  -0.337  1.00 0.00 ?  4   2TL A C    10 
HETATM 1526 O O    . 2TL A 1 3 ? 1.488  0.506  0.363   1.00 0.00 ?  4   2TL A O    10 
HETATM 1527 H H    . 2TL A 1 3 ? -2.074 1.514  -1.512  1.00 0.00 ?  4   2TL A H    10 
HETATM 1528 H HA   . 2TL A 1 3 ? 0.001  2.640  0.106   1.00 0.00 ?  4   2TL A HA   10 
HETATM 1529 H HB   . 2TL A 1 3 ? -0.245 1.923  -2.822  1.00 0.00 ?  4   2TL A HB   10 
HETATM 1530 H HG21 . 2TL A 1 3 ? -0.680 4.219  -2.546  1.00 0.00 ?  4   2TL A HG21 10 
HETATM 1531 H HG22 . 2TL A 1 3 ? 1.079  4.268  -2.706  1.00 0.00 ?  4   2TL A HG22 10 
HETATM 1532 H HG23 . 2TL A 1 3 ? 0.339  4.322  -1.109  1.00 0.00 ?  4   2TL A HG23 10 
ATOM   1533 N N    . LEU A 1 4 ? -0.056 -0.472 -0.897  1.00 0.00 ?  5   LEU A N    10 
ATOM   1534 C CA   . LEU A 1 4 ? 0.453  -1.805 -0.736  1.00 0.00 ?  5   LEU A CA   10 
ATOM   1535 C C    . LEU A 1 4 ? 0.843  -2.090 0.726   1.00 0.00 ?  5   LEU A C    10 
ATOM   1536 O O    . LEU A 1 4 ? 2.004  -2.142 1.080   1.00 0.00 ?  5   LEU A O    10 
ATOM   1537 C CB   . LEU A 1 4 ? 1.619  -1.924 -1.696  1.00 0.00 ?  5   LEU A CB   10 
ATOM   1538 C CG   . LEU A 1 4 ? 2.429  -3.191 -1.415  1.00 0.00 ?  5   LEU A CG   10 
ATOM   1539 C CD1  . LEU A 1 4 ? 2.620  -3.980 -2.714  1.00 0.00 ?  5   LEU A CD1  10 
ATOM   1540 C CD2  . LEU A 1 4 ? 3.789  -2.788 -0.856  1.00 0.00 ?  5   LEU A CD2  10 
ATOM   1541 H H    . LEU A 1 4 ? -0.825 -0.340 -1.468  1.00 0.00 ?  5   LEU A H    10 
ATOM   1542 H HA   . LEU A 1 4 ? -0.310 -2.512 -1.032  1.00 0.00 ?  5   LEU A HA   10 
ATOM   1543 H HB2  . LEU A 1 4 ? 1.232  -1.957 -2.704  1.00 0.00 ?  5   LEU A HB2  10 
ATOM   1544 H HB3  . LEU A 1 4 ? 2.242  -1.050 -1.588  1.00 0.00 ?  5   LEU A HB3  10 
ATOM   1545 H HG   . LEU A 1 4 ? 1.909  -3.804 -0.694  1.00 0.00 ?  5   LEU A HG   10 
ATOM   1546 H HD11 . LEU A 1 4 ? 3.562  -3.707 -3.166  1.00 0.00 ?  5   LEU A HD11 10 
ATOM   1547 H HD12 . LEU A 1 4 ? 1.814  -3.751 -3.395  1.00 0.00 ?  5   LEU A HD12 10 
ATOM   1548 H HD13 . LEU A 1 4 ? 2.618  -5.037 -2.496  1.00 0.00 ?  5   LEU A HD13 10 
ATOM   1549 H HD21 . LEU A 1 4 ? 4.573  -3.254 -1.431  1.00 0.00 ?  5   LEU A HD21 10 
ATOM   1550 H HD22 . LEU A 1 4 ? 3.858  -3.101 0.175   1.00 0.00 ?  5   LEU A HD22 10 
ATOM   1551 H HD23 . LEU A 1 4 ? 3.888  -1.713 -0.912  1.00 0.00 ?  5   LEU A HD23 10 
HETATM 1552 N N    . DLE A 1 5 ? -0.146 -2.308 1.561   1.00 0.00 ?  6   DLE A N    10 
HETATM 1553 C CA   . DLE A 1 5 ? 0.105  -2.625 2.959   1.00 0.00 ?  6   DLE A CA   10 
HETATM 1554 C CB   . DLE A 1 5 ? -1.193 -3.103 3.614   1.00 0.00 ?  6   DLE A CB   10 
HETATM 1555 C CG   . DLE A 1 5 ? -1.482 -4.542 3.188   1.00 0.00 ?  6   DLE A CG   10 
HETATM 1556 C CD1  . DLE A 1 5 ? -0.885 -5.501 4.212   1.00 0.00 ?  6   DLE A CD1  10 
HETATM 1557 C CD2  . DLE A 1 5 ? -2.995 -4.752 3.109   1.00 0.00 ?  6   DLE A CD2  10 
HETATM 1558 C C    . DLE A 1 5 ? 0.637  -1.407 3.722   1.00 0.00 ?  6   DLE A C    10 
HETATM 1559 O O    . DLE A 1 5 ? 1.216  -1.548 4.782   1.00 0.00 ?  6   DLE A O    10 
HETATM 1560 H H    . DLE A 1 5 ? -1.068 -2.281 1.232   1.00 0.00 ?  6   DLE A H    10 
HETATM 1561 H HA   . DLE A 1 5 ? 0.834  -3.420 3.014   1.00 0.00 ?  6   DLE A HA   10 
HETATM 1562 H HB2  . DLE A 1 5 ? -1.089 -3.060 4.688   1.00 0.00 ?  6   DLE A HB2  10 
HETATM 1563 H HB3  . DLE A 1 5 ? -2.011 -2.469 3.307   1.00 0.00 ?  6   DLE A HB3  10 
HETATM 1564 H HG   . DLE A 1 5 ? -1.039 -4.734 2.221   1.00 0.00 ?  6   DLE A HG   10 
HETATM 1565 H HD11 . DLE A 1 5 ? -1.352 -5.338 5.172   1.00 0.00 ?  6   DLE A HD11 10 
HETATM 1566 H HD12 . DLE A 1 5 ? 0.176  -5.320 4.293   1.00 0.00 ?  6   DLE A HD12 10 
HETATM 1567 H HD13 . DLE A 1 5 ? -1.055 -6.519 3.895   1.00 0.00 ?  6   DLE A HD13 10 
HETATM 1568 H HD21 . DLE A 1 5 ? -3.233 -5.766 3.394   1.00 0.00 ?  6   DLE A HD21 10 
HETATM 1569 H HD22 . DLE A 1 5 ? -3.331 -4.572 2.099   1.00 0.00 ?  6   DLE A HD22 10 
HETATM 1570 H HD23 . DLE A 1 5 ? -3.488 -4.064 3.779   1.00 0.00 ?  6   DLE A HD23 10 
HETATM 1571 N N    . DSN A 1 6 ? 0.478  -0.220 3.198   1.00 0.00 ?  7   DSN A N    10 
HETATM 1572 C CA   . DSN A 1 6 ? 1.007  0.940  3.906   1.00 0.00 ?  7   DSN A CA   10 
HETATM 1573 C C    . DSN A 1 6 ? 2.500  1.006  3.612   1.00 0.00 ?  7   DSN A C    10 
HETATM 1574 O O    . DSN A 1 6 ? 3.277  1.537  4.381   1.00 0.00 ?  7   DSN A O    10 
HETATM 1575 C CB   . DSN A 1 6 ? 0.331  2.253  3.444   1.00 0.00 ?  7   DSN A CB   10 
HETATM 1576 O OG   . DSN A 1 6 ? -0.089 2.987  4.585   1.00 0.00 ?  7   DSN A OG   10 
HETATM 1577 H H    . DSN A 1 6 ? 0.037  -0.120 2.330   1.00 0.00 ?  7   DSN A H    10 
HETATM 1578 H HA   . DSN A 1 6 ? 0.866  0.803  4.979   1.00 0.00 ?  7   DSN A HA   10 
HETATM 1579 H HB2  . DSN A 1 6 ? 1.043  2.846  2.884   1.00 0.00 ?  7   DSN A HB2  10 
HETATM 1580 H HB3  . DSN A 1 6 ? -0.529 2.048  2.818   1.00 0.00 ?  7   DSN A HB3  10 
HETATM 1581 H HG   . DSN A 1 6 ? 0.685  3.170  5.123   1.00 0.00 ?  7   DSN A HG   10 
ATOM   1582 N N    . LEU A 1 7 ? 2.902  0.445  2.505   1.00 0.00 ?  8   LEU A N    10 
ATOM   1583 C CA   . LEU A 1 7 ? 4.325  0.445  2.162   1.00 0.00 ?  8   LEU A CA   10 
ATOM   1584 C C    . LEU A 1 7 ? 4.566  1.353  0.942   1.00 0.00 ?  8   LEU A C    10 
ATOM   1585 O O    . LEU A 1 7 ? 5.355  2.277  0.993   1.00 0.00 ?  8   LEU A O    10 
ATOM   1586 C CB   . LEU A 1 7 ? 4.767  -1.007 1.852   1.00 0.00 ?  8   LEU A CB   10 
ATOM   1587 C CG   . LEU A 1 7 ? 6.293  -1.087 1.735   1.00 0.00 ?  8   LEU A CG   10 
ATOM   1588 C CD1  . LEU A 1 7 ? 6.942  -0.544 3.012   1.00 0.00 ?  8   LEU A CD1  10 
ATOM   1589 C CD2  . LEU A 1 7 ? 6.700  -2.547 1.540   1.00 0.00 ?  8   LEU A CD2  10 
ATOM   1590 H H    . LEU A 1 7 ? 2.233  0.006  1.907   1.00 0.00 ?  8   LEU A H    10 
ATOM   1591 H HA   . LEU A 1 7 ? 4.895  0.843  3.004   1.00 0.00 ?  8   LEU A HA   10 
ATOM   1592 H HB2  . LEU A 1 7 ? 4.428  -1.685 2.636   1.00 0.00 ?  8   LEU A HB2  10 
ATOM   1593 H HB3  . LEU A 1 7 ? 4.326  -1.319 0.921   1.00 0.00 ?  8   LEU A HB3  10 
ATOM   1594 H HG   . LEU A 1 7 ? 6.623  -0.507 0.884   1.00 0.00 ?  8   LEU A HG   10 
ATOM   1595 H HD11 . LEU A 1 7 ? 7.947  -0.933 3.098   1.00 0.00 ?  8   LEU A HD11 10 
ATOM   1596 H HD12 . LEU A 1 7 ? 6.362  -0.849 3.870   1.00 0.00 ?  8   LEU A HD12 10 
ATOM   1597 H HD13 . LEU A 1 7 ? 6.978  0.535  2.967   1.00 0.00 ?  8   LEU A HD13 10 
ATOM   1598 H HD21 . LEU A 1 7 ? 6.832  -2.746 0.487   1.00 0.00 ?  8   LEU A HD21 10 
ATOM   1599 H HD22 . LEU A 1 7 ? 5.927  -3.191 1.933   1.00 0.00 ?  8   LEU A HD22 10 
ATOM   1600 H HD23 . LEU A 1 7 ? 7.627  -2.736 2.062   1.00 0.00 ?  8   LEU A HD23 10 
ATOM   1601 N N    . ILE A 1 8 ? 3.852  1.133  -0.125  1.00 0.00 ?  9   ILE A N    10 
ATOM   1602 C CA   . ILE A 1 8 ? 3.966  1.975  -1.292  1.00 0.00 ?  9   ILE A CA   10 
ATOM   1603 C C    . ILE A 1 8 ? 2.615  2.636  -1.349  1.00 0.00 ?  9   ILE A C    10 
ATOM   1604 O O    . ILE A 1 8 ? 2.400  3.645  -0.707  1.00 0.00 ?  9   ILE A O    10 
ATOM   1605 C CB   . ILE A 1 8 ? 4.179  1.115  -2.546  1.00 0.00 ?  9   ILE A CB   10 
ATOM   1606 C CG1  . ILE A 1 8 ? 5.334  0.132  -2.316  1.00 0.00 ?  9   ILE A CG1  10 
ATOM   1607 C CG2  . ILE A 1 8 ? 4.503  2.009  -3.749  1.00 0.00 ?  9   ILE A CG2  10 
ATOM   1608 C CD1  . ILE A 1 8 ? 5.277  -0.976 -3.369  1.00 0.00 ?  9   ILE A CD1  10 
ATOM   1609 H H    . ILE A 1 8 ? 3.182  0.424  -0.126  1.00 0.00 ?  9   ILE A H    10 
ATOM   1610 H HA   . ILE A 1 8 ? 4.751  2.707  -1.167  1.00 0.00 ?  9   ILE A HA   10 
ATOM   1611 H HB   . ILE A 1 8 ? 3.270  0.560  -2.750  1.00 0.00 ?  9   ILE A HB   10 
ATOM   1612 H HG12 . ILE A 1 8 ? 6.275  0.653  -2.396  1.00 0.00 ?  9   ILE A HG12 10 
ATOM   1613 H HG13 . ILE A 1 8 ? 5.248  -0.306 -1.334  1.00 0.00 ?  9   ILE A HG13 10 
ATOM   1614 H HG21 . ILE A 1 8 ? 3.883  2.894  -3.720  1.00 0.00 ?  9   ILE A HG21 10 
ATOM   1615 H HG22 . ILE A 1 8 ? 4.309  1.466  -4.661  1.00 0.00 ?  9   ILE A HG22 10 
ATOM   1616 H HG23 . ILE A 1 8 ? 5.544  2.297  -3.717  1.00 0.00 ?  9   ILE A HG23 10 
ATOM   1617 H HD11 . ILE A 1 8 ? 6.278  -1.310 -3.595  1.00 0.00 ?  9   ILE A HD11 10 
ATOM   1618 H HD12 . ILE A 1 8 ? 4.813  -0.595 -4.267  1.00 0.00 ?  9   ILE A HD12 10 
ATOM   1619 H HD13 . ILE A 1 8 ? 4.698  -1.805 -2.989  1.00 0.00 ?  9   ILE A HD13 10 
HETATM 1620 C CA   . IG8 B 2 . ? -2.549 0.533  -4.815  1.00 0.00 ?  101 IG8 A CA   10 
HETATM 1621 C C    . IG8 B 2 . ? -2.523 -0.469 -3.659  1.00 0.00 ?  101 IG8 A C    10 
HETATM 1622 O O    . IG8 B 2 . ? -1.481 -0.758 -3.101  1.00 0.00 ?  101 IG8 A O    10 
HETATM 1623 C CB   . IG8 B 2 . ? -1.126 0.746  -5.339  1.00 0.00 ?  101 IG8 A CB   10 
HETATM 1624 C CG2  . IG8 B 2 . ? -0.830 -0.273 -6.442  1.00 0.00 ?  101 IG8 A CG2  10 
HETATM 1625 O OG1  . IG8 B 2 . ? -1.008 2.061  -5.862  1.00 0.00 ?  101 IG8 A OG1  10 
HETATM 1626 C CD   . IG8 B 2 . ? -0.882 -1.689 -5.862  1.00 0.00 ?  101 IG8 A CD   10 
HETATM 1627 C CE   . IG8 B 2 . ? -0.124 -2.648 -6.783  1.00 0.00 ?  101 IG8 A CE   10 
HETATM 1628 C CZ   . IG8 B 2 . ? -0.571 -4.084 -6.504  1.00 0.00 ?  101 IG8 A CZ   10 
HETATM 1629 C CH   . IG8 B 2 . ? 0.391  -4.734 -5.507  1.00 0.00 ?  101 IG8 A CH   10 
HETATM 1630 C CI   . IG8 B 2 . ? 0.900  -6.981 -6.476  1.00 0.00 ?  101 IG8 A CI   10 
HETATM 1631 C CT   . IG8 B 2 . ? 0.093  -6.232 -5.413  1.00 0.00 ?  101 IG8 A CT   10 
HETATM 1632 H HA1  . IG8 B 2 . ? -2.947 1.474  -4.466  1.00 0.00 ?  101 IG8 A HA1  10 
HETATM 1633 H HA2  . IG8 B 2 . ? -3.171 0.149  -5.609  1.00 0.00 ?  101 IG8 A HA2  10 
HETATM 1634 H HB   . IG8 B 2 . ? -0.422 0.613  -4.533  1.00 0.00 ?  101 IG8 A HB   10 
HETATM 1635 H HG21 . IG8 B 2 . ? 0.154  -0.088 -6.846  1.00 0.00 ?  101 IG8 A HG21 10 
HETATM 1636 H HG22 . IG8 B 2 . ? -1.565 -0.177 -7.227  1.00 0.00 ?  101 IG8 A HG22 10 
HETATM 1637 H HG1  . IG8 B 2 . ? -1.540 2.112  -6.659  1.00 0.00 ?  101 IG8 A HG1  10 
HETATM 1638 H HD1  . IG8 B 2 . ? -1.910 -2.008 -5.782  1.00 0.00 ?  101 IG8 A HD1  10 
HETATM 1639 H HD2  . IG8 B 2 . ? -0.426 -1.693 -4.882  1.00 0.00 ?  101 IG8 A HD2  10 
HETATM 1640 H HE1  . IG8 B 2 . ? 0.936  -2.560 -6.600  1.00 0.00 ?  101 IG8 A HE1  10 
HETATM 1641 H HE2  . IG8 B 2 . ? -0.335 -2.397 -7.813  1.00 0.00 ?  101 IG8 A HE2  10 
HETATM 1642 H HZ1  . IG8 B 2 . ? -0.567 -4.647 -7.426  1.00 0.00 ?  101 IG8 A HZ1  10 
HETATM 1643 H HZ2  . IG8 B 2 . ? -1.570 -4.077 -6.092  1.00 0.00 ?  101 IG8 A HZ2  10 
HETATM 1644 H HH1  . IG8 B 2 . ? 0.261  -4.282 -4.536  1.00 0.00 ?  101 IG8 A HH1  10 
HETATM 1645 H HH2  . IG8 B 2 . ? 1.408  -4.589 -5.841  1.00 0.00 ?  101 IG8 A HH2  10 
HETATM 1646 H HI2  . IG8 B 2 . ? 1.015  -6.355 -7.348  1.00 0.00 ?  101 IG8 A HI2  10 
HETATM 1647 H HI3  . IG8 B 2 . ? 0.380  -7.888 -6.749  1.00 0.00 ?  101 IG8 A HI3  10 
HETATM 1648 H HI1  . IG8 B 2 . ? 1.873  -7.230 -6.080  1.00 0.00 ?  101 IG8 A HI1  10 
HETATM 1649 H HT1  . IG8 B 2 . ? -0.960 -6.401 -5.577  1.00 0.00 ?  101 IG8 A HT1  10 
HETATM 1650 H HT2  . IG8 B 2 . ? 0.367  -6.592 -4.432  1.00 0.00 ?  101 IG8 A HT2  10 
HETATM 1651 N N    . DLE A 1 1 ? -3.463 -1.081 -3.276  1.00 0.00 ?  2   DLE A N    11 
HETATM 1652 C CA   . DLE A 1 1 ? -3.508 -2.013 -2.165  1.00 0.00 ?  2   DLE A CA   11 
HETATM 1653 C CB   . DLE A 1 1 ? -4.863 -2.737 -2.142  1.00 0.00 ?  2   DLE A CB   11 
HETATM 1654 C CG   . DLE A 1 1 ? -5.964 -1.810 -1.614  1.00 0.00 ?  2   DLE A CG   11 
HETATM 1655 C CD1  . DLE A 1 1 ? -7.309 -2.222 -2.218  1.00 0.00 ?  2   DLE A CD1  11 
HETATM 1656 C CD2  . DLE A 1 1 ? -6.033 -1.920 -0.087  1.00 0.00 ?  2   DLE A CD2  11 
HETATM 1657 C C    . DLE A 1 1 ? -3.278 -1.253 -0.853  1.00 0.00 ?  2   DLE A C    11 
HETATM 1658 O O    . DLE A 1 1 ? -2.622 -1.742 0.046   1.00 0.00 ?  2   DLE A O    11 
HETATM 1659 H H1   . DLE A 1 1 ? -4.284 -0.849 -3.756  1.00 0.00 ?  2   DLE A H1   11 
HETATM 1660 H HA   . DLE A 1 1 ? -2.722 -2.743 -2.289  1.00 0.00 ?  2   DLE A HA   11 
HETATM 1661 H HB2  . DLE A 1 1 ? -4.793 -3.605 -1.503  1.00 0.00 ?  2   DLE A HB2  11 
HETATM 1662 H HB3  . DLE A 1 1 ? -5.115 -3.052 -3.144  1.00 0.00 ?  2   DLE A HB3  11 
HETATM 1663 H HG   . DLE A 1 1 ? -5.743 -0.792 -1.894  1.00 0.00 ?  2   DLE A HG   11 
HETATM 1664 H HD11 . DLE A 1 1 ? -8.099 -2.014 -1.512  1.00 0.00 ?  2   DLE A HD11 11 
HETATM 1665 H HD12 . DLE A 1 1 ? -7.294 -3.279 -2.441  1.00 0.00 ?  2   DLE A HD12 11 
HETATM 1666 H HD13 . DLE A 1 1 ? -7.481 -1.664 -3.127  1.00 0.00 ?  2   DLE A HD13 11 
HETATM 1667 H HD21 . DLE A 1 1 ? -5.143 -2.411 0.279   1.00 0.00 ?  2   DLE A HD21 11 
HETATM 1668 H HD22 . DLE A 1 1 ? -6.903 -2.495 0.195   1.00 0.00 ?  2   DLE A HD22 11 
HETATM 1669 H HD23 . DLE A 1 1 ? -6.100 -0.932 0.342   1.00 0.00 ?  2   DLE A HD23 11 
HETATM 1670 N N    . DGL A 1 2 ? -3.801 -0.057 -0.738  1.00 0.00 ?  3   DGL A N    11 
HETATM 1671 C CA   . DGL A 1 2 ? -3.597 0.704  0.485   1.00 0.00 ?  3   DGL A CA   11 
HETATM 1672 C C    . DGL A 1 2 ? -2.199 1.258  0.481   1.00 0.00 ?  3   DGL A C    11 
HETATM 1673 O O    . DGL A 1 2 ? -1.557 1.290  1.510   1.00 0.00 ?  3   DGL A O    11 
HETATM 1674 C CB   . DGL A 1 2 ? -4.625 1.834  0.615   1.00 0.00 ?  3   DGL A CB   11 
HETATM 1675 C CG   . DGL A 1 2 ? -5.656 1.468  1.685   1.00 0.00 ?  3   DGL A CG   11 
HETATM 1676 C CD   . DGL A 1 2 ? -6.370 2.735  2.161   1.00 0.00 ?  3   DGL A CD   11 
HETATM 1677 O OE1  . DGL A 1 2 ? -5.778 3.468  2.937   1.00 0.00 ?  3   DGL A OE1  11 
HETATM 1678 O OE2  . DGL A 1 2 ? -7.495 2.951  1.741   1.00 0.00 -1 3   DGL A OE2  11 
HETATM 1679 H H    . DGL A 1 2 ? -4.319 0.325  -1.476  1.00 0.00 ?  3   DGL A H    11 
HETATM 1680 H HA   . DGL A 1 2 ? -3.661 0.041  1.335   1.00 0.00 ?  3   DGL A HA   11 
HETATM 1681 H HB2  . DGL A 1 2 ? -4.122 2.747  0.898   1.00 0.00 ?  3   DGL A HB2  11 
HETATM 1682 H HB3  . DGL A 1 2 ? -5.127 1.979  -0.330  1.00 0.00 ?  3   DGL A HB3  11 
HETATM 1683 H HG2  . DGL A 1 2 ? -6.379 0.782  1.269   1.00 0.00 ?  3   DGL A HG2  11 
HETATM 1684 H HG3  . DGL A 1 2 ? -5.158 1.002  2.521   1.00 0.00 ?  3   DGL A HG3  11 
HETATM 1685 N N    . 2TL A 1 3 ? -1.661 1.603  -0.653  1.00 0.00 ?  4   2TL A N    11 
HETATM 1686 C CA   . 2TL A 1 3 ? -0.300 2.011  -0.621  1.00 0.00 ?  4   2TL A CA   11 
HETATM 1687 C CB   . 2TL A 1 3 ? 0.207  2.490  -1.982  1.00 0.00 ?  4   2TL A CB   11 
HETATM 1688 O OG1  . 2TL A 1 3 ? 1.546  2.057  -2.008  1.00 0.00 ?  4   2TL A OG1  11 
HETATM 1689 C CG2  . 2TL A 1 3 ? 0.119  4.018  -2.081  1.00 0.00 ?  4   2TL A CG2  11 
HETATM 1690 C C    . 2TL A 1 3 ? 0.429  0.721  -0.258  1.00 0.00 ?  4   2TL A C    11 
HETATM 1691 O O    . 2TL A 1 3 ? 1.377  0.697  0.496   1.00 0.00 ?  4   2TL A O    11 
HETATM 1692 H H    . 2TL A 1 3 ? -2.130 1.496  -1.500  1.00 0.00 ?  4   2TL A H    11 
HETATM 1693 H HA   . 2TL A 1 3 ? -0.145 2.766  0.139   1.00 0.00 ?  4   2TL A HA   11 
HETATM 1694 H HB   . 2TL A 1 3 ? -0.355 2.017  -2.779  1.00 0.00 ?  4   2TL A HB   11 
HETATM 1695 H HG21 . 2TL A 1 3 ? 0.235  4.443  -1.095  1.00 0.00 ?  4   2TL A HG21 11 
HETATM 1696 H HG22 . 2TL A 1 3 ? -0.840 4.305  -2.486  1.00 0.00 ?  4   2TL A HG22 11 
HETATM 1697 H HG23 . 2TL A 1 3 ? 0.908  4.382  -2.722  1.00 0.00 ?  4   2TL A HG23 11 
ATOM   1698 N N    . LEU A 1 4 ? -0.046 -0.360 -0.836  1.00 0.00 ?  5   LEU A N    11 
ATOM   1699 C CA   . LEU A 1 4 ? 0.521  -1.659 -0.622  1.00 0.00 ?  5   LEU A CA   11 
ATOM   1700 C C    . LEU A 1 4 ? 0.775  -1.925 0.872   1.00 0.00 ?  5   LEU A C    11 
ATOM   1701 O O    . LEU A 1 4 ? 1.883  -1.831 1.360   1.00 0.00 ?  5   LEU A O    11 
ATOM   1702 C CB   . LEU A 1 4 ? 1.785  -1.688 -1.440  1.00 0.00 ?  5   LEU A CB   11 
ATOM   1703 C CG   . LEU A 1 4 ? 2.610  -2.944 -1.165  1.00 0.00 ?  5   LEU A CG   11 
ATOM   1704 C CD1  . LEU A 1 4 ? 1.730  -4.197 -1.244  1.00 0.00 ?  5   LEU A CD1  11 
ATOM   1705 C CD2  . LEU A 1 4 ? 3.690  -3.021 -2.234  1.00 0.00 ?  5   LEU A CD2  11 
ATOM   1706 H H    . LEU A 1 4 ? -0.788 -0.277 -1.456  1.00 0.00 ?  5   LEU A H    11 
ATOM   1707 H HA   . LEU A 1 4 ? -0.158 -2.411 -1.000  1.00 0.00 ?  5   LEU A HA   11 
ATOM   1708 H HB2  . LEU A 1 4 ? 1.514  -1.661 -2.487  1.00 0.00 ?  5   LEU A HB2  11 
ATOM   1709 H HB3  . LEU A 1 4 ? 2.360  -0.809 -1.208  1.00 0.00 ?  5   LEU A HB3  11 
ATOM   1710 H HG   . LEU A 1 4 ? 3.063  -2.877 -0.189  1.00 0.00 ?  5   LEU A HG   11 
ATOM   1711 H HD11 . LEU A 1 4 ? 1.076  -4.126 -2.101  1.00 0.00 ?  5   LEU A HD11 11 
ATOM   1712 H HD12 . LEU A 1 4 ? 1.139  -4.281 -0.345  1.00 0.00 ?  5   LEU A HD12 11 
ATOM   1713 H HD13 . LEU A 1 4 ? 2.358  -5.070 -1.343  1.00 0.00 ?  5   LEU A HD13 11 
ATOM   1714 H HD21 . LEU A 1 4 ? 4.605  -2.598 -1.851  1.00 0.00 ?  5   LEU A HD21 11 
ATOM   1715 H HD22 . LEU A 1 4 ? 3.364  -2.455 -3.098  1.00 0.00 ?  5   LEU A HD22 11 
ATOM   1716 H HD23 . LEU A 1 4 ? 3.851  -4.050 -2.514  1.00 0.00 ?  5   LEU A HD23 11 
HETATM 1717 N N    . DLE A 1 5 ? -0.269 -2.283 1.584   1.00 0.00 ?  6   DLE A N    11 
HETATM 1718 C CA   . DLE A 1 5 ? -0.149 -2.588 3.004   1.00 0.00 ?  6   DLE A CA   11 
HETATM 1719 C CB   . DLE A 1 5 ? -1.540 -2.842 3.596   1.00 0.00 ?  6   DLE A CB   11 
HETATM 1720 C CG   . DLE A 1 5 ? -1.932 -4.302 3.371   1.00 0.00 ?  6   DLE A CG   11 
HETATM 1721 C CD1  . DLE A 1 5 ? -1.410 -5.150 4.529   1.00 0.00 ?  6   DLE A CD1  11 
HETATM 1722 C CD2  . DLE A 1 5 ? -3.455 -4.409 3.300   1.00 0.00 ?  6   DLE A CD2  11 
HETATM 1723 C C    . DLE A 1 5 ? 0.525  -1.437 3.761   1.00 0.00 ?  6   DLE A C    11 
HETATM 1724 O O    . DLE A 1 5 ? 1.086  -1.640 4.820   1.00 0.00 ?  6   DLE A O    11 
HETATM 1725 H H    . DLE A 1 5 ? -1.138 -2.365 1.147   1.00 0.00 ?  6   DLE A H    11 
HETATM 1726 H HA   . DLE A 1 5 ? 0.446  -3.481 3.121   1.00 0.00 ?  6   DLE A HA   11 
HETATM 1727 H HB2  . DLE A 1 5 ? -1.522 -2.635 4.656   1.00 0.00 ?  6   DLE A HB2  11 
HETATM 1728 H HB3  . DLE A 1 5 ? -2.268 -2.202 3.119   1.00 0.00 ?  6   DLE A HB3  11 
HETATM 1729 H HG   . DLE A 1 5 ? -1.500 -4.656 2.447   1.00 0.00 ?  6   DLE A HG   11 
HETATM 1730 H HD11 . DLE A 1 5 ? -1.928 -4.877 5.436   1.00 0.00 ?  6   DLE A HD11 11 
HETATM 1731 H HD12 . DLE A 1 5 ? -0.351 -4.975 4.649   1.00 0.00 ?  6   DLE A HD12 11 
HETATM 1732 H HD13 . DLE A 1 5 ? -1.582 -6.194 4.315   1.00 0.00 ?  6   DLE A HD13 11 
HETATM 1733 H HD21 . DLE A 1 5 ? -3.863 -3.474 2.946   1.00 0.00 ?  6   DLE A HD21 11 
HETATM 1734 H HD22 . DLE A 1 5 ? -3.847 -4.623 4.283   1.00 0.00 ?  6   DLE A HD22 11 
HETATM 1735 H HD23 . DLE A 1 5 ? -3.729 -5.202 2.622   1.00 0.00 ?  6   DLE A HD23 11 
HETATM 1736 N N    . DSN A 1 6 ? 0.504  -0.245 3.227   1.00 0.00 ?  7   DSN A N    11 
HETATM 1737 C CA   . DSN A 1 6 ? 1.168  0.853  3.918   1.00 0.00 ?  7   DSN A CA   11 
HETATM 1738 C C    . DSN A 1 6 ? 2.641  0.797  3.535   1.00 0.00 ?  7   DSN A C    11 
HETATM 1739 O O    . DSN A 1 6 ? 3.512  1.167  4.299   1.00 0.00 ?  7   DSN A O    11 
HETATM 1740 C CB   . DSN A 1 6 ? 0.576  2.223  3.508   1.00 0.00 ?  7   DSN A CB   11 
HETATM 1741 O OG   . DSN A 1 6 ? 0.178  2.927  4.676   1.00 0.00 ?  7   DSN A OG   11 
HETATM 1742 H H    . DSN A 1 6 ? 0.076  -0.101 2.359   1.00 0.00 ?  7   DSN A H    11 
HETATM 1743 H HA   . DSN A 1 6 ? 1.074  0.711  4.995   1.00 0.00 ?  7   DSN A HA   11 
HETATM 1744 H HB2  . DSN A 1 6 ? 1.329  2.799  2.985   1.00 0.00 ?  7   DSN A HB2  11 
HETATM 1745 H HB3  . DSN A 1 6 ? -0.283 2.093  2.861   1.00 0.00 ?  7   DSN A HB3  11 
HETATM 1746 H HG   . DSN A 1 6 ? -0.443 2.375  5.157   1.00 0.00 ?  7   DSN A HG   11 
ATOM   1747 N N    . LEU A 1 7 ? 2.918  0.313  2.355   1.00 0.00 ?  8   LEU A N    11 
ATOM   1748 C CA   . LEU A 1 7 ? 4.312  0.205  1.919   1.00 0.00 ?  8   LEU A CA   11 
ATOM   1749 C C    . LEU A 1 7 ? 4.574  1.209  0.785   1.00 0.00 ?  8   LEU A C    11 
ATOM   1750 O O    . LEU A 1 7 ? 5.480  2.016  0.850   1.00 0.00 ?  8   LEU A O    11 
ATOM   1751 C CB   . LEU A 1 7 ? 4.576  -1.242 1.428   1.00 0.00 ?  8   LEU A CB   11 
ATOM   1752 C CG   . LEU A 1 7 ? 6.083  -1.509 1.323   1.00 0.00 ?  8   LEU A CG   11 
ATOM   1753 C CD1  . LEU A 1 7 ? 6.767  -1.193 2.656   1.00 0.00 ?  8   LEU A CD1  11 
ATOM   1754 C CD2  . LEU A 1 7 ? 6.303  -2.983 0.979   1.00 0.00 ?  8   LEU A CD2  11 
ATOM   1755 H H    . LEU A 1 7 ? 2.171  0.009  1.764   1.00 0.00 ?  8   LEU A H    11 
ATOM   1756 H HA   . LEU A 1 7 ? 4.968  0.447  2.757   1.00 0.00 ?  8   LEU A HA   11 
ATOM   1757 H HB2  . LEU A 1 7 ? 4.129  -1.961 2.113   1.00 0.00 ?  8   LEU A HB2  11 
ATOM   1758 H HB3  . LEU A 1 7 ? 4.128  -1.375 0.453   1.00 0.00 ?  8   LEU A HB3  11 
ATOM   1759 H HG   . LEU A 1 7 ? 6.509  -0.893 0.541   1.00 0.00 ?  8   LEU A HG   11 
ATOM   1760 H HD11 . LEU A 1 7 ? 6.894  -0.125 2.751   1.00 0.00 ?  8   LEU A HD11 11 
ATOM   1761 H HD12 . LEU A 1 7 ? 7.733  -1.674 2.688   1.00 0.00 ?  8   LEU A HD12 11 
ATOM   1762 H HD13 . LEU A 1 7 ? 6.156  -1.557 3.469   1.00 0.00 ?  8   LEU A HD13 11 
ATOM   1763 H HD21 . LEU A 1 7 ? 7.158  -3.077 0.326   1.00 0.00 ?  8   LEU A HD21 11 
ATOM   1764 H HD22 . LEU A 1 7 ? 5.425  -3.369 0.482   1.00 0.00 ?  8   LEU A HD22 11 
ATOM   1765 H HD23 . LEU A 1 7 ? 6.479  -3.541 1.886   1.00 0.00 ?  8   LEU A HD23 11 
ATOM   1766 N N    . ILE A 1 8 ? 3.755  1.184  -0.224  1.00 0.00 ?  9   ILE A N    11 
ATOM   1767 C CA   . ILE A 1 8 ? 3.872  2.114  -1.323  1.00 0.00 ?  9   ILE A CA   11 
ATOM   1768 C C    . ILE A 1 8 ? 2.518  2.771  -1.348  1.00 0.00 ?  9   ILE A C    11 
ATOM   1769 O O    . ILE A 1 8 ? 2.313  3.788  -0.714  1.00 0.00 ?  9   ILE A O    11 
ATOM   1770 C CB   . ILE A 1 8 ? 4.105  1.351  -2.636  1.00 0.00 ?  9   ILE A CB   11 
ATOM   1771 C CG1  . ILE A 1 8 ? 5.204  0.300  -2.441  1.00 0.00 ?  9   ILE A CG1  11 
ATOM   1772 C CG2  . ILE A 1 8 ? 4.518  2.321  -3.748  1.00 0.00 ?  9   ILE A CG2  11 
ATOM   1773 C CD1  . ILE A 1 8 ? 5.198  -0.670 -3.624  1.00 0.00 ?  9   ILE A CD1  11 
ATOM   1774 H H    . ILE A 1 8 ? 3.011  0.555  -0.223  1.00 0.00 ?  9   ILE A H    11 
ATOM   1775 H HA   . ILE A 1 8 ? 4.652  2.839  -1.134  1.00 0.00 ?  9   ILE A HA   11 
ATOM   1776 H HB   . ILE A 1 8 ? 3.183  0.854  -2.919  1.00 0.00 ?  9   ILE A HB   11 
ATOM   1777 H HG12 . ILE A 1 8 ? 6.166  0.786  -2.381  1.00 0.00 ?  9   ILE A HG12 11 
ATOM   1778 H HG13 . ILE A 1 8 ? 5.022  -0.250 -1.529  1.00 0.00 ?  9   ILE A HG13 11 
ATOM   1779 H HG21 . ILE A 1 8 ? 4.359  1.853  -4.709  1.00 0.00 ?  9   ILE A HG21 11 
ATOM   1780 H HG22 . ILE A 1 8 ? 5.563  2.572  -3.643  1.00 0.00 ?  9   ILE A HG22 11 
ATOM   1781 H HG23 . ILE A 1 8 ? 3.921  3.220  -3.685  1.00 0.00 ?  9   ILE A HG23 11 
ATOM   1782 H HD11 . ILE A 1 8 ? 5.816  -0.275 -4.417  1.00 0.00 ?  9   ILE A HD11 11 
ATOM   1783 H HD12 . ILE A 1 8 ? 4.187  -0.792 -3.984  1.00 0.00 ?  9   ILE A HD12 11 
ATOM   1784 H HD13 . ILE A 1 8 ? 5.586  -1.627 -3.308  1.00 0.00 ?  9   ILE A HD13 11 
HETATM 1785 C CA   . IG8 B 2 . ? -2.329 0.418  -4.816  1.00 0.00 ?  101 IG8 A CA   11 
HETATM 1786 C C    . IG8 B 2 . ? -2.320 -0.555 -3.636  1.00 0.00 ?  101 IG8 A C    11 
HETATM 1787 O O    . IG8 B 2 . ? -1.288 -0.831 -3.057  1.00 0.00 ?  101 IG8 A O    11 
HETATM 1788 C CB   . IG8 B 2 . ? -0.897 0.624  -5.320  1.00 0.00 ?  101 IG8 A CB   11 
HETATM 1789 C CG2  . IG8 B 2 . ? -0.575 -0.420 -6.393  1.00 0.00 ?  101 IG8 A CG2  11 
HETATM 1790 O OG1  . IG8 B 2 . ? -0.775 1.927  -5.872  1.00 0.00 ?  101 IG8 A OG1  11 
HETATM 1791 C CD   . IG8 B 2 . ? -0.663 -1.823 -5.787  1.00 0.00 ?  101 IG8 A CD   11 
HETATM 1792 C CE   . IG8 B 2 . ? 0.052  -2.823 -6.701  1.00 0.00 ?  101 IG8 A CE   11 
HETATM 1793 C CZ   . IG8 B 2 . ? 1.422  -3.166 -6.112  1.00 0.00 ?  101 IG8 A CZ   11 
HETATM 1794 C CH   . IG8 B 2 . ? 2.304  -3.786 -7.198  1.00 0.00 ?  101 IG8 A CH   11 
HETATM 1795 C CI   . IG8 B 2 . ? 3.046  -5.935 -8.234  1.00 0.00 ?  101 IG8 A CI   11 
HETATM 1796 C CT   . IG8 B 2 . ? 2.066  -5.297 -7.248  1.00 0.00 ?  101 IG8 A CT   11 
HETATM 1797 H HA1  . IG8 B 2 . ? -2.737 1.366  -4.501  1.00 0.00 ?  101 IG8 A HA1  11 
HETATM 1798 H HA2  . IG8 B 2 . ? -2.934 0.011  -5.612  1.00 0.00 ?  101 IG8 A HA2  11 
HETATM 1799 H HB   . IG8 B 2 . ? -0.208 0.514  -4.499  1.00 0.00 ?  101 IG8 A HB   11 
HETATM 1800 H HG21 . IG8 B 2 . ? 0.425  -0.254 -6.767  1.00 0.00 ?  101 IG8 A HG21 11 
HETATM 1801 H HG22 . IG8 B 2 . ? -1.282 -0.332 -7.204  1.00 0.00 ?  101 IG8 A HG22 11 
HETATM 1802 H HG1  . IG8 B 2 . ? 0.086  1.991  -6.294  1.00 0.00 ?  101 IG8 A HG1  11 
HETATM 1803 H HD1  . IG8 B 2 . ? -1.700 -2.108 -5.689  1.00 0.00 ?  101 IG8 A HD1  11 
HETATM 1804 H HD2  . IG8 B 2 . ? -0.196 -1.825 -4.813  1.00 0.00 ?  101 IG8 A HD2  11 
HETATM 1805 H HE1  . IG8 B 2 . ? 0.182  -2.389 -7.681  1.00 0.00 ?  101 IG8 A HE1  11 
HETATM 1806 H HE2  . IG8 B 2 . ? -0.541 -3.724 -6.782  1.00 0.00 ?  101 IG8 A HE2  11 
HETATM 1807 H HZ1  . IG8 B 2 . ? 1.301  -3.871 -5.304  1.00 0.00 ?  101 IG8 A HZ1  11 
HETATM 1808 H HZ2  . IG8 B 2 . ? 1.889  -2.266 -5.739  1.00 0.00 ?  101 IG8 A HZ2  11 
HETATM 1809 H HH1  . IG8 B 2 . ? 3.343  -3.595 -6.971  1.00 0.00 ?  101 IG8 A HH1  11 
HETATM 1810 H HH2  . IG8 B 2 . ? 2.058  -3.349 -8.154  1.00 0.00 ?  101 IG8 A HH2  11 
HETATM 1811 H HI2  . IG8 B 2 . ? 3.334  -5.208 -8.979  1.00 0.00 ?  101 IG8 A HI2  11 
HETATM 1812 H HI3  . IG8 B 2 . ? 2.573  -6.777 -8.718  1.00 0.00 ?  101 IG8 A HI3  11 
HETATM 1813 H HI1  . IG8 B 2 . ? 3.923  -6.273 -7.702  1.00 0.00 ?  101 IG8 A HI1  11 
HETATM 1814 H HT1  . IG8 B 2 . ? 1.054  -5.491 -7.572  1.00 0.00 ?  101 IG8 A HT1  11 
HETATM 1815 H HT2  . IG8 B 2 . ? 2.217  -5.718 -6.265  1.00 0.00 ?  101 IG8 A HT2  11 
# 
